data_7JKU
# 
_entry.id   7JKU 
# 
_audit_conform.dict_name       mmcif_pdbx.dic 
_audit_conform.dict_version    5.389 
_audit_conform.dict_location   http://mmcif.pdb.org/dictionaries/ascii/mmcif_pdbx.dic 
# 
loop_
_database_2.database_id 
_database_2.database_code 
_database_2.pdbx_database_accession 
_database_2.pdbx_DOI 
PDB   7JKU         pdb_00007jku 10.2210/pdb7jku/pdb 
WWPDB D_1000250949 ?            ?                   
# 
loop_
_pdbx_audit_revision_history.ordinal 
_pdbx_audit_revision_history.data_content_type 
_pdbx_audit_revision_history.major_revision 
_pdbx_audit_revision_history.minor_revision 
_pdbx_audit_revision_history.revision_date 
1 'Structure model' 1 0 2021-07-07 
2 'Structure model' 1 1 2022-12-28 
3 'Structure model' 1 2 2024-04-03 
# 
_pdbx_audit_revision_details.ordinal             1 
_pdbx_audit_revision_details.revision_ordinal    1 
_pdbx_audit_revision_details.data_content_type   'Structure model' 
_pdbx_audit_revision_details.provider            repository 
_pdbx_audit_revision_details.type                'Initial release' 
_pdbx_audit_revision_details.description         ? 
_pdbx_audit_revision_details.details             ? 
# 
loop_
_pdbx_audit_revision_group.ordinal 
_pdbx_audit_revision_group.revision_ordinal 
_pdbx_audit_revision_group.data_content_type 
_pdbx_audit_revision_group.group 
1 2 'Structure model' 'Database references'    
2 3 'Structure model' 'Data collection'        
3 3 'Structure model' 'Refinement description' 
# 
loop_
_pdbx_audit_revision_category.ordinal 
_pdbx_audit_revision_category.revision_ordinal 
_pdbx_audit_revision_category.data_content_type 
_pdbx_audit_revision_category.category 
1 2 'Structure model' citation                      
2 2 'Structure model' citation_author               
3 2 'Structure model' database_2                    
4 3 'Structure model' chem_comp_atom                
5 3 'Structure model' chem_comp_bond                
6 3 'Structure model' pdbx_initial_refinement_model 
# 
loop_
_pdbx_audit_revision_item.ordinal 
_pdbx_audit_revision_item.revision_ordinal 
_pdbx_audit_revision_item.data_content_type 
_pdbx_audit_revision_item.item 
1  2 'Structure model' '_citation.country'                   
2  2 'Structure model' '_citation.journal_abbrev'            
3  2 'Structure model' '_citation.journal_id_ASTM'           
4  2 'Structure model' '_citation.journal_id_CSD'            
5  2 'Structure model' '_citation.journal_id_ISSN'           
6  2 'Structure model' '_citation.journal_volume'            
7  2 'Structure model' '_citation.page_first'                
8  2 'Structure model' '_citation.page_last'                 
9  2 'Structure model' '_citation.pdbx_database_id_DOI'      
10 2 'Structure model' '_citation.pdbx_database_id_PubMed'   
11 2 'Structure model' '_citation.title'                     
12 2 'Structure model' '_citation.year'                      
13 2 'Structure model' '_database_2.pdbx_DOI'                
14 2 'Structure model' '_database_2.pdbx_database_accession' 
# 
_pdbx_database_status.status_code                     REL 
_pdbx_database_status.status_code_sf                  REL 
_pdbx_database_status.status_code_mr                  ? 
_pdbx_database_status.entry_id                        7JKU 
_pdbx_database_status.recvd_initial_deposition_date   2020-07-28 
_pdbx_database_status.SG_entry                        N 
_pdbx_database_status.deposit_site                    RCSB 
_pdbx_database_status.process_site                    RCSB 
_pdbx_database_status.status_code_cs                  ? 
_pdbx_database_status.status_code_nmr_data            ? 
_pdbx_database_status.methods_development_category    ? 
_pdbx_database_status.pdb_format_compatible           Y 
# 
loop_
_audit_author.name 
_audit_author.pdbx_ordinal 
_audit_author.identifier_ORCID 
'Yatsunyk, L.A.'  1 0000-0003-3946-0939 
'McCarthy, S.E.'  2 0000-0002-1063-1784 
'Beseiso, D.'     3 0000-0003-3743-9175 
'Gallagher, E.P.' 4 0000-0002-8177-9073 
'Chen, E.V.'      5 0000-0002-1546-7899 
'Miao, J.'        6 0000-0001-6488-7470 
# 
_citation.abstract                  ? 
_citation.abstract_id_CAS           ? 
_citation.book_id_ISBN              ? 
_citation.book_publisher            ? 
_citation.book_publisher_city       ? 
_citation.book_title                ? 
_citation.coordinate_linkage        ? 
_citation.country                   UK 
_citation.database_id_Medline       ? 
_citation.details                   ? 
_citation.id                        primary 
_citation.journal_abbrev            'Nucleic Acids Res.' 
_citation.journal_id_ASTM           NARHAD 
_citation.journal_id_CSD            0389 
_citation.journal_id_ISSN           1362-4962 
_citation.journal_full              ? 
_citation.journal_issue             ? 
_citation.journal_volume            50 
_citation.language                  ? 
_citation.page_first                2959 
_citation.page_last                 2972 
_citation.title                     
'The first crystal structures of hybrid and parallel four-tetrad intramolecular G-quadruplexes.' 
_citation.year                      2022 
_citation.database_id_CSD           ? 
_citation.pdbx_database_id_DOI      10.1093/nar/gkac091 
_citation.pdbx_database_id_PubMed   35212369 
_citation.pdbx_database_id_patent   ? 
_citation.unpublished_flag          ? 
# 
loop_
_citation_author.citation_id 
_citation_author.name 
_citation_author.ordinal 
_citation_author.identifier_ORCID 
primary 'Beseiso, D.'     1 ?                   
primary 'Chen, E.V.'      2 ?                   
primary 'McCarthy, S.E.'  3 ?                   
primary 'Martin, K.N.'    4 ?                   
primary 'Gallagher, E.P.' 5 ?                   
primary 'Miao, J.'        6 ?                   
primary 'Yatsunyk, L.A.'  7 0000-0003-3946-0939 
# 
loop_
_entity.id 
_entity.type 
_entity.src_method 
_entity.pdbx_description 
_entity.formula_weight 
_entity.pdbx_number_of_molecules 
_entity.pdbx_ec 
_entity.pdbx_mutation 
_entity.pdbx_fragment 
_entity.details 
1 polymer     syn '26-mer DNA'    8289.277 1 ? ? ? ? 
2 non-polymer syn 'POTASSIUM ION' 39.098   4 ? ? ? ? 
3 water       nat water           18.015   9 ? ? ? ? 
# 
_entity_poly.entity_id                      1 
_entity_poly.type                           polydeoxyribonucleotide 
_entity_poly.nstd_linkage                   no 
_entity_poly.nstd_monomer                   no 
_entity_poly.pdbx_seq_one_letter_code       
;(DG)(DT)(DT)(DG)(DG)(DG)(DG)(DT)(DT)(DG)(DG)(DG)(DG)(DT)(DT)(DG)(DG)(DG)(DG)(DT)
(DT)(DG)(DG)(DG)(DG)(DT)
;
_entity_poly.pdbx_seq_one_letter_code_can   GTTGGGGTTGGGGTTGGGGTTGGGGT 
_entity_poly.pdbx_strand_id                 A 
_entity_poly.pdbx_target_identifier         ? 
# 
loop_
_pdbx_entity_nonpoly.entity_id 
_pdbx_entity_nonpoly.name 
_pdbx_entity_nonpoly.comp_id 
2 'POTASSIUM ION' K   
3 water           HOH 
# 
loop_
_entity_poly_seq.entity_id 
_entity_poly_seq.num 
_entity_poly_seq.mon_id 
_entity_poly_seq.hetero 
1 1  DG n 
1 2  DT n 
1 3  DT n 
1 4  DG n 
1 5  DG n 
1 6  DG n 
1 7  DG n 
1 8  DT n 
1 9  DT n 
1 10 DG n 
1 11 DG n 
1 12 DG n 
1 13 DG n 
1 14 DT n 
1 15 DT n 
1 16 DG n 
1 17 DG n 
1 18 DG n 
1 19 DG n 
1 20 DT n 
1 21 DT n 
1 22 DG n 
1 23 DG n 
1 24 DG n 
1 25 DG n 
1 26 DT n 
# 
_pdbx_entity_src_syn.entity_id              1 
_pdbx_entity_src_syn.pdbx_src_id            1 
_pdbx_entity_src_syn.pdbx_alt_source_flag   sample 
_pdbx_entity_src_syn.pdbx_beg_seq_num       1 
_pdbx_entity_src_syn.pdbx_end_seq_num       26 
_pdbx_entity_src_syn.organism_scientific    'Tetrahymena thermophila' 
_pdbx_entity_src_syn.organism_common_name   ? 
_pdbx_entity_src_syn.ncbi_taxonomy_id       5911 
_pdbx_entity_src_syn.details                ? 
# 
loop_
_chem_comp.id 
_chem_comp.type 
_chem_comp.mon_nstd_flag 
_chem_comp.name 
_chem_comp.pdbx_synonyms 
_chem_comp.formula 
_chem_comp.formula_weight 
DG  'DNA linking' y "2'-DEOXYGUANOSINE-5'-MONOPHOSPHATE" ? 'C10 H14 N5 O7 P' 347.221 
DT  'DNA linking' y "THYMIDINE-5'-MONOPHOSPHATE"         ? 'C10 H15 N2 O8 P' 322.208 
HOH non-polymer   . WATER                                ? 'H2 O'            18.015  
K   non-polymer   . 'POTASSIUM ION'                      ? 'K 1'             39.098  
# 
loop_
_pdbx_poly_seq_scheme.asym_id 
_pdbx_poly_seq_scheme.entity_id 
_pdbx_poly_seq_scheme.seq_id 
_pdbx_poly_seq_scheme.mon_id 
_pdbx_poly_seq_scheme.ndb_seq_num 
_pdbx_poly_seq_scheme.pdb_seq_num 
_pdbx_poly_seq_scheme.auth_seq_num 
_pdbx_poly_seq_scheme.pdb_mon_id 
_pdbx_poly_seq_scheme.auth_mon_id 
_pdbx_poly_seq_scheme.pdb_strand_id 
_pdbx_poly_seq_scheme.pdb_ins_code 
_pdbx_poly_seq_scheme.hetero 
A 1 1  DG 1  1  1  DG DG A . n 
A 1 2  DT 2  2  2  DT DT A . n 
A 1 3  DT 3  3  3  DT DT A . n 
A 1 4  DG 4  4  4  DG DG A . n 
A 1 5  DG 5  5  5  DG DG A . n 
A 1 6  DG 6  6  6  DG DG A . n 
A 1 7  DG 7  7  7  DG DG A . n 
A 1 8  DT 8  8  8  DT DT A . n 
A 1 9  DT 9  9  9  DT DT A . n 
A 1 10 DG 10 10 10 DG DG A . n 
A 1 11 DG 11 11 11 DG DG A . n 
A 1 12 DG 12 12 12 DG DG A . n 
A 1 13 DG 13 13 13 DG DG A . n 
A 1 14 DT 14 14 14 DT DT A . n 
A 1 15 DT 15 15 15 DT DT A . n 
A 1 16 DG 16 16 16 DG DG A . n 
A 1 17 DG 17 17 17 DG DG A . n 
A 1 18 DG 18 18 18 DG DG A . n 
A 1 19 DG 19 19 19 DG DG A . n 
A 1 20 DT 20 20 20 DT DT A . n 
A 1 21 DT 21 21 21 DT DT A . n 
A 1 22 DG 22 22 22 DG DG A . n 
A 1 23 DG 23 23 23 DG DG A . n 
A 1 24 DG 24 24 24 DG DG A . n 
A 1 25 DG 25 25 25 DG DG A . n 
A 1 26 DT 26 26 26 DT DT A . n 
# 
loop_
_pdbx_nonpoly_scheme.asym_id 
_pdbx_nonpoly_scheme.entity_id 
_pdbx_nonpoly_scheme.mon_id 
_pdbx_nonpoly_scheme.ndb_seq_num 
_pdbx_nonpoly_scheme.pdb_seq_num 
_pdbx_nonpoly_scheme.auth_seq_num 
_pdbx_nonpoly_scheme.pdb_mon_id 
_pdbx_nonpoly_scheme.auth_mon_id 
_pdbx_nonpoly_scheme.pdb_strand_id 
_pdbx_nonpoly_scheme.pdb_ins_code 
B 2 K   1 101 1  K   K   A . 
C 2 K   1 102 2  K   K   A . 
D 2 K   1 103 3  K   K   A . 
E 2 K   1 104 4  K   K   A . 
F 3 HOH 1 201 41 HOH HOH A . 
F 3 HOH 2 202 44 HOH HOH A . 
F 3 HOH 3 203 31 HOH HOH A . 
F 3 HOH 4 204 61 HOH HOH A . 
F 3 HOH 5 205 34 HOH HOH A . 
F 3 HOH 6 206 27 HOH HOH A . 
F 3 HOH 7 207 66 HOH HOH A . 
F 3 HOH 8 208 36 HOH HOH A . 
F 3 HOH 9 209 40 HOH HOH A . 
# 
loop_
_pdbx_unobs_or_zero_occ_atoms.id 
_pdbx_unobs_or_zero_occ_atoms.PDB_model_num 
_pdbx_unobs_or_zero_occ_atoms.polymer_flag 
_pdbx_unobs_or_zero_occ_atoms.occupancy_flag 
_pdbx_unobs_or_zero_occ_atoms.auth_asym_id 
_pdbx_unobs_or_zero_occ_atoms.auth_comp_id 
_pdbx_unobs_or_zero_occ_atoms.auth_seq_id 
_pdbx_unobs_or_zero_occ_atoms.PDB_ins_code 
_pdbx_unobs_or_zero_occ_atoms.auth_atom_id 
_pdbx_unobs_or_zero_occ_atoms.label_alt_id 
_pdbx_unobs_or_zero_occ_atoms.label_asym_id 
_pdbx_unobs_or_zero_occ_atoms.label_comp_id 
_pdbx_unobs_or_zero_occ_atoms.label_seq_id 
_pdbx_unobs_or_zero_occ_atoms.label_atom_id 
1  1 Y 1 A DT 8  ? N1 ? A DT 8  N1 
2  1 Y 1 A DT 8  ? C2 ? A DT 8  C2 
3  1 Y 1 A DT 8  ? O2 ? A DT 8  O2 
4  1 Y 1 A DT 8  ? N3 ? A DT 8  N3 
5  1 Y 1 A DT 8  ? C4 ? A DT 8  C4 
6  1 Y 1 A DT 8  ? O4 ? A DT 8  O4 
7  1 Y 1 A DT 8  ? C5 ? A DT 8  C5 
8  1 Y 1 A DT 8  ? C7 ? A DT 8  C7 
9  1 Y 1 A DT 8  ? C6 ? A DT 8  C6 
10 1 Y 1 A DT 15 ? N1 ? A DT 15 N1 
11 1 Y 1 A DT 15 ? C2 ? A DT 15 C2 
12 1 Y 1 A DT 15 ? O2 ? A DT 15 O2 
13 1 Y 1 A DT 15 ? N3 ? A DT 15 N3 
14 1 Y 1 A DT 15 ? C4 ? A DT 15 C4 
15 1 Y 1 A DT 15 ? O4 ? A DT 15 O4 
16 1 Y 1 A DT 15 ? C5 ? A DT 15 C5 
17 1 Y 1 A DT 15 ? C7 ? A DT 15 C7 
18 1 Y 1 A DT 15 ? C6 ? A DT 15 C6 
19 1 Y 1 A DT 20 ? N1 ? A DT 20 N1 
20 1 Y 1 A DT 20 ? C2 ? A DT 20 C2 
21 1 Y 1 A DT 20 ? O2 ? A DT 20 O2 
22 1 Y 1 A DT 20 ? N3 ? A DT 20 N3 
23 1 Y 1 A DT 20 ? C4 ? A DT 20 C4 
24 1 Y 1 A DT 20 ? O4 ? A DT 20 O4 
25 1 Y 1 A DT 20 ? C5 ? A DT 20 C5 
26 1 Y 1 A DT 20 ? C7 ? A DT 20 C7 
27 1 Y 1 A DT 20 ? C6 ? A DT 20 C6 
# 
loop_
_software.citation_id 
_software.classification 
_software.compiler_name 
_software.compiler_version 
_software.contact_author 
_software.contact_author_email 
_software.date 
_software.description 
_software.dependencies 
_software.hardware 
_software.language 
_software.location 
_software.mods 
_software.name 
_software.os 
_software.os_version 
_software.type 
_software.version 
_software.pdbx_ordinal 
? refinement       ? ? ? ? ? ? ? ? ? ? ? PHENIX ? ? ? 1.18_3845   1 
? 'model building' ? ? ? ? ? ? ? ? ? ? ? Coot   ? ? ? .           2 
? 'data scaling'   ? ? ? ? ? ? ? ? ? ? ? XDS    ? ? ? .           3 
? phasing          ? ? ? ? ? ? ? ? ? ? ? PHENIX ? ? ? 1.18.2_3874 4 
? 'data reduction' ? ? ? ? ? ? ? ? ? ? ? XDS    ? ? ? .           5 
# 
_cell.angle_alpha                  90.000 
_cell.angle_alpha_esd              ? 
_cell.angle_beta                   90.000 
_cell.angle_beta_esd               ? 
_cell.angle_gamma                  90.000 
_cell.angle_gamma_esd              ? 
_cell.entry_id                     7JKU 
_cell.details                      ? 
_cell.formula_units_Z              ? 
_cell.length_a                     32.042 
_cell.length_a_esd                 ? 
_cell.length_b                     39.110 
_cell.length_b_esd                 ? 
_cell.length_c                     59.020 
_cell.length_c_esd                 ? 
_cell.volume                       73961.658 
_cell.volume_esd                   ? 
_cell.Z_PDB                        4 
_cell.reciprocal_angle_alpha       ? 
_cell.reciprocal_angle_beta        ? 
_cell.reciprocal_angle_gamma       ? 
_cell.reciprocal_angle_alpha_esd   ? 
_cell.reciprocal_angle_beta_esd    ? 
_cell.reciprocal_angle_gamma_esd   ? 
_cell.reciprocal_length_a          ? 
_cell.reciprocal_length_b          ? 
_cell.reciprocal_length_c          ? 
_cell.reciprocal_length_a_esd      ? 
_cell.reciprocal_length_b_esd      ? 
_cell.reciprocal_length_c_esd      ? 
_cell.pdbx_unique_axis             ? 
# 
_symmetry.entry_id                         7JKU 
_symmetry.cell_setting                     ? 
_symmetry.Int_Tables_number                18 
_symmetry.space_group_name_Hall            'P 2 2ab (z,x,y)' 
_symmetry.space_group_name_H-M             'P 2 21 21' 
_symmetry.pdbx_full_space_group_name_H-M   ? 
# 
_exptl.absorpt_coefficient_mu     ? 
_exptl.absorpt_correction_T_max   ? 
_exptl.absorpt_correction_T_min   ? 
_exptl.absorpt_correction_type    ? 
_exptl.absorpt_process_details    ? 
_exptl.entry_id                   7JKU 
_exptl.crystals_number            1 
_exptl.details                    ? 
_exptl.method                     'X-RAY DIFFRACTION' 
_exptl.method_details             ? 
# 
_exptl_crystal.colour                      ? 
_exptl_crystal.density_diffrn              ? 
_exptl_crystal.density_Matthews            2.29 
_exptl_crystal.density_method              ? 
_exptl_crystal.density_percent_sol         46.2 
_exptl_crystal.description                 ? 
_exptl_crystal.F_000                       ? 
_exptl_crystal.id                          1 
_exptl_crystal.preparation                 ? 
_exptl_crystal.size_max                    ? 
_exptl_crystal.size_mid                    ? 
_exptl_crystal.size_min                    ? 
_exptl_crystal.size_rad                    ? 
_exptl_crystal.colour_lustre               ? 
_exptl_crystal.colour_modifier             ? 
_exptl_crystal.colour_primary              ? 
_exptl_crystal.density_meas                ? 
_exptl_crystal.density_meas_esd            ? 
_exptl_crystal.density_meas_gt             ? 
_exptl_crystal.density_meas_lt             ? 
_exptl_crystal.density_meas_temp           ? 
_exptl_crystal.density_meas_temp_esd       ? 
_exptl_crystal.density_meas_temp_gt        ? 
_exptl_crystal.density_meas_temp_lt        ? 
_exptl_crystal.pdbx_crystal_image_url      ? 
_exptl_crystal.pdbx_crystal_image_format   ? 
_exptl_crystal.pdbx_mosaicity              ? 
_exptl_crystal.pdbx_mosaicity_esd          ? 
# 
_exptl_crystal_grow.apparatus       ? 
_exptl_crystal_grow.atmosphere      ? 
_exptl_crystal_grow.crystal_id      1 
_exptl_crystal_grow.details         ? 
_exptl_crystal_grow.method          'VAPOR DIFFUSION, HANGING DROP' 
_exptl_crystal_grow.method_ref      ? 
_exptl_crystal_grow.pH              6.5 
_exptl_crystal_grow.pressure        ? 
_exptl_crystal_grow.pressure_esd    ? 
_exptl_crystal_grow.seeding         ? 
_exptl_crystal_grow.seeding_ref     ? 
_exptl_crystal_grow.temp            293 
_exptl_crystal_grow.temp_details    ? 
_exptl_crystal_grow.temp_esd        ? 
_exptl_crystal_grow.time            ? 
_exptl_crystal_grow.pdbx_details    'sodium cacodylate, KCl, PEG, NaCl, ethylene glycol' 
_exptl_crystal_grow.pdbx_pH_range   ? 
# 
_diffrn.ambient_environment              ? 
_diffrn.ambient_temp                     196 
_diffrn.ambient_temp_details             ? 
_diffrn.ambient_temp_esd                 ? 
_diffrn.crystal_id                       1 
_diffrn.crystal_support                  ? 
_diffrn.crystal_treatment                ? 
_diffrn.details                          ? 
_diffrn.id                               1 
_diffrn.ambient_pressure                 ? 
_diffrn.ambient_pressure_esd             ? 
_diffrn.ambient_pressure_gt              ? 
_diffrn.ambient_pressure_lt              ? 
_diffrn.ambient_temp_gt                  ? 
_diffrn.ambient_temp_lt                  ? 
_diffrn.pdbx_serial_crystal_experiment   N 
# 
_diffrn_detector.details                      ? 
_diffrn_detector.detector                     CCD 
_diffrn_detector.diffrn_id                    1 
_diffrn_detector.type                         'ADSC QUANTUM 315' 
_diffrn_detector.area_resol_mean              ? 
_diffrn_detector.dtime                        ? 
_diffrn_detector.pdbx_frames_total            ? 
_diffrn_detector.pdbx_collection_time_total   ? 
_diffrn_detector.pdbx_collection_date         2020-05-27 
_diffrn_detector.pdbx_frequency               ? 
# 
_diffrn_radiation.collimation                      ? 
_diffrn_radiation.diffrn_id                        1 
_diffrn_radiation.filter_edge                      ? 
_diffrn_radiation.inhomogeneity                    ? 
_diffrn_radiation.monochromator                    ? 
_diffrn_radiation.polarisn_norm                    ? 
_diffrn_radiation.polarisn_ratio                   ? 
_diffrn_radiation.probe                            ? 
_diffrn_radiation.type                             ? 
_diffrn_radiation.xray_symbol                      ? 
_diffrn_radiation.wavelength_id                    1 
_diffrn_radiation.pdbx_monochromatic_or_laue_m_l   M 
_diffrn_radiation.pdbx_wavelength_list             ? 
_diffrn_radiation.pdbx_wavelength                  ? 
_diffrn_radiation.pdbx_diffrn_protocol             'SINGLE WAVELENGTH' 
_diffrn_radiation.pdbx_analyzer                    ? 
_diffrn_radiation.pdbx_scattering_type             x-ray 
# 
_diffrn_radiation_wavelength.id           1 
_diffrn_radiation_wavelength.wavelength   0.97918 
_diffrn_radiation_wavelength.wt           1.0 
# 
_diffrn_source.current                     ? 
_diffrn_source.details                     ? 
_diffrn_source.diffrn_id                   1 
_diffrn_source.power                       ? 
_diffrn_source.size                        ? 
_diffrn_source.source                      SYNCHROTRON 
_diffrn_source.target                      ? 
_diffrn_source.type                        'APS BEAMLINE 24-ID-E' 
_diffrn_source.voltage                     ? 
_diffrn_source.take-off_angle              ? 
_diffrn_source.pdbx_wavelength_list        0.97918 
_diffrn_source.pdbx_wavelength             ? 
_diffrn_source.pdbx_synchrotron_beamline   24-ID-E 
_diffrn_source.pdbx_synchrotron_site       APS 
# 
_reflns.B_iso_Wilson_estimate            56.93 
_reflns.entry_id                         7JKU 
_reflns.data_reduction_details           ? 
_reflns.data_reduction_method            ? 
_reflns.d_resolution_high                1.970 
_reflns.d_resolution_low                 59.020 
_reflns.details                          ? 
_reflns.limit_h_max                      ? 
_reflns.limit_h_min                      ? 
_reflns.limit_k_max                      ? 
_reflns.limit_k_min                      ? 
_reflns.limit_l_max                      ? 
_reflns.limit_l_min                      ? 
_reflns.number_all                       ? 
_reflns.number_obs                       5471 
_reflns.observed_criterion               ? 
_reflns.observed_criterion_F_max         ? 
_reflns.observed_criterion_F_min         ? 
_reflns.observed_criterion_I_max         ? 
_reflns.observed_criterion_I_min         ? 
_reflns.observed_criterion_sigma_F       ? 
_reflns.observed_criterion_sigma_I       ? 
_reflns.percent_possible_obs             97.9 
_reflns.R_free_details                   ? 
_reflns.Rmerge_F_all                     ? 
_reflns.Rmerge_F_obs                     ? 
_reflns.Friedel_coverage                 ? 
_reflns.number_gt                        ? 
_reflns.threshold_expression             ? 
_reflns.pdbx_redundancy                  6.300 
_reflns.pdbx_Rmerge_I_obs                ? 
_reflns.pdbx_Rmerge_I_all                ? 
_reflns.pdbx_Rsym_value                  ? 
_reflns.pdbx_netI_over_av_sigmaI         ? 
_reflns.pdbx_netI_over_sigmaI            7.7000 
_reflns.pdbx_res_netI_over_av_sigmaI_2   ? 
_reflns.pdbx_res_netI_over_sigmaI_2      ? 
_reflns.pdbx_chi_squared                 ? 
_reflns.pdbx_scaling_rejects             ? 
_reflns.pdbx_d_res_high_opt              ? 
_reflns.pdbx_d_res_low_opt               ? 
_reflns.pdbx_d_res_opt_method            ? 
_reflns.phase_calculation_details        ? 
_reflns.pdbx_Rrim_I_all                  ? 
_reflns.pdbx_Rpim_I_all                  ? 
_reflns.pdbx_d_opt                       ? 
_reflns.pdbx_number_measured_all         ? 
_reflns.pdbx_diffrn_id                   1 
_reflns.pdbx_ordinal                     1 
_reflns.pdbx_CC_half                     0.994 
_reflns.pdbx_CC_star                     ? 
_reflns.pdbx_R_split                     ? 
# 
_reflns_shell.d_res_high                  1.97 
_reflns_shell.d_res_low                   2.02 
_reflns_shell.meanI_over_sigI_all         ? 
_reflns_shell.meanI_over_sigI_obs         ? 
_reflns_shell.number_measured_all         ? 
_reflns_shell.number_measured_obs         ? 
_reflns_shell.number_possible             ? 
_reflns_shell.number_unique_all           ? 
_reflns_shell.number_unique_obs           381 
_reflns_shell.percent_possible_all        ? 
_reflns_shell.percent_possible_obs        ? 
_reflns_shell.Rmerge_F_all                ? 
_reflns_shell.Rmerge_F_obs                ? 
_reflns_shell.Rmerge_I_all                ? 
_reflns_shell.Rmerge_I_obs                ? 
_reflns_shell.meanI_over_sigI_gt          ? 
_reflns_shell.meanI_over_uI_all           ? 
_reflns_shell.meanI_over_uI_gt            ? 
_reflns_shell.number_measured_gt          ? 
_reflns_shell.number_unique_gt            ? 
_reflns_shell.percent_possible_gt         ? 
_reflns_shell.Rmerge_F_gt                 ? 
_reflns_shell.Rmerge_I_gt                 ? 
_reflns_shell.pdbx_redundancy             ? 
_reflns_shell.pdbx_Rsym_value             ? 
_reflns_shell.pdbx_chi_squared            ? 
_reflns_shell.pdbx_netI_over_sigmaI_all   ? 
_reflns_shell.pdbx_netI_over_sigmaI_obs   ? 
_reflns_shell.pdbx_Rrim_I_all             ? 
_reflns_shell.pdbx_Rpim_I_all             ? 
_reflns_shell.pdbx_rejects                ? 
_reflns_shell.pdbx_ordinal                1 
_reflns_shell.pdbx_diffrn_id              1 
_reflns_shell.pdbx_CC_half                0.343 
_reflns_shell.pdbx_CC_star                ? 
_reflns_shell.pdbx_R_split                ? 
# 
_refine.aniso_B[1][1]                            ? 
_refine.aniso_B[1][2]                            ? 
_refine.aniso_B[1][3]                            ? 
_refine.aniso_B[2][2]                            ? 
_refine.aniso_B[2][3]                            ? 
_refine.aniso_B[3][3]                            ? 
_refine.B_iso_max                                ? 
_refine.B_iso_mean                               74.16 
_refine.B_iso_min                                ? 
_refine.correlation_coeff_Fo_to_Fc               ? 
_refine.correlation_coeff_Fo_to_Fc_free          ? 
_refine.details                                  ? 
_refine.diff_density_max                         ? 
_refine.diff_density_max_esd                     ? 
_refine.diff_density_min                         ? 
_refine.diff_density_min_esd                     ? 
_refine.diff_density_rms                         ? 
_refine.diff_density_rms_esd                     ? 
_refine.entry_id                                 7JKU 
_refine.pdbx_refine_id                           'X-RAY DIFFRACTION' 
_refine.ls_abs_structure_details                 ? 
_refine.ls_abs_structure_Flack                   ? 
_refine.ls_abs_structure_Flack_esd               ? 
_refine.ls_abs_structure_Rogers                  ? 
_refine.ls_abs_structure_Rogers_esd              ? 
_refine.ls_d_res_high                            1.97 
_refine.ls_d_res_low                             32.60 
_refine.ls_extinction_coef                       ? 
_refine.ls_extinction_coef_esd                   ? 
_refine.ls_extinction_expression                 ? 
_refine.ls_extinction_method                     ? 
_refine.ls_goodness_of_fit_all                   ? 
_refine.ls_goodness_of_fit_all_esd               ? 
_refine.ls_goodness_of_fit_obs                   ? 
_refine.ls_goodness_of_fit_obs_esd               ? 
_refine.ls_hydrogen_treatment                    ? 
_refine.ls_matrix_type                           ? 
_refine.ls_number_constraints                    ? 
_refine.ls_number_parameters                     ? 
_refine.ls_number_reflns_all                     ? 
_refine.ls_number_reflns_obs                     5285 
_refine.ls_number_reflns_R_free                  525 
_refine.ls_number_reflns_R_work                  4760 
_refine.ls_number_restraints                     ? 
_refine.ls_percent_reflns_obs                    94.29 
_refine.ls_percent_reflns_R_free                 9.93 
_refine.ls_R_factor_all                          ? 
_refine.ls_R_factor_obs                          0.2484 
_refine.ls_R_factor_R_free                       0.2615 
_refine.ls_R_factor_R_free_error                 ? 
_refine.ls_R_factor_R_free_error_details         ? 
_refine.ls_R_factor_R_work                       0.2467 
_refine.ls_R_Fsqd_factor_obs                     ? 
_refine.ls_R_I_factor_obs                        ? 
_refine.ls_redundancy_reflns_all                 ? 
_refine.ls_redundancy_reflns_obs                 ? 
_refine.ls_restrained_S_all                      ? 
_refine.ls_restrained_S_obs                      ? 
_refine.ls_shift_over_esd_max                    ? 
_refine.ls_shift_over_esd_mean                   ? 
_refine.ls_structure_factor_coef                 ? 
_refine.ls_weighting_details                     ? 
_refine.ls_weighting_scheme                      ? 
_refine.ls_wR_factor_all                         ? 
_refine.ls_wR_factor_obs                         ? 
_refine.ls_wR_factor_R_free                      ? 
_refine.ls_wR_factor_R_work                      ? 
_refine.occupancy_max                            ? 
_refine.occupancy_min                            ? 
_refine.solvent_model_details                    'FLAT BULK SOLVENT MODEL' 
_refine.solvent_model_param_bsol                 ? 
_refine.solvent_model_param_ksol                 ? 
_refine.pdbx_R_complete                          ? 
_refine.ls_R_factor_gt                           ? 
_refine.ls_goodness_of_fit_gt                    ? 
_refine.ls_goodness_of_fit_ref                   ? 
_refine.ls_shift_over_su_max                     ? 
_refine.ls_shift_over_su_max_lt                  ? 
_refine.ls_shift_over_su_mean                    ? 
_refine.ls_shift_over_su_mean_lt                 ? 
_refine.pdbx_ls_sigma_I                          ? 
_refine.pdbx_ls_sigma_F                          1.35 
_refine.pdbx_ls_sigma_Fsqd                       ? 
_refine.pdbx_data_cutoff_high_absF               ? 
_refine.pdbx_data_cutoff_high_rms_absF           ? 
_refine.pdbx_data_cutoff_low_absF                ? 
_refine.pdbx_isotropic_thermal_model             ? 
_refine.pdbx_ls_cross_valid_method               'FREE R-VALUE' 
_refine.pdbx_method_to_determine_struct          'MOLECULAR REPLACEMENT' 
_refine.pdbx_starting_model                      TEL26-1 
_refine.pdbx_stereochemistry_target_values       'GeoStd + Monomer Library + CDL v1.2' 
_refine.pdbx_R_Free_selection_details            ? 
_refine.pdbx_stereochem_target_val_spec_case     ? 
_refine.pdbx_overall_ESU_R                       ? 
_refine.pdbx_overall_ESU_R_Free                  ? 
_refine.pdbx_solvent_vdw_probe_radii             1.1100 
_refine.pdbx_solvent_ion_probe_radii             ? 
_refine.pdbx_solvent_shrinkage_radii             0.9000 
_refine.pdbx_real_space_R                        ? 
_refine.pdbx_density_correlation                 ? 
_refine.pdbx_pd_number_of_powder_patterns        ? 
_refine.pdbx_pd_number_of_points                 ? 
_refine.pdbx_pd_meas_number_of_points            ? 
_refine.pdbx_pd_proc_ls_prof_R_factor            ? 
_refine.pdbx_pd_proc_ls_prof_wR_factor           ? 
_refine.pdbx_pd_Marquardt_correlation_coeff      ? 
_refine.pdbx_pd_Fsqrd_R_factor                   ? 
_refine.pdbx_pd_ls_matrix_band_width             ? 
_refine.pdbx_overall_phase_error                 46.9033 
_refine.pdbx_overall_SU_R_free_Cruickshank_DPI   ? 
_refine.pdbx_overall_SU_R_free_Blow_DPI          ? 
_refine.pdbx_overall_SU_R_Blow_DPI               ? 
_refine.pdbx_TLS_residual_ADP_flag               ? 
_refine.pdbx_diffrn_id                           1 
_refine.overall_SU_B                             ? 
_refine.overall_SU_ML                            0.3400 
_refine.overall_SU_R_Cruickshank_DPI             ? 
_refine.overall_SU_R_free                        ? 
_refine.overall_FOM_free_R_set                   ? 
_refine.overall_FOM_work_R_set                   ? 
_refine.pdbx_average_fsc_overall                 ? 
_refine.pdbx_average_fsc_work                    ? 
_refine.pdbx_average_fsc_free                    ? 
# 
_refine_hist.pdbx_refine_id                   'X-RAY DIFFRACTION' 
_refine_hist.cycle_id                         LAST 
_refine_hist.details                          ? 
_refine_hist.d_res_high                       1.97 
_refine_hist.d_res_low                        32.60 
_refine_hist.number_atoms_solvent             9 
_refine_hist.number_atoms_total               537 
_refine_hist.number_reflns_all                ? 
_refine_hist.number_reflns_obs                ? 
_refine_hist.number_reflns_R_free             ? 
_refine_hist.number_reflns_R_work             ? 
_refine_hist.R_factor_all                     ? 
_refine_hist.R_factor_obs                     ? 
_refine_hist.R_factor_R_free                  ? 
_refine_hist.R_factor_R_work                  ? 
_refine_hist.pdbx_number_residues_total       ? 
_refine_hist.pdbx_B_iso_mean_ligand           ? 
_refine_hist.pdbx_B_iso_mean_solvent          ? 
_refine_hist.pdbx_number_atoms_protein        0 
_refine_hist.pdbx_number_atoms_nucleic_acid   524 
_refine_hist.pdbx_number_atoms_ligand         4 
_refine_hist.pdbx_number_atoms_lipid          ? 
_refine_hist.pdbx_number_atoms_carb           ? 
_refine_hist.pdbx_pseudo_atom_details         ? 
# 
loop_
_refine_ls_restr.pdbx_refine_id 
_refine_ls_restr.criterion 
_refine_ls_restr.dev_ideal 
_refine_ls_restr.dev_ideal_target 
_refine_ls_restr.number 
_refine_ls_restr.rejects 
_refine_ls_restr.type 
_refine_ls_restr.weight 
_refine_ls_restr.pdbx_restraint_function 
'X-RAY DIFFRACTION' ? 0.0062  ? 589 ? f_bond_d           ? ? 
'X-RAY DIFFRACTION' ? 0.7559  ? 913 ? f_angle_d          ? ? 
'X-RAY DIFFRACTION' ? 0.0378  ? 100 ? f_chiral_restr     ? ? 
'X-RAY DIFFRACTION' ? 0.0042  ? 23  ? f_plane_restr      ? ? 
'X-RAY DIFFRACTION' ? 36.7653 ? 253 ? f_dihedral_angle_d ? ? 
# 
loop_
_refine_ls_shell.pdbx_refine_id 
_refine_ls_shell.d_res_high 
_refine_ls_shell.d_res_low 
_refine_ls_shell.number_reflns_all 
_refine_ls_shell.number_reflns_obs 
_refine_ls_shell.number_reflns_R_free 
_refine_ls_shell.number_reflns_R_work 
_refine_ls_shell.percent_reflns_obs 
_refine_ls_shell.percent_reflns_R_free 
_refine_ls_shell.R_factor_all 
_refine_ls_shell.R_factor_obs 
_refine_ls_shell.R_factor_R_free 
_refine_ls_shell.R_factor_R_free_error 
_refine_ls_shell.R_factor_R_work 
_refine_ls_shell.redundancy_reflns_all 
_refine_ls_shell.redundancy_reflns_obs 
_refine_ls_shell.wR_factor_all 
_refine_ls_shell.wR_factor_obs 
_refine_ls_shell.wR_factor_R_free 
_refine_ls_shell.wR_factor_R_work 
_refine_ls_shell.pdbx_R_complete 
_refine_ls_shell.pdbx_total_number_of_bins_used 
_refine_ls_shell.pdbx_phase_error 
_refine_ls_shell.pdbx_fsc_work 
_refine_ls_shell.pdbx_fsc_free 
'X-RAY DIFFRACTION' 1.97 2.17  . . 117 1049 85.48 . . . 0.4581 . 0.4254 . . . . . . . . . . . 
'X-RAY DIFFRACTION' 2.17 2.48  . . 134 1202 97.31 . . . 0.3271 . 0.3131 . . . . . . . . . . . 
'X-RAY DIFFRACTION' 2.48 3.13  . . 132 1216 97.12 . . . 0.3064 . 0.3199 . . . . . . . . . . . 
'X-RAY DIFFRACTION' 3.13 32.60 . . 142 1293 97.03 . . . 0.2333 . 0.2126 . . . . . . . . . . . 
# 
_struct.entry_id                     7JKU 
_struct.title                        
'Crystal structure of a four-tetrad, parallel, and K+ stabilized Tetrahymena thermophila telomeric G-quadruplex' 
_struct.pdbx_model_details           ? 
_struct.pdbx_formula_weight          ? 
_struct.pdbx_formula_weight_method   ? 
_struct.pdbx_model_type_details      ? 
_struct.pdbx_CASP_flag               N 
# 
_struct_keywords.entry_id        7JKU 
_struct_keywords.text            'G-quadruplex, Parallel, Four-quartets, propeller loops, DNA' 
_struct_keywords.pdbx_keywords   DNA 
# 
loop_
_struct_asym.id 
_struct_asym.pdbx_blank_PDB_chainid_flag 
_struct_asym.pdbx_modified 
_struct_asym.entity_id 
_struct_asym.details 
A N N 1 ? 
B N N 2 ? 
C N N 2 ? 
D N N 2 ? 
E N N 2 ? 
F N N 3 ? 
# 
_struct_ref.id                         1 
_struct_ref.db_name                    PDB 
_struct_ref.db_code                    7JKU 
_struct_ref.pdbx_db_accession          7JKU 
_struct_ref.pdbx_db_isoform            ? 
_struct_ref.entity_id                  1 
_struct_ref.pdbx_seq_one_letter_code   ? 
_struct_ref.pdbx_align_begin           1 
# 
_struct_ref_seq.align_id                      1 
_struct_ref_seq.ref_id                        1 
_struct_ref_seq.pdbx_PDB_id_code              7JKU 
_struct_ref_seq.pdbx_strand_id                A 
_struct_ref_seq.seq_align_beg                 1 
_struct_ref_seq.pdbx_seq_align_beg_ins_code   ? 
_struct_ref_seq.seq_align_end                 26 
_struct_ref_seq.pdbx_seq_align_end_ins_code   ? 
_struct_ref_seq.pdbx_db_accession             7JKU 
_struct_ref_seq.db_align_beg                  1 
_struct_ref_seq.pdbx_db_align_beg_ins_code    ? 
_struct_ref_seq.db_align_end                  26 
_struct_ref_seq.pdbx_db_align_end_ins_code    ? 
_struct_ref_seq.pdbx_auth_seq_align_beg       1 
_struct_ref_seq.pdbx_auth_seq_align_end       26 
# 
_pdbx_struct_assembly.id                   1 
_pdbx_struct_assembly.details              author_and_software_defined_assembly 
_pdbx_struct_assembly.method_details       PISA 
_pdbx_struct_assembly.oligomeric_details   monomeric 
_pdbx_struct_assembly.oligomeric_count     1 
# 
_pdbx_struct_assembly_gen.assembly_id       1 
_pdbx_struct_assembly_gen.oper_expression   1 
_pdbx_struct_assembly_gen.asym_id_list      A,B,C,D,E,F 
# 
_pdbx_struct_assembly_auth_evidence.id                     1 
_pdbx_struct_assembly_auth_evidence.assembly_id            1 
_pdbx_struct_assembly_auth_evidence.experimental_support   'native gel electrophoresis' 
_pdbx_struct_assembly_auth_evidence.details                
'Native PAGE showed the presence of two conformations of seemingly monomeric GQs for this sequence' 
# 
_pdbx_struct_oper_list.id                   1 
_pdbx_struct_oper_list.type                 'identity operation' 
_pdbx_struct_oper_list.name                 1_555 
_pdbx_struct_oper_list.symmetry_operation   x,y,z 
_pdbx_struct_oper_list.matrix[1][1]         1.0000000000 
_pdbx_struct_oper_list.matrix[1][2]         0.0000000000 
_pdbx_struct_oper_list.matrix[1][3]         0.0000000000 
_pdbx_struct_oper_list.vector[1]            0.0000000000 
_pdbx_struct_oper_list.matrix[2][1]         0.0000000000 
_pdbx_struct_oper_list.matrix[2][2]         1.0000000000 
_pdbx_struct_oper_list.matrix[2][3]         0.0000000000 
_pdbx_struct_oper_list.vector[2]            0.0000000000 
_pdbx_struct_oper_list.matrix[3][1]         0.0000000000 
_pdbx_struct_oper_list.matrix[3][2]         0.0000000000 
_pdbx_struct_oper_list.matrix[3][3]         1.0000000000 
_pdbx_struct_oper_list.vector[3]            0.0000000000 
# 
loop_
_struct_conn.id 
_struct_conn.conn_type_id 
_struct_conn.pdbx_leaving_atom_flag 
_struct_conn.pdbx_PDB_id 
_struct_conn.ptnr1_label_asym_id 
_struct_conn.ptnr1_label_comp_id 
_struct_conn.ptnr1_label_seq_id 
_struct_conn.ptnr1_label_atom_id 
_struct_conn.pdbx_ptnr1_label_alt_id 
_struct_conn.pdbx_ptnr1_PDB_ins_code 
_struct_conn.pdbx_ptnr1_standard_comp_id 
_struct_conn.ptnr1_symmetry 
_struct_conn.ptnr2_label_asym_id 
_struct_conn.ptnr2_label_comp_id 
_struct_conn.ptnr2_label_seq_id 
_struct_conn.ptnr2_label_atom_id 
_struct_conn.pdbx_ptnr2_label_alt_id 
_struct_conn.pdbx_ptnr2_PDB_ins_code 
_struct_conn.ptnr1_auth_asym_id 
_struct_conn.ptnr1_auth_comp_id 
_struct_conn.ptnr1_auth_seq_id 
_struct_conn.ptnr2_auth_asym_id 
_struct_conn.ptnr2_auth_comp_id 
_struct_conn.ptnr2_auth_seq_id 
_struct_conn.ptnr2_symmetry 
_struct_conn.pdbx_ptnr3_label_atom_id 
_struct_conn.pdbx_ptnr3_label_seq_id 
_struct_conn.pdbx_ptnr3_label_comp_id 
_struct_conn.pdbx_ptnr3_label_asym_id 
_struct_conn.pdbx_ptnr3_label_alt_id 
_struct_conn.pdbx_ptnr3_PDB_ins_code 
_struct_conn.details 
_struct_conn.pdbx_dist_value 
_struct_conn.pdbx_value_order 
_struct_conn.pdbx_role 
metalc1  metalc ? ? A DG 4  O6 ? ? ? 1_555 B K   .  K  ? ? A DG 4   A K   101 1_555 ? ? ? ? ? ? ?               2.795 ? ? 
metalc2  metalc ? ? A DG 4  O6 ? ? ? 1_555 B K   .  K  ? ? A DG 4   A K   101 2_545 ? ? ? ? ? ? ?               2.795 ? ? 
metalc3  metalc ? ? A DG 4  O6 ? ? ? 1_555 C K   .  K  ? ? A DG 4   A K   102 1_555 ? ? ? ? ? ? ?               2.603 ? ? 
metalc4  metalc ? ? A DG 5  O6 ? ? ? 1_555 C K   .  K  ? ? A DG 5   A K   102 1_555 ? ? ? ? ? ? ?               2.652 ? ? 
metalc5  metalc ? ? A DG 5  O6 ? ? ? 1_555 D K   .  K  ? ? A DG 5   A K   103 1_555 ? ? ? ? ? ? ?               2.649 ? ? 
metalc6  metalc ? ? A DG 6  O6 ? ? ? 1_555 D K   .  K  ? ? A DG 6   A K   103 1_555 ? ? ? ? ? ? ?               2.647 ? ? 
metalc7  metalc ? ? A DG 6  O6 ? ? ? 1_555 E K   .  K  ? ? A DG 6   A K   104 1_555 ? ? ? ? ? ? ?               2.906 ? ? 
metalc8  metalc ? ? A DG 7  O6 ? ? ? 1_555 E K   .  K  ? ? A DG 7   A K   104 1_555 ? ? ? ? ? ? ?               2.656 ? ? 
metalc9  metalc ? ? A DG 10 O6 ? ? ? 1_555 B K   .  K  ? ? A DG 10  A K   101 1_555 ? ? ? ? ? ? ?               2.738 ? ? 
metalc10 metalc ? ? A DG 10 O6 ? ? ? 1_555 B K   .  K  ? ? A DG 10  A K   101 2_545 ? ? ? ? ? ? ?               2.738 ? ? 
metalc11 metalc ? ? A DG 10 O6 ? ? ? 1_555 C K   .  K  ? ? A DG 10  A K   102 1_555 ? ? ? ? ? ? ?               2.639 ? ? 
metalc12 metalc ? ? A DG 11 O6 ? ? ? 1_555 C K   .  K  ? ? A DG 11  A K   102 1_555 ? ? ? ? ? ? ?               2.756 ? ? 
metalc13 metalc ? ? A DG 11 O6 ? ? ? 1_555 D K   .  K  ? ? A DG 11  A K   103 1_555 ? ? ? ? ? ? ?               2.677 ? ? 
metalc14 metalc ? ? A DG 12 O6 ? ? ? 1_555 D K   .  K  ? ? A DG 12  A K   103 1_555 ? ? ? ? ? ? ?               2.705 ? ? 
metalc15 metalc ? ? A DG 12 O6 ? ? ? 1_555 E K   .  K  ? ? A DG 12  A K   104 1_555 ? ? ? ? ? ? ?               2.913 ? ? 
metalc16 metalc ? ? A DG 13 O6 ? ? ? 1_555 E K   .  K  ? ? A DG 13  A K   104 1_555 ? ? ? ? ? ? ?               2.604 ? ? 
metalc17 metalc ? ? A DG 16 O6 ? ? ? 1_555 B K   .  K  ? ? A DG 16  A K   101 1_555 ? ? ? ? ? ? ?               2.699 ? ? 
metalc18 metalc ? ? A DG 16 O6 ? ? ? 1_555 B K   .  K  ? ? A DG 16  A K   101 2_545 ? ? ? ? ? ? ?               2.699 ? ? 
metalc19 metalc ? ? A DG 16 O6 ? ? ? 1_555 C K   .  K  ? ? A DG 16  A K   102 1_555 ? ? ? ? ? ? ?               2.881 ? ? 
metalc20 metalc ? ? A DG 17 O6 ? ? ? 1_555 C K   .  K  ? ? A DG 17  A K   102 1_555 ? ? ? ? ? ? ?               2.776 ? ? 
metalc21 metalc ? ? A DG 17 O6 ? ? ? 1_555 D K   .  K  ? ? A DG 17  A K   103 1_555 ? ? ? ? ? ? ?               2.732 ? ? 
metalc22 metalc ? ? A DG 18 O6 ? ? ? 1_555 D K   .  K  ? ? A DG 18  A K   103 1_555 ? ? ? ? ? ? ?               2.645 ? ? 
metalc23 metalc ? ? A DG 18 O6 ? ? ? 1_555 E K   .  K  ? ? A DG 18  A K   104 1_555 ? ? ? ? ? ? ?               2.920 ? ? 
metalc24 metalc ? ? A DG 19 O6 ? ? ? 1_555 E K   .  K  ? ? A DG 19  A K   104 1_555 ? ? ? ? ? ? ?               2.640 ? ? 
metalc25 metalc ? ? A DG 22 O6 ? ? ? 1_555 B K   .  K  ? ? A DG 22  A K   101 1_555 ? ? ? ? ? ? ?               2.609 ? ? 
metalc26 metalc ? ? A DG 22 O6 ? ? ? 1_555 B K   .  K  ? ? A DG 22  A K   101 2_545 ? ? ? ? ? ? ?               2.609 ? ? 
metalc27 metalc ? ? A DG 22 O6 ? ? ? 1_555 C K   .  K  ? ? A DG 22  A K   102 1_555 ? ? ? ? ? ? ?               2.742 ? ? 
metalc28 metalc ? ? A DG 23 O6 ? ? ? 1_555 C K   .  K  ? ? A DG 23  A K   102 1_555 ? ? ? ? ? ? ?               2.707 ? ? 
metalc29 metalc ? ? A DG 23 O6 ? ? ? 1_555 D K   .  K  ? ? A DG 23  A K   103 1_555 ? ? ? ? ? ? ?               2.768 ? ? 
metalc30 metalc ? ? A DG 24 O6 ? ? ? 1_555 D K   .  K  ? ? A DG 24  A K   103 1_555 ? ? ? ? ? ? ?               2.733 ? ? 
metalc31 metalc ? ? A DG 24 O6 ? ? ? 1_555 E K   .  K  ? ? A DG 24  A K   104 1_555 ? ? ? ? ? ? ?               2.949 ? ? 
metalc32 metalc ? ? A DG 25 O6 ? ? ? 1_555 E K   .  K  ? ? A DG 25  A K   104 1_555 ? ? ? ? ? ? ?               2.652 ? ? 
metalc33 metalc ? ? E K  .  K  ? ? ? 1_555 F HOH .  O  ? ? A K  104 A HOH 203 1_555 ? ? ? ? ? ? ?               3.191 ? ? 
hydrog1  hydrog ? ? A DG 4  N1 ? ? ? 1_555 A DG  10 O6 ? ? A DG 4   A DG  10  1_555 ? ? ? ? ? ? TYPE_6_PAIR     ?     ? ? 
hydrog2  hydrog ? ? A DG 4  N2 ? ? ? 1_555 A DG  10 N7 ? ? A DG 4   A DG  10  1_555 ? ? ? ? ? ? TYPE_6_PAIR     ?     ? ? 
hydrog3  hydrog ? ? A DG 4  N7 ? ? ? 1_555 A DG  22 N2 ? ? A DG 4   A DG  22  1_555 ? ? ? ? ? ? TYPE_6_PAIR     ?     ? ? 
hydrog4  hydrog ? ? A DG 4  O6 ? ? ? 1_555 A DG  22 N1 ? ? A DG 4   A DG  22  1_555 ? ? ? ? ? ? TYPE_6_PAIR     ?     ? ? 
hydrog5  hydrog ? ? A DG 5  N1 ? ? ? 1_555 A DG  11 O6 ? ? A DG 5   A DG  11  1_555 ? ? ? ? ? ? TYPE_6_PAIR     ?     ? ? 
hydrog6  hydrog ? ? A DG 5  N2 ? ? ? 1_555 A DG  11 N7 ? ? A DG 5   A DG  11  1_555 ? ? ? ? ? ? TYPE_6_PAIR     ?     ? ? 
hydrog7  hydrog ? ? A DG 5  N7 ? ? ? 1_555 A DG  23 N2 ? ? A DG 5   A DG  23  1_555 ? ? ? ? ? ? TYPE_6_PAIR     ?     ? ? 
hydrog8  hydrog ? ? A DG 5  O6 ? ? ? 1_555 A DG  23 N1 ? ? A DG 5   A DG  23  1_555 ? ? ? ? ? ? TYPE_6_PAIR     ?     ? ? 
hydrog9  hydrog ? ? A DG 6  N2 ? ? ? 1_555 A DT  9  O4 ? ? A DG 6   A DT  9   1_555 ? ? ? ? ? ? 'DG-DT MISPAIR' ?     ? ? 
hydrog10 hydrog ? ? A DG 6  N1 ? ? ? 1_555 A DG  12 O6 ? ? A DG 6   A DG  12  1_555 ? ? ? ? ? ? TYPE_6_PAIR     ?     ? ? 
hydrog11 hydrog ? ? A DG 6  N2 ? ? ? 1_555 A DG  12 N7 ? ? A DG 6   A DG  12  1_555 ? ? ? ? ? ? TYPE_6_PAIR     ?     ? ? 
hydrog12 hydrog ? ? A DG 6  N7 ? ? ? 1_555 A DG  24 N2 ? ? A DG 6   A DG  24  1_555 ? ? ? ? ? ? TYPE_6_PAIR     ?     ? ? 
hydrog13 hydrog ? ? A DG 6  O6 ? ? ? 1_555 A DG  24 N1 ? ? A DG 6   A DG  24  1_555 ? ? ? ? ? ? TYPE_6_PAIR     ?     ? ? 
hydrog14 hydrog ? ? A DG 7  N1 ? ? ? 1_555 A DG  13 O6 ? ? A DG 7   A DG  13  1_555 ? ? ? ? ? ? TYPE_6_PAIR     ?     ? ? 
hydrog15 hydrog ? ? A DG 7  N2 ? ? ? 1_555 A DG  13 N7 ? ? A DG 7   A DG  13  1_555 ? ? ? ? ? ? TYPE_6_PAIR     ?     ? ? 
hydrog16 hydrog ? ? A DG 7  N7 ? ? ? 1_555 A DG  25 N2 ? ? A DG 7   A DG  25  1_555 ? ? ? ? ? ? TYPE_6_PAIR     ?     ? ? 
hydrog17 hydrog ? ? A DG 7  O6 ? ? ? 1_555 A DG  25 N1 ? ? A DG 7   A DG  25  1_555 ? ? ? ? ? ? TYPE_6_PAIR     ?     ? ? 
hydrog18 hydrog ? ? A DG 10 N1 ? ? ? 1_555 A DG  16 O6 ? ? A DG 10  A DG  16  1_555 ? ? ? ? ? ? TYPE_6_PAIR     ?     ? ? 
hydrog19 hydrog ? ? A DG 10 N2 ? ? ? 1_555 A DG  16 N7 ? ? A DG 10  A DG  16  1_555 ? ? ? ? ? ? TYPE_6_PAIR     ?     ? ? 
hydrog20 hydrog ? ? A DG 11 N1 ? ? ? 1_555 A DG  17 O6 ? ? A DG 11  A DG  17  1_555 ? ? ? ? ? ? TYPE_6_PAIR     ?     ? ? 
hydrog21 hydrog ? ? A DG 11 N2 ? ? ? 1_555 A DG  17 N7 ? ? A DG 11  A DG  17  1_555 ? ? ? ? ? ? TYPE_6_PAIR     ?     ? ? 
hydrog22 hydrog ? ? A DG 12 N1 ? ? ? 1_555 A DG  18 O6 ? ? A DG 12  A DG  18  1_555 ? ? ? ? ? ? TYPE_6_PAIR     ?     ? ? 
hydrog23 hydrog ? ? A DG 12 N2 ? ? ? 1_555 A DG  18 N7 ? ? A DG 12  A DG  18  1_555 ? ? ? ? ? ? TYPE_6_PAIR     ?     ? ? 
hydrog24 hydrog ? ? A DG 13 N1 ? ? ? 1_555 A DG  19 O6 ? ? A DG 13  A DG  19  1_555 ? ? ? ? ? ? TYPE_6_PAIR     ?     ? ? 
hydrog25 hydrog ? ? A DG 13 N2 ? ? ? 1_555 A DG  19 N7 ? ? A DG 13  A DG  19  1_555 ? ? ? ? ? ? TYPE_6_PAIR     ?     ? ? 
hydrog26 hydrog ? ? A DG 16 N1 ? ? ? 1_555 A DG  22 O6 ? ? A DG 16  A DG  22  1_555 ? ? ? ? ? ? TYPE_6_PAIR     ?     ? ? 
hydrog27 hydrog ? ? A DG 16 N2 ? ? ? 1_555 A DG  22 N7 ? ? A DG 16  A DG  22  1_555 ? ? ? ? ? ? TYPE_6_PAIR     ?     ? ? 
hydrog28 hydrog ? ? A DG 17 N2 ? ? ? 1_555 A DT  21 O2 ? ? A DG 17  A DT  21  1_555 ? ? ? ? ? ? 'DG-DT MISPAIR' ?     ? ? 
hydrog29 hydrog ? ? A DG 17 N1 ? ? ? 1_555 A DG  23 O6 ? ? A DG 17  A DG  23  1_555 ? ? ? ? ? ? TYPE_6_PAIR     ?     ? ? 
hydrog30 hydrog ? ? A DG 17 N2 ? ? ? 1_555 A DG  23 N7 ? ? A DG 17  A DG  23  1_555 ? ? ? ? ? ? TYPE_6_PAIR     ?     ? ? 
hydrog31 hydrog ? ? A DG 18 N3 ? ? ? 1_555 A DT  21 N3 ? ? A DG 18  A DT  21  1_555 ? ? ? ? ? ? 'DG-DT MISPAIR' ?     ? ? 
hydrog32 hydrog ? ? A DG 18 N1 ? ? ? 1_555 A DG  24 O6 ? ? A DG 18  A DG  24  1_555 ? ? ? ? ? ? TYPE_6_PAIR     ?     ? ? 
hydrog33 hydrog ? ? A DG 18 N2 ? ? ? 1_555 A DG  24 N7 ? ? A DG 18  A DG  24  1_555 ? ? ? ? ? ? TYPE_6_PAIR     ?     ? ? 
hydrog34 hydrog ? ? A DG 19 N1 ? ? ? 1_555 A DG  25 O6 ? ? A DG 19  A DG  25  1_555 ? ? ? ? ? ? TYPE_6_PAIR     ?     ? ? 
hydrog35 hydrog ? ? A DG 19 N2 ? ? ? 1_555 A DG  25 N7 ? ? A DG 19  A DG  25  1_555 ? ? ? ? ? ? TYPE_6_PAIR     ?     ? ? 
# 
loop_
_struct_conn_type.id 
_struct_conn_type.criteria 
_struct_conn_type.reference 
metalc ? ? 
hydrog ? ? 
# 
loop_
_pdbx_struct_conn_angle.id 
_pdbx_struct_conn_angle.ptnr1_label_atom_id 
_pdbx_struct_conn_angle.ptnr1_label_alt_id 
_pdbx_struct_conn_angle.ptnr1_label_asym_id 
_pdbx_struct_conn_angle.ptnr1_label_comp_id 
_pdbx_struct_conn_angle.ptnr1_label_seq_id 
_pdbx_struct_conn_angle.ptnr1_auth_atom_id 
_pdbx_struct_conn_angle.ptnr1_auth_asym_id 
_pdbx_struct_conn_angle.ptnr1_auth_comp_id 
_pdbx_struct_conn_angle.ptnr1_auth_seq_id 
_pdbx_struct_conn_angle.ptnr1_PDB_ins_code 
_pdbx_struct_conn_angle.ptnr1_symmetry 
_pdbx_struct_conn_angle.ptnr2_label_atom_id 
_pdbx_struct_conn_angle.ptnr2_label_alt_id 
_pdbx_struct_conn_angle.ptnr2_label_asym_id 
_pdbx_struct_conn_angle.ptnr2_label_comp_id 
_pdbx_struct_conn_angle.ptnr2_label_seq_id 
_pdbx_struct_conn_angle.ptnr2_auth_atom_id 
_pdbx_struct_conn_angle.ptnr2_auth_asym_id 
_pdbx_struct_conn_angle.ptnr2_auth_comp_id 
_pdbx_struct_conn_angle.ptnr2_auth_seq_id 
_pdbx_struct_conn_angle.ptnr2_PDB_ins_code 
_pdbx_struct_conn_angle.ptnr2_symmetry 
_pdbx_struct_conn_angle.ptnr3_label_atom_id 
_pdbx_struct_conn_angle.ptnr3_label_alt_id 
_pdbx_struct_conn_angle.ptnr3_label_asym_id 
_pdbx_struct_conn_angle.ptnr3_label_comp_id 
_pdbx_struct_conn_angle.ptnr3_label_seq_id 
_pdbx_struct_conn_angle.ptnr3_auth_atom_id 
_pdbx_struct_conn_angle.ptnr3_auth_asym_id 
_pdbx_struct_conn_angle.ptnr3_auth_comp_id 
_pdbx_struct_conn_angle.ptnr3_auth_seq_id 
_pdbx_struct_conn_angle.ptnr3_PDB_ins_code 
_pdbx_struct_conn_angle.ptnr3_symmetry 
_pdbx_struct_conn_angle.value 
_pdbx_struct_conn_angle.value_esd 
1   O6 ? A DG 4  ? A DG 4  ? 1_555 K ? B K . ? A K 101 ? 1_555 O6 ? A DG  4  ? A DG  4   ? 1_555 0.0   ? 
2   O6 ? A DG 4  ? A DG 4  ? 1_555 K ? B K . ? A K 101 ? 1_555 O6 ? A DG  10 ? A DG  10  ? 1_555 68.9  ? 
3   O6 ? A DG 4  ? A DG 4  ? 1_555 K ? B K . ? A K 101 ? 1_555 O6 ? A DG  10 ? A DG  10  ? 1_555 68.9  ? 
4   O6 ? A DG 4  ? A DG 4  ? 1_555 K ? B K . ? A K 101 ? 1_555 O6 ? A DG  10 ? A DG  10  ? 1_555 68.9  ? 
5   O6 ? A DG 4  ? A DG 4  ? 1_555 K ? B K . ? A K 101 ? 1_555 O6 ? A DG  10 ? A DG  10  ? 1_555 68.9  ? 
6   O6 ? A DG 10 ? A DG 10 ? 1_555 K ? B K . ? A K 101 ? 1_555 O6 ? A DG  10 ? A DG  10  ? 1_555 0.0   ? 
7   O6 ? A DG 4  ? A DG 4  ? 1_555 K ? B K . ? A K 101 ? 1_555 O6 ? A DG  16 ? A DG  16  ? 1_555 107.7 ? 
8   O6 ? A DG 4  ? A DG 4  ? 1_555 K ? B K . ? A K 101 ? 1_555 O6 ? A DG  16 ? A DG  16  ? 1_555 107.7 ? 
9   O6 ? A DG 10 ? A DG 10 ? 1_555 K ? B K . ? A K 101 ? 1_555 O6 ? A DG  16 ? A DG  16  ? 1_555 68.5  ? 
10  O6 ? A DG 10 ? A DG 10 ? 1_555 K ? B K . ? A K 101 ? 1_555 O6 ? A DG  16 ? A DG  16  ? 1_555 68.5  ? 
11  O6 ? A DG 4  ? A DG 4  ? 1_555 K ? B K . ? A K 101 ? 1_555 O6 ? A DG  16 ? A DG  16  ? 1_555 107.7 ? 
12  O6 ? A DG 4  ? A DG 4  ? 1_555 K ? B K . ? A K 101 ? 1_555 O6 ? A DG  16 ? A DG  16  ? 1_555 107.7 ? 
13  O6 ? A DG 10 ? A DG 10 ? 1_555 K ? B K . ? A K 101 ? 1_555 O6 ? A DG  16 ? A DG  16  ? 1_555 68.5  ? 
14  O6 ? A DG 10 ? A DG 10 ? 1_555 K ? B K . ? A K 101 ? 1_555 O6 ? A DG  16 ? A DG  16  ? 1_555 68.5  ? 
15  O6 ? A DG 16 ? A DG 16 ? 1_555 K ? B K . ? A K 101 ? 1_555 O6 ? A DG  16 ? A DG  16  ? 1_555 0.0   ? 
16  O6 ? A DG 4  ? A DG 4  ? 1_555 K ? B K . ? A K 101 ? 1_555 O6 ? A DG  22 ? A DG  22  ? 1_555 67.4  ? 
17  O6 ? A DG 4  ? A DG 4  ? 1_555 K ? B K . ? A K 101 ? 1_555 O6 ? A DG  22 ? A DG  22  ? 1_555 67.4  ? 
18  O6 ? A DG 10 ? A DG 10 ? 1_555 K ? B K . ? A K 101 ? 1_555 O6 ? A DG  22 ? A DG  22  ? 1_555 106.3 ? 
19  O6 ? A DG 10 ? A DG 10 ? 1_555 K ? B K . ? A K 101 ? 1_555 O6 ? A DG  22 ? A DG  22  ? 1_555 106.3 ? 
20  O6 ? A DG 16 ? A DG 16 ? 1_555 K ? B K . ? A K 101 ? 1_555 O6 ? A DG  22 ? A DG  22  ? 1_555 72.4  ? 
21  O6 ? A DG 16 ? A DG 16 ? 1_555 K ? B K . ? A K 101 ? 1_555 O6 ? A DG  22 ? A DG  22  ? 1_555 72.4  ? 
22  O6 ? A DG 4  ? A DG 4  ? 1_555 K ? B K . ? A K 101 ? 1_555 O6 ? A DG  22 ? A DG  22  ? 1_555 67.4  ? 
23  O6 ? A DG 4  ? A DG 4  ? 1_555 K ? B K . ? A K 101 ? 1_555 O6 ? A DG  22 ? A DG  22  ? 1_555 67.4  ? 
24  O6 ? A DG 10 ? A DG 10 ? 1_555 K ? B K . ? A K 101 ? 1_555 O6 ? A DG  22 ? A DG  22  ? 1_555 106.3 ? 
25  O6 ? A DG 10 ? A DG 10 ? 1_555 K ? B K . ? A K 101 ? 1_555 O6 ? A DG  22 ? A DG  22  ? 1_555 106.3 ? 
26  O6 ? A DG 16 ? A DG 16 ? 1_555 K ? B K . ? A K 101 ? 1_555 O6 ? A DG  22 ? A DG  22  ? 1_555 72.4  ? 
27  O6 ? A DG 16 ? A DG 16 ? 1_555 K ? B K . ? A K 101 ? 1_555 O6 ? A DG  22 ? A DG  22  ? 1_555 72.4  ? 
28  O6 ? A DG 22 ? A DG 22 ? 1_555 K ? B K . ? A K 101 ? 1_555 O6 ? A DG  22 ? A DG  22  ? 1_555 0.0   ? 
29  O6 ? A DG 4  ? A DG 4  ? 1_555 K ? C K . ? A K 102 ? 1_555 O6 ? A DG  5  ? A DG  5   ? 1_555 83.6  ? 
30  O6 ? A DG 4  ? A DG 4  ? 1_555 K ? C K . ? A K 102 ? 1_555 O6 ? A DG  10 ? A DG  10  ? 1_555 73.3  ? 
31  O6 ? A DG 5  ? A DG 5  ? 1_555 K ? C K . ? A K 102 ? 1_555 O6 ? A DG  10 ? A DG  10  ? 1_555 100.2 ? 
32  O6 ? A DG 4  ? A DG 4  ? 1_555 K ? C K . ? A K 102 ? 1_555 O6 ? A DG  11 ? A DG  11  ? 1_555 143.7 ? 
33  O6 ? A DG 5  ? A DG 5  ? 1_555 K ? C K . ? A K 102 ? 1_555 O6 ? A DG  11 ? A DG  11  ? 1_555 72.8  ? 
34  O6 ? A DG 10 ? A DG 10 ? 1_555 K ? C K . ? A K 102 ? 1_555 O6 ? A DG  11 ? A DG  11  ? 1_555 84.0  ? 
35  O6 ? A DG 4  ? A DG 4  ? 1_555 K ? C K . ? A K 102 ? 1_555 O6 ? A DG  16 ? A DG  16  ? 1_555 107.9 ? 
36  O6 ? A DG 5  ? A DG 5  ? 1_555 K ? C K . ? A K 102 ? 1_555 O6 ? A DG  16 ? A DG  16  ? 1_555 158.4 ? 
37  O6 ? A DG 10 ? A DG 10 ? 1_555 K ? C K . ? A K 102 ? 1_555 O6 ? A DG  16 ? A DG  16  ? 1_555 67.2  ? 
38  O6 ? A DG 11 ? A DG 11 ? 1_555 K ? C K . ? A K 102 ? 1_555 O6 ? A DG  16 ? A DG  16  ? 1_555 88.0  ? 
39  O6 ? A DG 4  ? A DG 4  ? 1_555 K ? C K . ? A K 102 ? 1_555 O6 ? A DG  17 ? A DG  17  ? 1_555 146.4 ? 
40  O6 ? A DG 5  ? A DG 5  ? 1_555 K ? C K . ? A K 102 ? 1_555 O6 ? A DG  17 ? A DG  17  ? 1_555 102.4 ? 
41  O6 ? A DG 10 ? A DG 10 ? 1_555 K ? C K . ? A K 102 ? 1_555 O6 ? A DG  17 ? A DG  17  ? 1_555 135.9 ? 
42  O6 ? A DG 11 ? A DG 11 ? 1_555 K ? C K . ? A K 102 ? 1_555 O6 ? A DG  17 ? A DG  17  ? 1_555 67.5  ? 
43  O6 ? A DG 16 ? A DG 16 ? 1_555 K ? C K . ? A K 102 ? 1_555 O6 ? A DG  17 ? A DG  17  ? 1_555 78.5  ? 
44  O6 ? A DG 4  ? A DG 4  ? 1_555 K ? C K . ? A K 102 ? 1_555 O6 ? A DG  22 ? A DG  22  ? 1_555 68.3  ? 
45  O6 ? A DG 5  ? A DG 5  ? 1_555 K ? C K . ? A K 102 ? 1_555 O6 ? A DG  22 ? A DG  22  ? 1_555 133.9 ? 
46  O6 ? A DG 10 ? A DG 10 ? 1_555 K ? C K . ? A K 102 ? 1_555 O6 ? A DG  22 ? A DG  22  ? 1_555 105.3 ? 
47  O6 ? A DG 11 ? A DG 11 ? 1_555 K ? C K . ? A K 102 ? 1_555 O6 ? A DG  22 ? A DG  22  ? 1_555 146.9 ? 
48  O6 ? A DG 16 ? A DG 16 ? 1_555 K ? C K . ? A K 102 ? 1_555 O6 ? A DG  22 ? A DG  22  ? 1_555 67.7  ? 
49  O6 ? A DG 17 ? A DG 17 ? 1_555 K ? C K . ? A K 102 ? 1_555 O6 ? A DG  22 ? A DG  22  ? 1_555 85.1  ? 
50  O6 ? A DG 4  ? A DG 4  ? 1_555 K ? C K . ? A K 102 ? 1_555 O6 ? A DG  23 ? A DG  23  ? 1_555 88.6  ? 
51  O6 ? A DG 5  ? A DG 5  ? 1_555 K ? C K . ? A K 102 ? 1_555 O6 ? A DG  23 ? A DG  23  ? 1_555 63.4  ? 
52  O6 ? A DG 10 ? A DG 10 ? 1_555 K ? C K . ? A K 102 ? 1_555 O6 ? A DG  23 ? A DG  23  ? 1_555 157.3 ? 
53  O6 ? A DG 11 ? A DG 11 ? 1_555 K ? C K . ? A K 102 ? 1_555 O6 ? A DG  23 ? A DG  23  ? 1_555 104.2 ? 
54  O6 ? A DG 16 ? A DG 16 ? 1_555 K ? C K . ? A K 102 ? 1_555 O6 ? A DG  23 ? A DG  23  ? 1_555 133.2 ? 
55  O6 ? A DG 17 ? A DG 17 ? 1_555 K ? C K . ? A K 102 ? 1_555 O6 ? A DG  23 ? A DG  23  ? 1_555 65.9  ? 
56  O6 ? A DG 22 ? A DG 22 ? 1_555 K ? C K . ? A K 102 ? 1_555 O6 ? A DG  23 ? A DG  23  ? 1_555 79.6  ? 
57  O6 ? A DG 5  ? A DG 5  ? 1_555 K ? D K . ? A K 103 ? 1_555 O6 ? A DG  6  ? A DG  6   ? 1_555 74.1  ? 
58  O6 ? A DG 5  ? A DG 5  ? 1_555 K ? D K . ? A K 103 ? 1_555 O6 ? A DG  11 ? A DG  11  ? 1_555 74.1  ? 
59  O6 ? A DG 6  ? A DG 6  ? 1_555 K ? D K . ? A K 103 ? 1_555 O6 ? A DG  11 ? A DG  11  ? 1_555 94.7  ? 
60  O6 ? A DG 5  ? A DG 5  ? 1_555 K ? D K . ? A K 103 ? 1_555 O6 ? A DG  12 ? A DG  12  ? 1_555 128.3 ? 
61  O6 ? A DG 6  ? A DG 6  ? 1_555 K ? D K . ? A K 103 ? 1_555 O6 ? A DG  12 ? A DG  12  ? 1_555 73.8  ? 
62  O6 ? A DG 11 ? A DG 11 ? 1_555 K ? D K . ? A K 103 ? 1_555 O6 ? A DG  12 ? A DG  12  ? 1_555 69.4  ? 
63  O6 ? A DG 5  ? A DG 5  ? 1_555 K ? D K . ? A K 103 ? 1_555 O6 ? A DG  17 ? A DG  17  ? 1_555 103.7 ? 
64  O6 ? A DG 6  ? A DG 6  ? 1_555 K ? D K . ? A K 103 ? 1_555 O6 ? A DG  17 ? A DG  17  ? 1_555 163.5 ? 
65  O6 ? A DG 11 ? A DG 11 ? 1_555 K ? D K . ? A K 103 ? 1_555 O6 ? A DG  17 ? A DG  17  ? 1_555 69.3  ? 
66  O6 ? A DG 12 ? A DG 12 ? 1_555 K ? D K . ? A K 103 ? 1_555 O6 ? A DG  17 ? A DG  17  ? 1_555 96.3  ? 
67  O6 ? A DG 5  ? A DG 5  ? 1_555 K ? D K . ? A K 103 ? 1_555 O6 ? A DG  18 ? A DG  18  ? 1_555 153.0 ? 
68  O6 ? A DG 6  ? A DG 6  ? 1_555 K ? D K . ? A K 103 ? 1_555 O6 ? A DG  18 ? A DG  18  ? 1_555 118.3 ? 
69  O6 ? A DG 11 ? A DG 11 ? 1_555 K ? D K . ? A K 103 ? 1_555 O6 ? A DG  18 ? A DG  18  ? 1_555 124.8 ? 
70  O6 ? A DG 12 ? A DG 12 ? 1_555 K ? D K . ? A K 103 ? 1_555 O6 ? A DG  18 ? A DG  18  ? 1_555 78.6  ? 
71  O6 ? A DG 17 ? A DG 17 ? 1_555 K ? D K . ? A K 103 ? 1_555 O6 ? A DG  18 ? A DG  18  ? 1_555 71.1  ? 
72  O6 ? A DG 5  ? A DG 5  ? 1_555 K ? D K . ? A K 103 ? 1_555 O6 ? A DG  23 ? A DG  23  ? 1_555 62.6  ? 
73  O6 ? A DG 6  ? A DG 6  ? 1_555 K ? D K . ? A K 103 ? 1_555 O6 ? A DG  23 ? A DG  23  ? 1_555 124.4 ? 
74  O6 ? A DG 11 ? A DG 11 ? 1_555 K ? D K . ? A K 103 ? 1_555 O6 ? A DG  23 ? A DG  23  ? 1_555 104.6 ? 
75  O6 ? A DG 12 ? A DG 12 ? 1_555 K ? D K . ? A K 103 ? 1_555 O6 ? A DG  23 ? A DG  23  ? 1_555 161.8 ? 
76  O6 ? A DG 17 ? A DG 17 ? 1_555 K ? D K . ? A K 103 ? 1_555 O6 ? A DG  23 ? A DG  23  ? 1_555 65.7  ? 
77  O6 ? A DG 18 ? A DG 18 ? 1_555 K ? D K . ? A K 103 ? 1_555 O6 ? A DG  23 ? A DG  23  ? 1_555 92.1  ? 
78  O6 ? A DG 5  ? A DG 5  ? 1_555 K ? D K . ? A K 103 ? 1_555 O6 ? A DG  24 ? A DG  24  ? 1_555 88.8  ? 
79  O6 ? A DG 6  ? A DG 6  ? 1_555 K ? D K . ? A K 103 ? 1_555 O6 ? A DG  24 ? A DG  24  ? 1_555 72.3  ? 
80  O6 ? A DG 11 ? A DG 11 ? 1_555 K ? D K . ? A K 103 ? 1_555 O6 ? A DG  24 ? A DG  24  ? 1_555 161.0 ? 
81  O6 ? A DG 12 ? A DG 12 ? 1_555 K ? D K . ? A K 103 ? 1_555 O6 ? A DG  24 ? A DG  24  ? 1_555 117.9 ? 
82  O6 ? A DG 17 ? A DG 17 ? 1_555 K ? D K . ? A K 103 ? 1_555 O6 ? A DG  24 ? A DG  24  ? 1_555 124.1 ? 
83  O6 ? A DG 18 ? A DG 18 ? 1_555 K ? D K . ? A K 103 ? 1_555 O6 ? A DG  24 ? A DG  24  ? 1_555 74.1  ? 
84  O6 ? A DG 23 ? A DG 23 ? 1_555 K ? D K . ? A K 103 ? 1_555 O6 ? A DG  24 ? A DG  24  ? 1_555 73.5  ? 
85  O6 ? A DG 6  ? A DG 6  ? 1_555 K ? E K . ? A K 104 ? 1_555 O6 ? A DG  7  ? A DG  7   ? 1_555 72.3  ? 
86  O6 ? A DG 6  ? A DG 6  ? 1_555 K ? E K . ? A K 104 ? 1_555 O6 ? A DG  12 ? A DG  12  ? 1_555 67.0  ? 
87  O6 ? A DG 7  ? A DG 7  ? 1_555 K ? E K . ? A K 104 ? 1_555 O6 ? A DG  12 ? A DG  12  ? 1_555 87.1  ? 
88  O6 ? A DG 6  ? A DG 6  ? 1_555 K ? E K . ? A K 104 ? 1_555 O6 ? A DG  13 ? A DG  13  ? 1_555 125.9 ? 
89  O6 ? A DG 7  ? A DG 7  ? 1_555 K ? E K . ? A K 104 ? 1_555 O6 ? A DG  13 ? A DG  13  ? 1_555 71.0  ? 
90  O6 ? A DG 12 ? A DG 12 ? 1_555 K ? E K . ? A K 104 ? 1_555 O6 ? A DG  13 ? A DG  13  ? 1_555 72.9  ? 
91  O6 ? A DG 6  ? A DG 6  ? 1_555 K ? E K . ? A K 104 ? 1_555 O6 ? A DG  18 ? A DG  18  ? 1_555 102.4 ? 
92  O6 ? A DG 7  ? A DG 7  ? 1_555 K ? E K . ? A K 104 ? 1_555 O6 ? A DG  18 ? A DG  18  ? 1_555 157.6 ? 
93  O6 ? A DG 12 ? A DG 12 ? 1_555 K ? E K . ? A K 104 ? 1_555 O6 ? A DG  18 ? A DG  18  ? 1_555 71.0  ? 
94  O6 ? A DG 13 ? A DG 13 ? 1_555 K ? E K . ? A K 104 ? 1_555 O6 ? A DG  18 ? A DG  18  ? 1_555 97.0  ? 
95  O6 ? A DG 6  ? A DG 6  ? 1_555 K ? E K . ? A K 104 ? 1_555 O6 ? A DG  19 ? A DG  19  ? 1_555 159.0 ? 
96  O6 ? A DG 7  ? A DG 7  ? 1_555 K ? E K . ? A K 104 ? 1_555 O6 ? A DG  19 ? A DG  19  ? 1_555 120.3 ? 
97  O6 ? A DG 12 ? A DG 12 ? 1_555 K ? E K . ? A K 104 ? 1_555 O6 ? A DG  19 ? A DG  19  ? 1_555 126.8 ? 
98  O6 ? A DG 13 ? A DG 13 ? 1_555 K ? E K . ? A K 104 ? 1_555 O6 ? A DG  19 ? A DG  19  ? 1_555 75.1  ? 
99  O6 ? A DG 18 ? A DG 18 ? 1_555 K ? E K . ? A K 104 ? 1_555 O6 ? A DG  19 ? A DG  19  ? 1_555 72.2  ? 
100 O6 ? A DG 6  ? A DG 6  ? 1_555 K ? E K . ? A K 104 ? 1_555 O6 ? A DG  24 ? A DG  24  ? 1_555 65.7  ? 
101 O6 ? A DG 7  ? A DG 7  ? 1_555 K ? E K . ? A K 104 ? 1_555 O6 ? A DG  24 ? A DG  24  ? 1_555 125.9 ? 
102 O6 ? A DG 12 ? A DG 12 ? 1_555 K ? E K . ? A K 104 ? 1_555 O6 ? A DG  24 ? A DG  24  ? 1_555 105.2 ? 
103 O6 ? A DG 13 ? A DG 13 ? 1_555 K ? E K . ? A K 104 ? 1_555 O6 ? A DG  24 ? A DG  24  ? 1_555 163.1 ? 
104 O6 ? A DG 18 ? A DG 18 ? 1_555 K ? E K . ? A K 104 ? 1_555 O6 ? A DG  24 ? A DG  24  ? 1_555 67.0  ? 
105 O6 ? A DG 19 ? A DG 19 ? 1_555 K ? E K . ? A K 104 ? 1_555 O6 ? A DG  24 ? A DG  24  ? 1_555 94.0  ? 
106 O6 ? A DG 6  ? A DG 6  ? 1_555 K ? E K . ? A K 104 ? 1_555 O6 ? A DG  25 ? A DG  25  ? 1_555 88.0  ? 
107 O6 ? A DG 7  ? A DG 7  ? 1_555 K ? E K . ? A K 104 ? 1_555 O6 ? A DG  25 ? A DG  25  ? 1_555 75.4  ? 
108 O6 ? A DG 12 ? A DG 12 ? 1_555 K ? E K . ? A K 104 ? 1_555 O6 ? A DG  25 ? A DG  25  ? 1_555 153.1 ? 
109 O6 ? A DG 13 ? A DG 13 ? 1_555 K ? E K . ? A K 104 ? 1_555 O6 ? A DG  25 ? A DG  25  ? 1_555 118.6 ? 
110 O6 ? A DG 18 ? A DG 18 ? 1_555 K ? E K . ? A K 104 ? 1_555 O6 ? A DG  25 ? A DG  25  ? 1_555 126.7 ? 
111 O6 ? A DG 19 ? A DG 19 ? 1_555 K ? E K . ? A K 104 ? 1_555 O6 ? A DG  25 ? A DG  25  ? 1_555 80.0  ? 
112 O6 ? A DG 24 ? A DG 24 ? 1_555 K ? E K . ? A K 104 ? 1_555 O6 ? A DG  25 ? A DG  25  ? 1_555 70.8  ? 
113 O6 ? A DG 6  ? A DG 6  ? 1_555 K ? E K . ? A K 104 ? 1_555 O  ? F HOH .  ? A HOH 203 ? 1_555 123.2 ? 
114 O6 ? A DG 7  ? A DG 7  ? 1_555 K ? E K . ? A K 104 ? 1_555 O  ? F HOH .  ? A HOH 203 ? 1_555 58.5  ? 
115 O6 ? A DG 12 ? A DG 12 ? 1_555 K ? E K . ? A K 104 ? 1_555 O  ? F HOH .  ? A HOH 203 ? 1_555 130.7 ? 
116 O6 ? A DG 13 ? A DG 13 ? 1_555 K ? E K . ? A K 104 ? 1_555 O  ? F HOH .  ? A HOH 203 ? 1_555 63.5  ? 
117 O6 ? A DG 18 ? A DG 18 ? 1_555 K ? E K . ? A K 104 ? 1_555 O  ? F HOH .  ? A HOH 203 ? 1_555 133.8 ? 
118 O6 ? A DG 19 ? A DG 19 ? 1_555 K ? E K . ? A K 104 ? 1_555 O  ? F HOH .  ? A HOH 203 ? 1_555 62.7  ? 
119 O6 ? A DG 24 ? A DG 24 ? 1_555 K ? E K . ? A K 104 ? 1_555 O  ? F HOH .  ? A HOH 203 ? 1_555 123.2 ? 
120 O6 ? A DG 25 ? A DG 25 ? 1_555 K ? E K . ? A K 104 ? 1_555 O  ? F HOH .  ? A HOH 203 ? 1_555 55.2  ? 
# 
_pdbx_struct_special_symmetry.id              1 
_pdbx_struct_special_symmetry.PDB_model_num   1 
_pdbx_struct_special_symmetry.auth_asym_id    A 
_pdbx_struct_special_symmetry.auth_comp_id    K 
_pdbx_struct_special_symmetry.auth_seq_id     101 
_pdbx_struct_special_symmetry.PDB_ins_code    ? 
_pdbx_struct_special_symmetry.label_asym_id   B 
_pdbx_struct_special_symmetry.label_comp_id   K 
_pdbx_struct_special_symmetry.label_seq_id    . 
# 
loop_
_space_group_symop.id 
_space_group_symop.operation_xyz 
1 x,y,z           
2 x,-y,-z         
3 -x,y+1/2,-z+1/2 
4 -x,-y+1/2,z+1/2 
# 
_pdbx_refine_tls.id               1 
_pdbx_refine_tls.pdbx_refine_id   'X-RAY DIFFRACTION' 
_pdbx_refine_tls.details          ? 
_pdbx_refine_tls.method           refined 
_pdbx_refine_tls.origin_x         0.03522562518 
_pdbx_refine_tls.origin_y         0.0474018733 
_pdbx_refine_tls.origin_z         0.03289812274 
_pdbx_refine_tls.T[1][1]          0.454319940760 
_pdbx_refine_tls.T[1][1]_esd      ? 
_pdbx_refine_tls.T[1][2]          0.013633203848 
_pdbx_refine_tls.T[1][2]_esd      ? 
_pdbx_refine_tls.T[1][3]          0.060800162512 
_pdbx_refine_tls.T[1][3]_esd      ? 
_pdbx_refine_tls.T[2][2]          0.440011349137 
_pdbx_refine_tls.T[2][2]_esd      ? 
_pdbx_refine_tls.T[2][3]          0.034888292617 
_pdbx_refine_tls.T[2][3]_esd      ? 
_pdbx_refine_tls.T[3][3]          0.384261773620 
_pdbx_refine_tls.T[3][3]_esd      ? 
_pdbx_refine_tls.L[1][1]          6.50000714063 
_pdbx_refine_tls.L[1][1]_esd      ? 
_pdbx_refine_tls.L[1][2]          0.660287313054 
_pdbx_refine_tls.L[1][2]_esd      ? 
_pdbx_refine_tls.L[1][3]          1.508605145157 
_pdbx_refine_tls.L[1][3]_esd      ? 
_pdbx_refine_tls.L[2][2]          7.04599330961 
_pdbx_refine_tls.L[2][2]_esd      ? 
_pdbx_refine_tls.L[2][3]          0.215639747764 
_pdbx_refine_tls.L[2][3]_esd      ? 
_pdbx_refine_tls.L[3][3]          6.22458301409 
_pdbx_refine_tls.L[3][3]_esd      ? 
_pdbx_refine_tls.S[1][1]          -0.015735397904 
_pdbx_refine_tls.S[1][1]_esd      ? 
_pdbx_refine_tls.S[1][2]          0.685962220991 
_pdbx_refine_tls.S[1][2]_esd      ? 
_pdbx_refine_tls.S[1][3]          -0.297534681880 
_pdbx_refine_tls.S[1][3]_esd      ? 
_pdbx_refine_tls.S[2][1]          -0.406064481599 
_pdbx_refine_tls.S[2][1]_esd      ? 
_pdbx_refine_tls.S[2][2]          -0.186602195860 
_pdbx_refine_tls.S[2][2]_esd      ? 
_pdbx_refine_tls.S[2][3]          -0.093512668024 
_pdbx_refine_tls.S[2][3]_esd      ? 
_pdbx_refine_tls.S[3][1]          0.337503108553 
_pdbx_refine_tls.S[3][1]_esd      ? 
_pdbx_refine_tls.S[3][2]          0.111567317330 
_pdbx_refine_tls.S[3][2]_esd      ? 
_pdbx_refine_tls.S[3][3]          0.186234198548 
_pdbx_refine_tls.S[3][3]_esd      ? 
# 
_pdbx_refine_tls_group.id                  1 
_pdbx_refine_tls_group.pdbx_refine_id      'X-RAY DIFFRACTION' 
_pdbx_refine_tls_group.refine_tls_id       1 
_pdbx_refine_tls_group.beg_label_asym_id   A 
_pdbx_refine_tls_group.beg_label_seq_id    ? 
_pdbx_refine_tls_group.beg_auth_asym_id    A 
_pdbx_refine_tls_group.beg_auth_seq_id     1 
_pdbx_refine_tls_group.beg_PDB_ins_code    ? 
_pdbx_refine_tls_group.end_label_asym_id   F 
_pdbx_refine_tls_group.end_label_seq_id    ? 
_pdbx_refine_tls_group.end_auth_asym_id    B 
_pdbx_refine_tls_group.end_auth_seq_id     66 
_pdbx_refine_tls_group.end_PDB_ins_code    ? 
_pdbx_refine_tls_group.selection           ? 
_pdbx_refine_tls_group.selection_details   all 
# 
_pdbx_entry_details.entry_id                 7JKU 
_pdbx_entry_details.nonpolymer_details       ? 
_pdbx_entry_details.sequence_details         ? 
_pdbx_entry_details.compound_details         ? 
_pdbx_entry_details.source_details           ? 
_pdbx_entry_details.has_ligand_of_interest   N 
# 
loop_
_chem_comp_atom.comp_id 
_chem_comp_atom.atom_id 
_chem_comp_atom.type_symbol 
_chem_comp_atom.pdbx_aromatic_flag 
_chem_comp_atom.pdbx_stereo_config 
_chem_comp_atom.pdbx_ordinal 
DG  OP3    O N N 1  
DG  P      P N N 2  
DG  OP1    O N N 3  
DG  OP2    O N N 4  
DG  "O5'"  O N N 5  
DG  "C5'"  C N N 6  
DG  "C4'"  C N R 7  
DG  "O4'"  O N N 8  
DG  "C3'"  C N S 9  
DG  "O3'"  O N N 10 
DG  "C2'"  C N N 11 
DG  "C1'"  C N R 12 
DG  N9     N Y N 13 
DG  C8     C Y N 14 
DG  N7     N Y N 15 
DG  C5     C Y N 16 
DG  C6     C N N 17 
DG  O6     O N N 18 
DG  N1     N N N 19 
DG  C2     C N N 20 
DG  N2     N N N 21 
DG  N3     N N N 22 
DG  C4     C Y N 23 
DG  HOP3   H N N 24 
DG  HOP2   H N N 25 
DG  "H5'"  H N N 26 
DG  "H5''" H N N 27 
DG  "H4'"  H N N 28 
DG  "H3'"  H N N 29 
DG  "HO3'" H N N 30 
DG  "H2'"  H N N 31 
DG  "H2''" H N N 32 
DG  "H1'"  H N N 33 
DG  H8     H N N 34 
DG  H1     H N N 35 
DG  H21    H N N 36 
DG  H22    H N N 37 
DT  OP3    O N N 38 
DT  P      P N N 39 
DT  OP1    O N N 40 
DT  OP2    O N N 41 
DT  "O5'"  O N N 42 
DT  "C5'"  C N N 43 
DT  "C4'"  C N R 44 
DT  "O4'"  O N N 45 
DT  "C3'"  C N S 46 
DT  "O3'"  O N N 47 
DT  "C2'"  C N N 48 
DT  "C1'"  C N R 49 
DT  N1     N N N 50 
DT  C2     C N N 51 
DT  O2     O N N 52 
DT  N3     N N N 53 
DT  C4     C N N 54 
DT  O4     O N N 55 
DT  C5     C N N 56 
DT  C7     C N N 57 
DT  C6     C N N 58 
DT  HOP3   H N N 59 
DT  HOP2   H N N 60 
DT  "H5'"  H N N 61 
DT  "H5''" H N N 62 
DT  "H4'"  H N N 63 
DT  "H3'"  H N N 64 
DT  "HO3'" H N N 65 
DT  "H2'"  H N N 66 
DT  "H2''" H N N 67 
DT  "H1'"  H N N 68 
DT  H3     H N N 69 
DT  H71    H N N 70 
DT  H72    H N N 71 
DT  H73    H N N 72 
DT  H6     H N N 73 
HOH O      O N N 74 
HOH H1     H N N 75 
HOH H2     H N N 76 
K   K      K N N 77 
# 
loop_
_chem_comp_bond.comp_id 
_chem_comp_bond.atom_id_1 
_chem_comp_bond.atom_id_2 
_chem_comp_bond.value_order 
_chem_comp_bond.pdbx_aromatic_flag 
_chem_comp_bond.pdbx_stereo_config 
_chem_comp_bond.pdbx_ordinal 
DG  OP3   P      sing N N 1  
DG  OP3   HOP3   sing N N 2  
DG  P     OP1    doub N N 3  
DG  P     OP2    sing N N 4  
DG  P     "O5'"  sing N N 5  
DG  OP2   HOP2   sing N N 6  
DG  "O5'" "C5'"  sing N N 7  
DG  "C5'" "C4'"  sing N N 8  
DG  "C5'" "H5'"  sing N N 9  
DG  "C5'" "H5''" sing N N 10 
DG  "C4'" "O4'"  sing N N 11 
DG  "C4'" "C3'"  sing N N 12 
DG  "C4'" "H4'"  sing N N 13 
DG  "O4'" "C1'"  sing N N 14 
DG  "C3'" "O3'"  sing N N 15 
DG  "C3'" "C2'"  sing N N 16 
DG  "C3'" "H3'"  sing N N 17 
DG  "O3'" "HO3'" sing N N 18 
DG  "C2'" "C1'"  sing N N 19 
DG  "C2'" "H2'"  sing N N 20 
DG  "C2'" "H2''" sing N N 21 
DG  "C1'" N9     sing N N 22 
DG  "C1'" "H1'"  sing N N 23 
DG  N9    C8     sing Y N 24 
DG  N9    C4     sing Y N 25 
DG  C8    N7     doub Y N 26 
DG  C8    H8     sing N N 27 
DG  N7    C5     sing Y N 28 
DG  C5    C6     sing N N 29 
DG  C5    C4     doub Y N 30 
DG  C6    O6     doub N N 31 
DG  C6    N1     sing N N 32 
DG  N1    C2     sing N N 33 
DG  N1    H1     sing N N 34 
DG  C2    N2     sing N N 35 
DG  C2    N3     doub N N 36 
DG  N2    H21    sing N N 37 
DG  N2    H22    sing N N 38 
DG  N3    C4     sing N N 39 
DT  OP3   P      sing N N 40 
DT  OP3   HOP3   sing N N 41 
DT  P     OP1    doub N N 42 
DT  P     OP2    sing N N 43 
DT  P     "O5'"  sing N N 44 
DT  OP2   HOP2   sing N N 45 
DT  "O5'" "C5'"  sing N N 46 
DT  "C5'" "C4'"  sing N N 47 
DT  "C5'" "H5'"  sing N N 48 
DT  "C5'" "H5''" sing N N 49 
DT  "C4'" "O4'"  sing N N 50 
DT  "C4'" "C3'"  sing N N 51 
DT  "C4'" "H4'"  sing N N 52 
DT  "O4'" "C1'"  sing N N 53 
DT  "C3'" "O3'"  sing N N 54 
DT  "C3'" "C2'"  sing N N 55 
DT  "C3'" "H3'"  sing N N 56 
DT  "O3'" "HO3'" sing N N 57 
DT  "C2'" "C1'"  sing N N 58 
DT  "C2'" "H2'"  sing N N 59 
DT  "C2'" "H2''" sing N N 60 
DT  "C1'" N1     sing N N 61 
DT  "C1'" "H1'"  sing N N 62 
DT  N1    C2     sing N N 63 
DT  N1    C6     sing N N 64 
DT  C2    O2     doub N N 65 
DT  C2    N3     sing N N 66 
DT  N3    C4     sing N N 67 
DT  N3    H3     sing N N 68 
DT  C4    O4     doub N N 69 
DT  C4    C5     sing N N 70 
DT  C5    C7     sing N N 71 
DT  C5    C6     doub N N 72 
DT  C7    H71    sing N N 73 
DT  C7    H72    sing N N 74 
DT  C7    H73    sing N N 75 
DT  C6    H6     sing N N 76 
HOH O     H1     sing N N 77 
HOH O     H2     sing N N 78 
# 
loop_
_ndb_struct_conf_na.entry_id 
_ndb_struct_conf_na.feature 
7JKU 'double helix'    
7JKU 'quadruple helix' 
# 
loop_
_ndb_struct_na_base_pair.model_number 
_ndb_struct_na_base_pair.i_label_asym_id 
_ndb_struct_na_base_pair.i_label_comp_id 
_ndb_struct_na_base_pair.i_label_seq_id 
_ndb_struct_na_base_pair.i_symmetry 
_ndb_struct_na_base_pair.j_label_asym_id 
_ndb_struct_na_base_pair.j_label_comp_id 
_ndb_struct_na_base_pair.j_label_seq_id 
_ndb_struct_na_base_pair.j_symmetry 
_ndb_struct_na_base_pair.shear 
_ndb_struct_na_base_pair.stretch 
_ndb_struct_na_base_pair.stagger 
_ndb_struct_na_base_pair.buckle 
_ndb_struct_na_base_pair.propeller 
_ndb_struct_na_base_pair.opening 
_ndb_struct_na_base_pair.pair_number 
_ndb_struct_na_base_pair.pair_name 
_ndb_struct_na_base_pair.i_auth_asym_id 
_ndb_struct_na_base_pair.i_auth_seq_id 
_ndb_struct_na_base_pair.i_PDB_ins_code 
_ndb_struct_na_base_pair.j_auth_asym_id 
_ndb_struct_na_base_pair.j_auth_seq_id 
_ndb_struct_na_base_pair.j_PDB_ins_code 
_ndb_struct_na_base_pair.hbond_type_28 
_ndb_struct_na_base_pair.hbond_type_12 
1 A DG 6  1_555 A DG 12 1_555 1.706  3.164  0.000  2.553  -3.274 -88.722 1 A_DG6:DG12_A  A 6  ? A 12 ? 6 3 
1 A DG 7  1_555 A DG 13 1_555 1.466  3.345  -0.039 2.175  -6.696 -88.133 2 A_DG7:DG13_A  A 7  ? A 13 ? 6 3 
1 A DG 25 1_555 A DG 19 1_555 -1.799 -3.392 -0.071 -3.865 14.301 89.213  3 A_DG25:DG19_A A 25 ? A 19 ? 6 3 
1 A DG 24 1_555 A DG 18 1_555 -1.586 -3.502 -0.007 -1.805 5.909  90.871  4 A_DG24:DG18_A A 24 ? A 18 ? 6 3 
1 A DG 23 1_555 A DG 17 1_555 -1.332 -3.474 -0.085 5.320  4.292  90.900  5 A_DG23:DG17_A A 23 ? A 17 ? 6 3 
1 A DG 4  1_555 A DG 22 1_555 -1.365 -3.466 0.041  1.637  1.217  90.399  6 A_DG4:DG22_A  A 4  ? A 22 ? 6 3 
1 A DG 10 1_555 A DG 16 1_555 1.445  3.445  0.022  -0.414 0.088  -90.672 7 A_DG10:DG16_A A 10 ? A 16 ? 6 3 
1 A DG 11 1_555 A DG 5  1_555 -1.662 -3.234 0.031  3.136  -1.783 89.424  8 A_DG11:DG5_A  A 11 ? A 5  ? 6 3 
# 
loop_
_ndb_struct_na_base_pair_step.model_number 
_ndb_struct_na_base_pair_step.i_label_asym_id_1 
_ndb_struct_na_base_pair_step.i_label_comp_id_1 
_ndb_struct_na_base_pair_step.i_label_seq_id_1 
_ndb_struct_na_base_pair_step.i_symmetry_1 
_ndb_struct_na_base_pair_step.j_label_asym_id_1 
_ndb_struct_na_base_pair_step.j_label_comp_id_1 
_ndb_struct_na_base_pair_step.j_label_seq_id_1 
_ndb_struct_na_base_pair_step.j_symmetry_1 
_ndb_struct_na_base_pair_step.i_label_asym_id_2 
_ndb_struct_na_base_pair_step.i_label_comp_id_2 
_ndb_struct_na_base_pair_step.i_label_seq_id_2 
_ndb_struct_na_base_pair_step.i_symmetry_2 
_ndb_struct_na_base_pair_step.j_label_asym_id_2 
_ndb_struct_na_base_pair_step.j_label_comp_id_2 
_ndb_struct_na_base_pair_step.j_label_seq_id_2 
_ndb_struct_na_base_pair_step.j_symmetry_2 
_ndb_struct_na_base_pair_step.shift 
_ndb_struct_na_base_pair_step.slide 
_ndb_struct_na_base_pair_step.rise 
_ndb_struct_na_base_pair_step.tilt 
_ndb_struct_na_base_pair_step.roll 
_ndb_struct_na_base_pair_step.twist 
_ndb_struct_na_base_pair_step.x_displacement 
_ndb_struct_na_base_pair_step.y_displacement 
_ndb_struct_na_base_pair_step.helical_rise 
_ndb_struct_na_base_pair_step.inclination 
_ndb_struct_na_base_pair_step.tip 
_ndb_struct_na_base_pair_step.helical_twist 
_ndb_struct_na_base_pair_step.step_number 
_ndb_struct_na_base_pair_step.step_name 
_ndb_struct_na_base_pair_step.i_auth_asym_id_1 
_ndb_struct_na_base_pair_step.i_auth_seq_id_1 
_ndb_struct_na_base_pair_step.i_PDB_ins_code_1 
_ndb_struct_na_base_pair_step.j_auth_asym_id_1 
_ndb_struct_na_base_pair_step.j_auth_seq_id_1 
_ndb_struct_na_base_pair_step.j_PDB_ins_code_1 
_ndb_struct_na_base_pair_step.i_auth_asym_id_2 
_ndb_struct_na_base_pair_step.i_auth_seq_id_2 
_ndb_struct_na_base_pair_step.i_PDB_ins_code_2 
_ndb_struct_na_base_pair_step.j_auth_asym_id_2 
_ndb_struct_na_base_pair_step.j_auth_seq_id_2 
_ndb_struct_na_base_pair_step.j_PDB_ins_code_2 
1 A DG 6  1_555 A DG 12 1_555 A DG 7  1_555 A DG 13 1_555 -0.668 -0.525 3.088  2.538  4.866   23.256   -2.724 2.373 2.832  11.861 
-6.186 23.886   1 AA_DG6DG7:DG13DG12_AA   A 6  ? A 12 ? A 7  ? A 13 ? 
1 A DG 7  1_555 A DG 13 1_555 A DG 25 1_555 A DG 19 1_555 1.629  3.352  -0.062 14.491 -10.390 -178.499 -1.676 0.814 -0.060 5.195  
7.246  -178.517 2 AA_DG7DG25:DG19DG13_AA  A 7  ? A 13 ? A 25 ? A 19 ? 
1 A DG 25 1_555 A DG 19 1_555 A DG 24 1_555 A DG 18 1_555 0.582  0.667  -3.130 -0.176 -5.049  -26.196  -2.681 1.304 -2.948 11.010 
-0.383 -26.671  3 AA_DG25DG24:DG18DG19_AA A 25 ? A 19 ? A 24 ? A 18 ? 
1 A DG 24 1_555 A DG 18 1_555 A DG 23 1_555 A DG 17 1_555 0.531  0.586  -3.177 -0.372 -4.498  -23.615  -2.789 1.389 -3.006 10.863 
-0.898 -24.036  4 AA_DG24DG23:DG17DG18_AA A 24 ? A 18 ? A 23 ? A 17 ? 
1 A DG 23 1_555 A DG 17 1_555 A DG 4  1_555 A DG 22 1_555 -0.540 -1.578 -3.187 -0.128 -0.885  52.466   -1.841 0.619 -3.161 -1.001 
0.145  52.473   5 AA_DG23DG4:DG22DG17_AA  A 23 ? A 17 ? A 4  ? A 22 ? 
1 A DG 10 1_555 A DG 16 1_555 A DG 11 1_555 A DG 5  1_555 0.860  1.336  3.347  -2.180 -1.912  -52.290  -1.383 0.826 3.421  2.168  
-2.472 -52.364  6 AA_DG10DG11:DG5DG16_AA  A 10 ? A 16 ? A 11 ? A 5  ? 
# 
_pdbx_audit_support.funding_organization   'National Institutes of Health/National Cancer Institute (NIH/NCI)' 
_pdbx_audit_support.country                'United States' 
_pdbx_audit_support.grant_number           1R15CA208676-01A1 
_pdbx_audit_support.ordinal                1 
# 
_pdbx_initial_refinement_model.accession_code   ? 
_pdbx_initial_refinement_model.id               1 
_pdbx_initial_refinement_model.entity_id_list   ? 
_pdbx_initial_refinement_model.type             'experimental model' 
_pdbx_initial_refinement_model.source_name      Other 
_pdbx_initial_refinement_model.details          TEL26-1 
# 
_space_group.name_H-M_alt     'P 2 21 21' 
_space_group.name_Hall        'P 2 2ab (z,x,y)' 
_space_group.IT_number        18 
_space_group.crystal_system   orthorhombic 
_space_group.id               1 
# 
_atom_sites.entry_id                    7JKU 
_atom_sites.Cartn_transf_matrix[1][1]   ? 
_atom_sites.Cartn_transf_matrix[1][2]   ? 
_atom_sites.Cartn_transf_matrix[1][3]   ? 
_atom_sites.Cartn_transf_matrix[2][1]   ? 
_atom_sites.Cartn_transf_matrix[2][2]   ? 
_atom_sites.Cartn_transf_matrix[2][3]   ? 
_atom_sites.Cartn_transf_matrix[3][1]   ? 
_atom_sites.Cartn_transf_matrix[3][2]   ? 
_atom_sites.Cartn_transf_matrix[3][3]   ? 
_atom_sites.Cartn_transf_vector[1]      ? 
_atom_sites.Cartn_transf_vector[2]      ? 
_atom_sites.Cartn_transf_vector[3]      ? 
_atom_sites.fract_transf_matrix[1][1]   -0.02567232 
_atom_sites.fract_transf_matrix[1][2]   0.01010693 
_atom_sites.fract_transf_matrix[1][3]   -0.01458711 
_atom_sites.fract_transf_matrix[2][1]   0.01448280 
_atom_sites.fract_transf_matrix[2][2]   0.01008103 
_atom_sites.fract_transf_matrix[2][3]   -0.01850392 
_atom_sites.fract_transf_matrix[3][1]   -0.00084854 
_atom_sites.fract_transf_matrix[3][2]   -0.01457173 
_atom_sites.fract_transf_matrix[3][3]   -0.00860290 
_atom_sites.fract_transf_vector[1]      -0.128334 
_atom_sites.fract_transf_vector[2]      -0.410720 
_atom_sites.fract_transf_vector[3]      0.113381 
_atom_sites.solution_primary            ? 
_atom_sites.solution_secondary          ? 
_atom_sites.solution_hydrogens          ? 
_atom_sites.special_details             ? 
# 
loop_
_atom_type.symbol 
_atom_type.scat_dispersion_real 
_atom_type.scat_dispersion_imag 
_atom_type.scat_Cromer_Mann_a1 
_atom_type.scat_Cromer_Mann_a2 
_atom_type.scat_Cromer_Mann_a3 
_atom_type.scat_Cromer_Mann_a4 
_atom_type.scat_Cromer_Mann_b1 
_atom_type.scat_Cromer_Mann_b2 
_atom_type.scat_Cromer_Mann_b3 
_atom_type.scat_Cromer_Mann_b4 
_atom_type.scat_Cromer_Mann_c 
_atom_type.scat_source 
_atom_type.scat_dispersion_source 
C ? ? 3.54356  2.42580 ? ? 25.62398 1.50364  ? ? 0.0 
;2-Gaussian fit: Grosse-Kunstleve RW, Sauter NK, Adams PD: Newsletter of the IUCr Commission on Crystallographic Computing 2004, 3, 22-31.
;
? 
K ? ? 16.37977 2.54835 ? ? 4.54127  84.28225 ? ? 0.0 
;2-Gaussian fit: Grosse-Kunstleve RW, Sauter NK, Adams PD: Newsletter of the IUCr Commission on Crystallographic Computing 2004, 3, 22-31.
;
? 
N ? ? 4.01032  2.96436 ? ? 19.97189 1.75589  ? ? 0.0 
;2-Gaussian fit: Grosse-Kunstleve RW, Sauter NK, Adams PD: Newsletter of the IUCr Commission on Crystallographic Computing 2004, 3, 22-31.
;
? 
O ? ? 4.49882  3.47563 ? ? 15.80542 1.70748  ? ? 0.0 
;2-Gaussian fit: Grosse-Kunstleve RW, Sauter NK, Adams PD: Newsletter of the IUCr Commission on Crystallographic Computing 2004, 3, 22-31.
;
? 
P ? ? 9.51135  5.44231 ? ? 1.42069  35.72801 ? ? 0.0 
;2-Gaussian fit: Grosse-Kunstleve RW, Sauter NK, Adams PD: Newsletter of the IUCr Commission on Crystallographic Computing 2004, 3, 22-31.
;
? 
# 
loop_
_atom_site.group_PDB 
_atom_site.id 
_atom_site.type_symbol 
_atom_site.label_atom_id 
_atom_site.label_alt_id 
_atom_site.label_comp_id 
_atom_site.label_asym_id 
_atom_site.label_entity_id 
_atom_site.label_seq_id 
_atom_site.pdbx_PDB_ins_code 
_atom_site.Cartn_x 
_atom_site.Cartn_y 
_atom_site.Cartn_z 
_atom_site.occupancy 
_atom_site.B_iso_or_equiv 
_atom_site.pdbx_formal_charge 
_atom_site.auth_seq_id 
_atom_site.auth_comp_id 
_atom_site.auth_asym_id 
_atom_site.auth_atom_id 
_atom_site.pdbx_PDB_model_num 
ATOM   1   O "O5'" . DG  A 1 1  ? -19.56946 -11.01386 -4.22492  1.000 114.14539 ? 1   DG  A "O5'" 1 
ATOM   2   C "C5'" . DG  A 1 1  ? -19.55996 -9.79638  -3.48662  1.000 116.96461 ? 1   DG  A "C5'" 1 
ATOM   3   C "C4'" . DG  A 1 1  ? -19.06004 -10.03004 -2.07397  1.000 102.96998 ? 1   DG  A "C4'" 1 
ATOM   4   O "O4'" . DG  A 1 1  ? -18.87014 -11.46171 -1.85656  1.000 90.91698  ? 1   DG  A "O4'" 1 
ATOM   5   C "C3'" . DG  A 1 1  ? -17.70002 -9.42393  -1.76172  1.000 106.33067 ? 1   DG  A "C3'" 1 
ATOM   6   O "O3'" . DG  A 1 1  ? -17.79731 -8.01595  -1.40428  1.000 110.12615 ? 1   DG  A "O3'" 1 
ATOM   7   C "C2'" . DG  A 1 1  ? -17.23868 -10.32709 -0.62861  1.000 93.73736  ? 1   DG  A "C2'" 1 
ATOM   8   C "C1'" . DG  A 1 1  ? -17.61675 -11.67478 -1.22222  1.000 85.79884  ? 1   DG  A "C1'" 1 
ATOM   9   N N9    . DG  A 1 1  ? -16.65806 -12.12138 -2.23358  1.000 92.24890  ? 1   DG  A N9    1 
ATOM   10  C C8    . DG  A 1 1  ? -16.82369 -12.10597 -3.59995  1.000 92.72980  ? 1   DG  A C8    1 
ATOM   11  N N7    . DG  A 1 1  ? -15.78527 -12.54447 -4.25569  1.000 94.75006  ? 1   DG  A N7    1 
ATOM   12  C C5    . DG  A 1 1  ? -14.86704 -12.86429 -3.26431  1.000 90.04098  ? 1   DG  A C5    1 
ATOM   13  C C6    . DG  A 1 1  ? -13.55840 -13.38857 -3.37220  1.000 86.31005  ? 1   DG  A C6    1 
ATOM   14  O O6    . DG  A 1 1  ? -12.93465 -13.68252 -4.39871  1.000 95.12475  ? 1   DG  A O6    1 
ATOM   15  N N1    . DG  A 1 1  ? -12.96760 -13.56783 -2.12405  1.000 78.91313  ? 1   DG  A N1    1 
ATOM   16  C C2    . DG  A 1 1  ? -13.56930 -13.28183 -0.92309  1.000 82.94945  ? 1   DG  A C2    1 
ATOM   17  N N2    . DG  A 1 1  ? -12.84318 -13.52675 0.17835   1.000 82.97615  ? 1   DG  A N2    1 
ATOM   18  N N3    . DG  A 1 1  ? -14.79775 -12.78890 -0.80660  1.000 88.81568  ? 1   DG  A N3    1 
ATOM   19  C C4    . DG  A 1 1  ? -15.38498 -12.60553 -2.01452  1.000 90.08590  ? 1   DG  A C4    1 
ATOM   20  P P     . DT  A 1 2  ? -18.19595 -7.51942  0.07515   1.000 109.76463 ? 2   DT  A P     1 
ATOM   21  O OP1   . DT  A 1 2  ? -19.32909 -8.32898  0.56608   1.000 102.16443 ? 2   DT  A OP1   1 
ATOM   22  O OP2   . DT  A 1 2  ? -18.31885 -6.04630  0.01862   1.000 103.82074 ? 2   DT  A OP2   1 
ATOM   23  O "O5'" . DT  A 1 2  ? -16.91108 -7.81595  0.97179   1.000 88.13846  ? 2   DT  A "O5'" 1 
ATOM   24  C "C5'" . DT  A 1 2  ? -17.08477 -8.32971  2.28308   1.000 93.06240  ? 2   DT  A "C5'" 1 
ATOM   25  C "C4'" . DT  A 1 2  ? -15.74877 -8.49867  2.96551   1.000 77.02772  ? 2   DT  A "C4'" 1 
ATOM   26  O "O4'" . DT  A 1 2  ? -14.95379 -9.45567  2.22299   1.000 88.30631  ? 2   DT  A "O4'" 1 
ATOM   27  C "C3'" . DT  A 1 2  ? -14.92733 -7.21938  3.05383   1.000 87.25576  ? 2   DT  A "C3'" 1 
ATOM   28  O "O3'" . DT  A 1 2  ? -14.46510 -7.02719  4.37102   1.000 85.05774  ? 2   DT  A "O3'" 1 
ATOM   29  C "C2'" . DT  A 1 2  ? -13.77572 -7.43785  2.07352   1.000 78.15609  ? 2   DT  A "C2'" 1 
ATOM   30  C "C1'" . DT  A 1 2  ? -13.65856 -8.95051  2.01756   1.000 69.72705  ? 2   DT  A "C1'" 1 
ATOM   31  N N1    . DT  A 1 2  ? -13.17400 -9.44468  0.69981   1.000 79.96238  ? 2   DT  A N1    1 
ATOM   32  C C2    . DT  A 1 2  ? -12.01845 -10.19122 0.64059   1.000 82.24905  ? 2   DT  A C2    1 
ATOM   33  O O2    . DT  A 1 2  ? -11.35851 -10.48274 1.62338   1.000 87.59117  ? 2   DT  A O2    1 
ATOM   34  N N3    . DT  A 1 2  ? -11.65900 -10.58867 -0.62008  1.000 77.68320  ? 2   DT  A N3    1 
ATOM   35  C C4    . DT  A 1 2  ? -12.32268 -10.31786 -1.80235  1.000 77.90074  ? 2   DT  A C4    1 
ATOM   36  O O4    . DT  A 1 2  ? -11.91965 -10.72382 -2.88817  1.000 84.24300  ? 2   DT  A O4    1 
ATOM   37  C C5    . DT  A 1 2  ? -13.52674 -9.52921  -1.66952  1.000 81.43853  ? 2   DT  A C5    1 
ATOM   38  C C7    . DT  A 1 2  ? -14.33340 -9.17514  -2.88267  1.000 83.56076  ? 2   DT  A C7    1 
ATOM   39  C C6    . DT  A 1 2  ? -13.88825 -9.13402  -0.43988  1.000 80.70235  ? 2   DT  A C6    1 
ATOM   40  P P     . DT  A 1 3  ? -13.73666 -5.65255  4.76089   1.000 92.05893  ? 3   DT  A P     1 
ATOM   41  O OP1   . DT  A 1 3  ? -14.05163 -5.38274  6.18191   1.000 113.21452 ? 3   DT  A OP1   1 
ATOM   42  O OP2   . DT  A 1 3  ? -14.07759 -4.64649  3.73134   1.000 92.13685  ? 3   DT  A OP2   1 
ATOM   43  O "O5'" . DT  A 1 3  ? -12.18292 -5.99112  4.60901   1.000 70.50223  ? 3   DT  A "O5'" 1 
ATOM   44  C "C5'" . DT  A 1 3  ? -11.57794 -6.91249  5.49707   1.000 80.45562  ? 3   DT  A "C5'" 1 
ATOM   45  C "C4'" . DT  A 1 3  ? -10.19707 -7.30159  5.01435   1.000 81.49295  ? 3   DT  A "C4'" 1 
ATOM   46  O "O4'" . DT  A 1 3  ? -10.30571 -8.00543  3.77240   1.000 80.20419  ? 3   DT  A "O4'" 1 
ATOM   47  C "C3'" . DT  A 1 3  ? -9.27419  -6.13947  4.71235   1.000 71.10079  ? 3   DT  A "C3'" 1 
ATOM   48  O "O3'" . DT  A 1 3  ? -8.57071  -5.77404  5.89614   1.000 75.08937  ? 3   DT  A "O3'" 1 
ATOM   49  C "C2'" . DT  A 1 3  ? -8.32685  -6.70429  3.64162   1.000 78.25541  ? 3   DT  A "C2'" 1 
ATOM   50  C "C1'" . DT  A 1 3  ? -9.06611  -7.94159  3.11031   1.000 68.59020  ? 3   DT  A "C1'" 1 
ATOM   51  N N1    . DT  A 1 3  ? -9.32746  -7.90804  1.64688   1.000 70.15645  ? 3   DT  A N1    1 
ATOM   52  C C2    . DT  A 1 3  ? -8.60319  -8.72674  0.81612   1.000 74.33763  ? 3   DT  A C2    1 
ATOM   53  O O2    . DT  A 1 3  ? -7.73619  -9.48335  1.21427   1.000 80.00127  ? 3   DT  A O2    1 
ATOM   54  N N3    . DT  A 1 3  ? -8.92761  -8.62646  -0.50937  1.000 76.83161  ? 3   DT  A N3    1 
ATOM   55  C C4    . DT  A 1 3  ? -9.88975  -7.80935  -1.07442  1.000 73.52014  ? 3   DT  A C4    1 
ATOM   56  O O4    . DT  A 1 3  ? -10.10934 -7.79116  -2.28113  1.000 84.87719  ? 3   DT  A O4    1 
ATOM   57  C C5    . DT  A 1 3  ? -10.61585 -6.97910  -0.14625  1.000 74.26056  ? 3   DT  A C5    1 
ATOM   58  C C7    . DT  A 1 3  ? -11.68262 -6.04917  -0.64294  1.000 74.84386  ? 3   DT  A C7    1 
ATOM   59  C C6    . DT  A 1 3  ? -10.30466 -7.06819  1.15484   1.000 74.15439  ? 3   DT  A C6    1 
ATOM   60  P P     . DG  A 1 4  ? -7.62410  -4.47719  5.92478   1.000 85.09743  ? 4   DG  A P     1 
ATOM   61  O OP1   . DG  A 1 4  ? -6.33594  -4.80222  5.27413   1.000 78.26261  ? 4   DG  A OP1   1 
ATOM   62  O OP2   . DG  A 1 4  ? -7.64433  -3.96499  7.31240   1.000 85.07563  ? 4   DG  A OP2   1 
ATOM   63  O "O5'" . DG  A 1 4  ? -8.37563  -3.43376  4.98643   1.000 70.93292  ? 4   DG  A "O5'" 1 
ATOM   64  C "C5'" . DG  A 1 4  ? -9.50785  -2.73700  5.46761   1.000 73.08925  ? 4   DG  A "C5'" 1 
ATOM   65  C "C4'" . DG  A 1 4  ? -9.64347  -1.40958  4.75684   1.000 61.02526  ? 4   DG  A "C4'" 1 
ATOM   66  O "O4'" . DG  A 1 4  ? -8.58007  -0.52221  5.18744   1.000 60.27736  ? 4   DG  A "O4'" 1 
ATOM   67  C "C3'" . DG  A 1 4  ? -9.52887  -1.47556  3.23551   1.000 59.34981  ? 4   DG  A "C3'" 1 
ATOM   68  O "O3'" . DG  A 1 4  ? -10.37229 -0.48961  2.67039   1.000 72.90761  ? 4   DG  A "O3'" 1 
ATOM   69  C "C2'" . DG  A 1 4  ? -8.05710  -1.13246  3.00803   1.000 53.07848  ? 4   DG  A "C2'" 1 
ATOM   70  C "C1'" . DG  A 1 4  ? -7.88324  -0.05923  4.05231   1.000 56.74608  ? 4   DG  A "C1'" 1 
ATOM   71  N N9    . DG  A 1 4  ? -6.50261  0.18774   4.41964   1.000 59.14102  ? 4   DG  A N9    1 
ATOM   72  C C8    . DG  A 1 4  ? -5.66882  -0.63586  5.13711   1.000 55.00444  ? 4   DG  A C8    1 
ATOM   73  N N7    . DG  A 1 4  ? -4.47535  -0.13575  5.31183   1.000 55.14325  ? 4   DG  A N7    1 
ATOM   74  C C5    . DG  A 1 4  ? -4.52968  1.09948   4.66973   1.000 57.77207  ? 4   DG  A C5    1 
ATOM   75  C C6    . DG  A 1 4  ? -3.53829  2.09649   4.52148   1.000 54.40690  ? 4   DG  A C6    1 
ATOM   76  O O6    . DG  A 1 4  ? -2.37546  2.09518   4.95904   1.000 42.25065  ? 4   DG  A O6    1 
ATOM   77  N N1    . DG  A 1 4  ? -4.01544  3.19444   3.79655   1.000 54.24721  ? 4   DG  A N1    1 
ATOM   78  C C2    . DG  A 1 4  ? -5.29028  3.30555   3.28542   1.000 51.44009  ? 4   DG  A C2    1 
ATOM   79  N N2    . DG  A 1 4  ? -5.57244  4.43470   2.61843   1.000 54.16769  ? 4   DG  A N2    1 
ATOM   80  N N3    . DG  A 1 4  ? -6.22388  2.37751   3.41985   1.000 54.43289  ? 4   DG  A N3    1 
ATOM   81  C C4    . DG  A 1 4  ? -5.77334  1.30695   4.11773   1.000 56.71455  ? 4   DG  A C4    1 
ATOM   82  P P     . DG  A 1 5  ? -10.54562 -0.36228  1.07778   1.000 73.63076  ? 5   DG  A P     1 
ATOM   83  O OP1   . DG  A 1 5  ? -11.92256 -0.81239  0.77271   1.000 90.95996  ? 5   DG  A OP1   1 
ATOM   84  O OP2   . DG  A 1 5  ? -9.40711  -0.99647  0.38109   1.000 72.44824  ? 5   DG  A OP2   1 
ATOM   85  O "O5'" . DG  A 1 5  ? -10.46942 1.21031   0.82277   1.000 74.53899  ? 5   DG  A "O5'" 1 
ATOM   86  C "C5'" . DG  A 1 5  ? -9.29587  1.94126   1.16308   1.000 67.28042  ? 5   DG  A "C5'" 1 
ATOM   87  C "C4'" . DG  A 1 5  ? -9.11951  3.10365   0.20739   1.000 71.25443  ? 5   DG  A "C4'" 1 
ATOM   88  O "O4'" . DG  A 1 5  ? -7.76619  3.60504   0.30084   1.000 70.24479  ? 5   DG  A "O4'" 1 
ATOM   89  C "C3'" . DG  A 1 5  ? -9.25441  2.72787   -1.24576  1.000 62.59081  ? 5   DG  A "C3'" 1 
ATOM   90  O "O3'" . DG  A 1 5  ? -9.38967  3.91158   -2.02755  1.000 77.16553  ? 5   DG  A "O3'" 1 
ATOM   91  C "C2'" . DG  A 1 5  ? -7.90778  2.06319   -1.47678  1.000 68.96433  ? 5   DG  A "C2'" 1 
ATOM   92  C "C1'" . DG  A 1 5  ? -6.98623  3.03009   -0.73510  1.000 62.78059  ? 5   DG  A "C1'" 1 
ATOM   93  N N9    . DG  A 1 5  ? -5.84402  2.38933   -0.11261  1.000 61.67236  ? 5   DG  A N9    1 
ATOM   94  C C8    . DG  A 1 5  ? -5.81670  1.16335   0.50277   1.000 62.08896  ? 5   DG  A C8    1 
ATOM   95  N N7    . DG  A 1 5  ? -4.64803  0.85672   0.99353   1.000 58.52085  ? 5   DG  A N7    1 
ATOM   96  C C5    . DG  A 1 5  ? -3.85671  1.95766   0.69430   1.000 57.83888  ? 5   DG  A C5    1 
ATOM   97  C C6    . DG  A 1 5  ? -2.49537  2.20183   0.98165   1.000 62.13386  ? 5   DG  A C6    1 
ATOM   98  O O6    . DG  A 1 5  ? -1.69556  1.46779   1.58130   1.000 44.09532  ? 5   DG  A O6    1 
ATOM   99  N N1    . DG  A 1 5  ? -2.08609  3.44331   0.50590   1.000 51.44575  ? 5   DG  A N1    1 
ATOM   100 C C2    . DG  A 1 5  ? -2.89604  4.33181   -0.17249  1.000 65.04242  ? 5   DG  A C2    1 
ATOM   101 N N2    . DG  A 1 5  ? -2.32849  5.47945   -0.56625  1.000 51.37923  ? 5   DG  A N2    1 
ATOM   102 N N3    . DG  A 1 5  ? -4.17228  4.11033   -0.44664  1.000 62.34621  ? 5   DG  A N3    1 
ATOM   103 C C4    . DG  A 1 5  ? -4.58181  2.90988   0.01751   1.000 54.62890  ? 5   DG  A C4    1 
ATOM   104 P P     . DG  A 1 6  ? -10.14871 3.87314   -3.44212  1.000 77.51677  ? 6   DG  A P     1 
ATOM   105 O OP1   . DG  A 1 6  ? -11.20801 4.90680   -3.42393  1.000 84.44876  ? 6   DG  A OP1   1 
ATOM   106 O OP2   . DG  A 1 6  ? -10.47025 2.46121   -3.75136  1.000 71.00860  ? 6   DG  A OP2   1 
ATOM   107 O "O5'" . DG  A 1 6  ? -9.03340  4.33732   -4.47055  1.000 80.92390  ? 6   DG  A "O5'" 1 
ATOM   108 C "C5'" . DG  A 1 6  ? -7.71502  3.88360   -4.30185  1.000 83.04625  ? 6   DG  A "C5'" 1 
ATOM   109 C "C4'" . DG  A 1 6  ? -6.74018  4.87264   -4.87760  1.000 66.70553  ? 6   DG  A "C4'" 1 
ATOM   110 O "O4'" . DG  A 1 6  ? -5.52949  4.88725   -4.08021  1.000 71.69722  ? 6   DG  A "O4'" 1 
ATOM   111 C "C3'" . DG  A 1 6  ? -6.31409  4.56561   -6.29504  1.000 76.32603  ? 6   DG  A "C3'" 1 
ATOM   112 O "O3'" . DG  A 1 6  ? -6.10777  5.76914   -6.99086  1.000 81.12054  ? 6   DG  A "O3'" 1 
ATOM   113 C "C2'" . DG  A 1 6  ? -5.02178  3.76661   -6.10519  1.000 71.81936  ? 6   DG  A "C2'" 1 
ATOM   114 C "C1'" . DG  A 1 6  ? -4.44903  4.34500   -4.81116  1.000 68.64071  ? 6   DG  A "C1'" 1 
ATOM   115 N N9    . DG  A 1 6  ? -3.77639  3.35045   -3.97013  1.000 56.83416  ? 6   DG  A N9    1 
ATOM   116 C C8    . DG  A 1 6  ? -4.30618  2.17702   -3.49397  1.000 61.76842  ? 6   DG  A C8    1 
ATOM   117 N N7    . DG  A 1 6  ? -3.47376  1.48671   -2.76493  1.000 61.80054  ? 6   DG  A N7    1 
ATOM   118 C C5    . DG  A 1 6  ? -2.31420  2.24991   -2.75683  1.000 60.62883  ? 6   DG  A C5    1 
ATOM   119 C C6    . DG  A 1 6  ? -1.06747  2.00836   -2.12758  1.000 66.74926  ? 6   DG  A C6    1 
ATOM   120 O O6    . DG  A 1 6  ? -0.73119  1.03552   -1.43029  1.000 55.01470  ? 6   DG  A O6    1 
ATOM   121 N N1    . DG  A 1 6  ? -0.15979  3.03841   -2.37098  1.000 58.06409  ? 6   DG  A N1    1 
ATOM   122 C C2    . DG  A 1 6  ? -0.42284  4.15863   -3.12504  1.000 61.82949  ? 6   DG  A C2    1 
ATOM   123 N N2    . DG  A 1 6  ? 0.58196   5.04459   -3.24639  1.000 60.70349  ? 6   DG  A N2    1 
ATOM   124 N N3    . DG  A 1 6  ? -1.58666  4.39621   -3.72105  1.000 61.74547  ? 6   DG  A N3    1 
ATOM   125 C C4    . DG  A 1 6  ? -2.48443  3.40321   -3.49027  1.000 53.96473  ? 6   DG  A C4    1 
ATOM   126 P P     . DG  A 1 7  ? -5.96250  5.76111   -8.58646  1.000 76.55530  ? 7   DG  A P     1 
ATOM   127 O OP1   . DG  A 1 7  ? -6.59855  6.99977   -9.09034  1.000 85.77352  ? 7   DG  A OP1   1 
ATOM   128 O OP2   . DG  A 1 7  ? -6.44043  4.45374   -9.08900  1.000 67.33274  ? 7   DG  A OP2   1 
ATOM   129 O "O5'" . DG  A 1 7  ? -4.38013  5.84546   -8.79390  1.000 79.04142  ? 7   DG  A "O5'" 1 
ATOM   130 C "C5'" . DG  A 1 7  ? -3.65348  6.90488   -8.18397  1.000 81.45210  ? 7   DG  A "C5'" 1 
ATOM   131 C "C4'" . DG  A 1 7  ? -2.16126  6.74556   -8.40620  1.000 84.83720  ? 7   DG  A "C4'" 1 
ATOM   132 O "O4'" . DG  A 1 7  ? -1.59568  5.90937   -7.36906  1.000 75.17613  ? 7   DG  A "O4'" 1 
ATOM   133 C "C3'" . DG  A 1 7  ? -1.76184  6.10519   -9.73832  1.000 73.25470  ? 7   DG  A "C3'" 1 
ATOM   134 O "O3'" . DG  A 1 7  ? -0.73898  6.86214   -10.32766 1.000 83.68437  ? 7   DG  A "O3'" 1 
ATOM   135 C "C2'" . DG  A 1 7  ? -1.25608  4.72176   -9.33075  1.000 80.20750  ? 7   DG  A "C2'" 1 
ATOM   136 C "C1'" . DG  A 1 7  ? -0.68917  5.01163   -7.95338  1.000 74.29129  ? 7   DG  A "C1'" 1 
ATOM   137 N N9    . DG  A 1 7  ? -0.59231  3.83644   -7.09855  1.000 65.64399  ? 7   DG  A N9    1 
ATOM   138 C C8    . DG  A 1 7  ? -1.58481  2.92729   -6.82520  1.000 66.05456  ? 7   DG  A C8    1 
ATOM   139 N N7    . DG  A 1 7  ? -1.20864  1.97519   -6.01748  1.000 62.56964  ? 7   DG  A N7    1 
ATOM   140 C C5    . DG  A 1 7  ? 0.11691   2.27446   -5.73478  1.000 56.68650  ? 7   DG  A C5    1 
ATOM   141 C C6    . DG  A 1 7  ? 1.04631   1.59573   -4.91590  1.000 66.47731  ? 7   DG  A C6    1 
ATOM   142 O O6    . DG  A 1 7  ? 0.87537   0.56004   -4.25678  1.000 55.34333  ? 7   DG  A O6    1 
ATOM   143 N N1    . DG  A 1 7  ? 2.28443   2.23282   -4.90507  1.000 54.77205  ? 7   DG  A N1    1 
ATOM   144 C C2    . DG  A 1 7  ? 2.58349   3.38151   -5.59757  1.000 68.40359  ? 7   DG  A C2    1 
ATOM   145 N N2    . DG  A 1 7  ? 3.83096   3.84977   -5.45758  1.000 56.64982  ? 7   DG  A N2    1 
ATOM   146 N N3    . DG  A 1 7  ? 1.72002   4.02894   -6.37100  1.000 60.88747  ? 7   DG  A N3    1 
ATOM   147 C C4    . DG  A 1 7  ? 0.51039   3.41840   -6.39146  1.000 68.35465  ? 7   DG  A C4    1 
ATOM   148 P P     . DT  A 1 8  ? -1.08417  7.88340   -11.51291 1.000 85.71925  ? 8   DT  A P     1 
ATOM   149 O OP1   . DT  A 1 8  ? -1.32719  7.07922   -12.73050 1.000 101.73873 ? 8   DT  A OP1   1 
ATOM   150 O OP2   . DT  A 1 8  ? -0.05143  8.94157   -11.50000 1.000 105.44935 ? 8   DT  A OP2   1 
ATOM   151 O "O5'" . DT  A 1 8  ? -2.48328  8.51802   -11.07932 1.000 94.67781  ? 8   DT  A "O5'" 1 
ATOM   152 C "C5'" . DT  A 1 8  ? -2.75271  9.88151   -11.33923 1.000 88.61341  ? 8   DT  A "C5'" 1 
ATOM   153 C "C4'" . DT  A 1 8  ? -2.91643  10.64251  -10.03931 1.000 97.52042  ? 8   DT  A "C4'" 1 
ATOM   154 O "O4'" . DT  A 1 8  ? -1.61178  10.92126  -9.46573  1.000 106.96415 ? 8   DT  A "O4'" 1 
ATOM   155 C "C3'" . DT  A 1 8  ? -3.62360  11.98696  -10.16745 1.000 109.76834 ? 8   DT  A "C3'" 1 
ATOM   156 O "O3'" . DT  A 1 8  ? -4.52438  12.15302  -9.08605  1.000 106.94147 ? 8   DT  A "O3'" 1 
ATOM   157 C "C2'" . DT  A 1 8  ? -2.47661  12.99521  -10.11066 1.000 111.11195 ? 8   DT  A "C2'" 1 
ATOM   158 C "C1'" . DT  A 1 8  ? -1.50365  12.29670  -9.17541  1.000 107.89883 ? 8   DT  A "C1'" 1 
ATOM   159 P P     . DT  A 1 9  ? -5.98892  11.49734  -9.15719  1.000 105.11192 ? 9   DT  A P     1 
ATOM   160 O OP1   . DT  A 1 9  ? -6.14227  10.88845  -10.49544 1.000 102.28229 ? 9   DT  A OP1   1 
ATOM   161 O OP2   . DT  A 1 9  ? -6.96038  12.50716  -8.68373  1.000 102.17826 ? 9   DT  A OP2   1 
ATOM   162 O "O5'" . DT  A 1 9  ? -5.92761  10.29825  -8.10499  1.000 100.90600 ? 9   DT  A "O5'" 1 
ATOM   163 C "C5'" . DT  A 1 9  ? -7.09195  9.93671   -7.38481  1.000 101.21824 ? 9   DT  A "C5'" 1 
ATOM   164 C "C4'" . DT  A 1 9  ? -6.86575  10.12117  -5.90113  1.000 102.29486 ? 9   DT  A "C4'" 1 
ATOM   165 O "O4'" . DT  A 1 9  ? -5.84494  9.19091   -5.46897  1.000 94.52245  ? 9   DT  A "O4'" 1 
ATOM   166 C "C3'" . DT  A 1 9  ? -6.37965  11.51923  -5.49423  1.000 107.01960 ? 9   DT  A "C3'" 1 
ATOM   167 O "O3'" . DT  A 1 9  ? -7.24957  12.13671  -4.48289  1.000 98.21087  ? 9   DT  A "O3'" 1 
ATOM   168 C "C2'" . DT  A 1 9  ? -4.94311  11.30533  -5.01199  1.000 98.27701  ? 9   DT  A "C2'" 1 
ATOM   169 C "C1'" . DT  A 1 9  ? -4.94366  9.83949   -4.60880  1.000 94.31498  ? 9   DT  A "C1'" 1 
ATOM   170 N N1    . DT  A 1 9  ? -3.61997  9.19552   -4.74379  1.000 92.08006  ? 9   DT  A N1    1 
ATOM   171 C C2    . DT  A 1 9  ? -3.35822  8.04901   -4.02930  1.000 95.05552  ? 9   DT  A C2    1 
ATOM   172 O O2    . DT  A 1 9  ? -4.17050  7.52214   -3.28373  1.000 86.06609  ? 9   DT  A O2    1 
ATOM   173 N N3    . DT  A 1 9  ? -2.10472  7.53397   -4.22130  1.000 85.73353  ? 9   DT  A N3    1 
ATOM   174 C C4    . DT  A 1 9  ? -1.10774  8.04168   -5.03518  1.000 86.16280  ? 9   DT  A C4    1 
ATOM   175 O O4    . DT  A 1 9  ? -0.01124  7.50360   -5.13896  1.000 73.45387  ? 9   DT  A O4    1 
ATOM   176 C C5    . DT  A 1 9  ? -1.44845  9.24935   -5.75455  1.000 95.33719  ? 9   DT  A C5    1 
ATOM   177 C C7    . DT  A 1 9  ? -0.44745  9.89315   -6.66768  1.000 97.41367  ? 9   DT  A C7    1 
ATOM   178 C C6    . DT  A 1 9  ? -2.67405  9.76193   -5.57481  1.000 95.72760  ? 9   DT  A C6    1 
ATOM   179 P P     . DG  A 1 10 ? -7.50419  11.50012  -3.01983  1.000 93.96749  ? 10  DG  A P     1 
ATOM   180 O OP1   . DG  A 1 10 ? -7.82735  10.05918  -3.09627  1.000 91.67122  ? 10  DG  A OP1   1 
ATOM   181 O OP2   . DG  A 1 10 ? -8.46315  12.41069  -2.35957  1.000 96.80906  ? 10  DG  A OP2   1 
ATOM   182 O "O5'" . DG  A 1 10 ? -6.10862  11.64243  -2.26165  1.000 75.92936  ? 10  DG  A "O5'" 1 
ATOM   183 C "C5'" . DG  A 1 10 ? -5.76910  10.72764  -1.23348  1.000 67.72873  ? 10  DG  A "C5'" 1 
ATOM   184 C "C4'" . DG  A 1 10 ? -4.53534  11.19531  -0.49686  1.000 65.76866  ? 10  DG  A "C4'" 1 
ATOM   185 O "O4'" . DG  A 1 10 ? -4.31218  10.36036  0.67281   1.000 55.63133  ? 10  DG  A "O4'" 1 
ATOM   186 C "C3'" . DG  A 1 10 ? -3.23965  11.12071  -1.29740  1.000 62.10298  ? 10  DG  A "C3'" 1 
ATOM   187 O "O3'" . DG  A 1 10 ? -2.38902  12.15705  -0.87042  1.000 62.90782  ? 10  DG  A "O3'" 1 
ATOM   188 C "C2'" . DG  A 1 10 ? -2.69202  9.76408   -0.87340  1.000 63.54280  ? 10  DG  A "C2'" 1 
ATOM   189 C "C1'" . DG  A 1 10 ? -3.01385  9.82290   0.60491   1.000 57.34865  ? 10  DG  A "C1'" 1 
ATOM   190 N N9    . DG  A 1 10 ? -2.98283  8.53713   1.29920   1.000 52.69820  ? 10  DG  A N9    1 
ATOM   191 C C8    . DG  A 1 10 ? -4.01435  7.63997   1.45154   1.000 49.20877  ? 10  DG  A C8    1 
ATOM   192 N N7    . DG  A 1 10 ? -3.68090  6.57768   2.14180   1.000 49.99527  ? 10  DG  A N7    1 
ATOM   193 C C5    . DG  A 1 10 ? -2.34878  6.79444   2.47466   1.000 56.09530  ? 10  DG  A C5    1 
ATOM   194 C C6    . DG  A 1 10 ? -1.44797  5.99297   3.21655   1.000 57.42909  ? 10  DG  A C6    1 
ATOM   195 O O6    . DG  A 1 10 ? -1.65975  4.89493   3.75635   1.000 43.04523  ? 10  DG  A O6    1 
ATOM   196 N N1    . DG  A 1 10 ? -0.18898  6.58994   3.31447   1.000 43.57155  ? 10  DG  A N1    1 
ATOM   197 C C2    . DG  A 1 10 ? 0.14641   7.80629   2.76639   1.000 55.79919  ? 10  DG  A C2    1 
ATOM   198 N N2    . DG  A 1 10 ? 1.40291   8.22590   2.96498   1.000 52.15589  ? 10  DG  A N2    1 
ATOM   199 N N3    . DG  A 1 10 ? -0.68801  8.56238   2.07548   1.000 52.74283  ? 10  DG  A N3    1 
ATOM   200 C C4    . DG  A 1 10 ? -1.90926  7.99617   1.96493   1.000 48.78480  ? 10  DG  A C4    1 
ATOM   201 P P     . DG  A 1 11 ? -1.19861  12.67749  -1.81196  1.000 72.09127  ? 11  DG  A P     1 
ATOM   202 O OP1   . DG  A 1 11 ? -1.50347  14.08862  -2.12690  1.000 71.14305  ? 11  DG  A OP1   1 
ATOM   203 O OP2   . DG  A 1 11 ? -1.00022  11.68106  -2.88972  1.000 74.59298  ? 11  DG  A OP2   1 
ATOM   204 O "O5'" . DG  A 1 11 ? 0.08214   12.59731  -0.87050  1.000 69.71272  ? 11  DG  A "O5'" 1 
ATOM   205 C "C5'" . DG  A 1 11 ? 0.45653   11.34606  -0.31372  1.000 56.65614  ? 11  DG  A "C5'" 1 
ATOM   206 C "C4'" . DG  A 1 11 ? 1.96059   11.22387  -0.26007  1.000 60.54563  ? 11  DG  A "C4'" 1 
ATOM   207 O "O4'" . DG  A 1 11 ? 2.32747   9.98902   0.39196   1.000 59.19958  ? 11  DG  A "O4'" 1 
ATOM   208 C "C3'" . DG  A 1 11 ? 2.64216   11.15674  -1.60797  1.000 67.68408  ? 11  DG  A "C3'" 1 
ATOM   209 O "O3'" . DG  A 1 11 ? 3.98737   11.51846  -1.44109  1.000 76.72856  ? 11  DG  A "O3'" 1 
ATOM   210 C "C2'" . DG  A 1 11 ? 2.50138   9.67754   -1.94787  1.000 62.77347  ? 11  DG  A "C2'" 1 
ATOM   211 C "C1'" . DG  A 1 11 ? 2.72911   9.03625   -0.58052  1.000 68.07634  ? 11  DG  A "C1'" 1 
ATOM   212 N N9    . DG  A 1 11 ? 1.94410   7.84130   -0.34425  1.000 57.42309  ? 11  DG  A N9    1 
ATOM   213 C C8    . DG  A 1 11 ? 0.64430   7.61836   -0.71064  1.000 48.62462  ? 11  DG  A C8    1 
ATOM   214 N N7    . DG  A 1 11 ? 0.19381   6.45943   -0.32338  1.000 59.49041  ? 11  DG  A N7    1 
ATOM   215 C C5    . DG  A 1 11 ? 1.26351   5.88607   0.34719   1.000 54.13845  ? 11  DG  A C5    1 
ATOM   216 C C6    . DG  A 1 11 ? 1.36873   4.63320   0.99285   1.000 64.06843  ? 11  DG  A C6    1 
ATOM   217 O O6    . DG  A 1 11 ? 0.50500   3.75364   1.10104   1.000 50.14521  ? 11  DG  A O6    1 
ATOM   218 N N1    . DG  A 1 11 ? 2.63234   4.44858   1.55539   1.000 50.96045  ? 11  DG  A N1    1 
ATOM   219 C C2    . DG  A 1 11 ? 3.65595   5.36497   1.49639   1.000 57.16103  ? 11  DG  A C2    1 
ATOM   220 N N2    . DG  A 1 11 ? 4.80730   5.02323   2.09616   1.000 51.79894  ? 11  DG  A N2    1 
ATOM   221 N N3    . DG  A 1 11 ? 3.55965   6.53771   0.90193   1.000 48.66083  ? 11  DG  A N3    1 
ATOM   222 C C4    . DG  A 1 11 ? 2.34175   6.72695   0.34941   1.000 48.18797  ? 11  DG  A C4    1 
ATOM   223 P P     . DG  A 1 12 ? 4.92918   11.76345  -2.71082  1.000 69.85242  ? 12  DG  A P     1 
ATOM   224 O OP1   . DG  A 1 12 ? 5.90521   12.79661  -2.30570  1.000 73.44803  ? 12  DG  A OP1   1 
ATOM   225 O OP2   . DG  A 1 12 ? 4.10012   11.92724  -3.92799  1.000 65.93243  ? 12  DG  A OP2   1 
ATOM   226 O "O5'" . DG  A 1 12 ? 5.72317   10.39753  -2.84254  1.000 71.38709  ? 12  DG  A "O5'" 1 
ATOM   227 C "C5'" . DG  A 1 12 ? 6.70786   10.09330  -1.89505  1.000 68.37766  ? 12  DG  A "C5'" 1 
ATOM   228 C "C4'" . DG  A 1 12 ? 7.18261   8.67109   -2.06471  1.000 74.90061  ? 12  DG  A "C4'" 1 
ATOM   229 O "O4'" . DG  A 1 12 ? 6.16276   7.77018   -1.64230  1.000 60.58617  ? 12  DG  A "O4'" 1 
ATOM   230 C "C3'" . DG  A 1 12 ? 7.49982   8.26476   -3.49920  1.000 70.96148  ? 12  DG  A "C3'" 1 
ATOM   231 O "O3'" . DG  A 1 12 ? 8.90317   8.34200   -3.68448  1.000 78.40955  ? 12  DG  A "O3'" 1 
ATOM   232 C "C2'" . DG  A 1 12 ? 6.95560   6.81766   -3.61670  1.000 74.60507  ? 12  DG  A "C2'" 1 
ATOM   233 C "C1'" . DG  A 1 12 ? 6.44184   6.52500   -2.20758  1.000 59.55479  ? 12  DG  A "C1'" 1 
ATOM   234 N N9    . DG  A 1 12 ? 5.22030   5.72796   -2.14655  1.000 62.56028  ? 12  DG  A N9    1 
ATOM   235 C C8    . DG  A 1 12 ? 3.99255   6.04301   -2.67938  1.000 54.97351  ? 12  DG  A C8    1 
ATOM   236 N N7    . DG  A 1 12 ? 3.07434   5.14336   -2.43529  1.000 53.96692  ? 12  DG  A N7    1 
ATOM   237 C C5    . DG  A 1 12 ? 3.73595   4.18182   -1.67652  1.000 57.22178  ? 12  DG  A C5    1 
ATOM   238 C C6    . DG  A 1 12 ? 3.26206   2.97438   -1.11888  1.000 60.40646  ? 12  DG  A C6    1 
ATOM   239 O O6    . DG  A 1 12 ? 2.11974   2.49291   -1.17773  1.000 51.59662  ? 12  DG  A O6    1 
ATOM   240 N N1    . DG  A 1 12 ? 4.26372   2.29988   -0.42753  1.000 59.85040  ? 12  DG  A N1    1 
ATOM   241 C C2    . DG  A 1 12 ? 5.55570   2.73647   -0.28752  1.000 58.49372  ? 12  DG  A C2    1 
ATOM   242 N N2    . DG  A 1 12 ? 6.37936   1.94507   0.42177   1.000 56.79693  ? 12  DG  A N2    1 
ATOM   243 N N3    . DG  A 1 12 ? 6.01446   3.86426   -0.80459  1.000 55.48329  ? 12  DG  A N3    1 
ATOM   244 C C4    . DG  A 1 12 ? 5.05199   4.53429   -1.48227  1.000 64.09549  ? 12  DG  A C4    1 
ATOM   245 P P     . DG  A 1 13 ? 9.62194   7.69618   -4.96318  1.000 71.73963  ? 13  DG  A P     1 
ATOM   246 O OP1   . DG  A 1 13 ? 10.91556  8.39218   -5.06670  1.000 67.91742  ? 13  DG  A OP1   1 
ATOM   247 O OP2   . DG  A 1 13 ? 8.68245   7.63894   -6.11165  1.000 55.70267  ? 13  DG  A OP2   1 
ATOM   248 O "O5'" . DG  A 1 13 ? 9.91227   6.20005   -4.49865  1.000 76.36973  ? 13  DG  A "O5'" 1 
ATOM   249 C "C5'" . DG  A 1 13 ? 10.55786  5.96410   -3.26136  1.000 74.31141  ? 13  DG  A "C5'" 1 
ATOM   250 C "C4'" . DG  A 1 13 ? 10.83016  4.48679   -3.08496  1.000 76.04604  ? 13  DG  A "C4'" 1 
ATOM   251 O "O4'" . DG  A 1 13 ? 9.59838   3.81605   -2.71535  1.000 75.04690  ? 13  DG  A "O4'" 1 
ATOM   252 C "C3'" . DG  A 1 13 ? 11.34530  3.77553   -4.34102  1.000 76.88608  ? 13  DG  A "C3'" 1 
ATOM   253 O "O3'" . DG  A 1 13 ? 12.38092  2.86285   -3.99112  1.000 68.20469  ? 13  DG  A "O3'" 1 
ATOM   254 C "C2'" . DG  A 1 13 ? 10.10450  3.04485   -4.85424  1.000 77.61654  ? 13  DG  A "C2'" 1 
ATOM   255 C "C1'" . DG  A 1 13 ? 9.41108   2.70055   -3.54892  1.000 70.60480  ? 13  DG  A "C1'" 1 
ATOM   256 N N9    . DG  A 1 13 ? 7.97787   2.44858   -3.67964  1.000 74.46735  ? 13  DG  A N9    1 
ATOM   257 C C8    . DG  A 1 13 ? 7.05819   3.18941   -4.38294  1.000 76.05707  ? 13  DG  A C8    1 
ATOM   258 N N7    . DG  A 1 13 ? 5.84273   2.71258   -4.30737  1.000 64.36421  ? 13  DG  A N7    1 
ATOM   259 C C5    . DG  A 1 13 ? 5.96966   1.58429   -3.50419  1.000 65.68720  ? 13  DG  A C5    1 
ATOM   260 C C6    . DG  A 1 13 ? 4.99308   0.65391   -3.07128  1.000 61.09567  ? 13  DG  A C6    1 
ATOM   261 O O6    . DG  A 1 13 ? 3.78175   0.64028   -3.32267  1.000 49.92963  ? 13  DG  A O6    1 
ATOM   262 N N1    . DG  A 1 13 ? 5.54710   -0.34091  -2.27248  1.000 58.53767  ? 13  DG  A N1    1 
ATOM   263 C C2    . DG  A 1 13 ? 6.87568   -0.42447  -1.93209  1.000 68.19620  ? 13  DG  A C2    1 
ATOM   264 N N2    . DG  A 1 13 ? 7.22743   -1.45334  -1.14547  1.000 58.45678  ? 13  DG  A N2    1 
ATOM   265 N N3    . DG  A 1 13 ? 7.79719   0.43852   -2.33012  1.000 59.03431  ? 13  DG  A N3    1 
ATOM   266 C C4    . DG  A 1 13 ? 7.27431   1.41385   -3.10767  1.000 65.21009  ? 13  DG  A C4    1 
ATOM   267 P P     . DT  A 1 14 ? 13.75093  2.81563   -4.82797  1.000 100.39466 ? 14  DT  A P     1 
ATOM   268 O OP1   . DT  A 1 14 ? 13.42268  2.97115   -6.26202  1.000 67.73567  ? 14  DT  A OP1   1 
ATOM   269 O OP2   . DT  A 1 14 ? 14.49177  1.61712   -4.37769  1.000 107.51757 ? 14  DT  A OP2   1 
ATOM   270 O "O5'" . DT  A 1 14 ? 14.54433  4.11412   -4.33625  1.000 83.28247  ? 14  DT  A "O5'" 1 
ATOM   271 C "C5'" . DT  A 1 14 ? 14.84736  4.27533   -2.95165  1.000 96.04578  ? 14  DT  A "C5'" 1 
ATOM   272 C "C4'" . DT  A 1 14 ? 15.71516  5.49909   -2.73993  1.000 101.22494 ? 14  DT  A "C4'" 1 
ATOM   273 O "O4'" . DT  A 1 14 ? 16.48080  5.72657   -3.93839  1.000 94.90865  ? 14  DT  A "O4'" 1 
ATOM   274 C "C3'" . DT  A 1 14 ? 14.94167  6.77912   -2.44783  1.000 101.65613 ? 14  DT  A "C3'" 1 
ATOM   275 O "O3'" . DT  A 1 14 ? 15.06496  7.10699   -1.05929  1.000 92.17289  ? 14  DT  A "O3'" 1 
ATOM   276 C "C2'" . DT  A 1 14 ? 15.59217  7.85543   -3.32894  1.000 104.61933 ? 14  DT  A "C2'" 1 
ATOM   277 C "C1'" . DT  A 1 14 ? 16.54226  7.09468   -4.25771  1.000 105.80980 ? 14  DT  A "C1'" 1 
ATOM   278 N N1    . DT  A 1 14 ? 16.21684  7.25071   -5.71418  1.000 109.65108 ? 14  DT  A N1    1 
ATOM   279 C C2    . DT  A 1 14 ? 17.23774  7.25412   -6.63932  1.000 116.69015 ? 14  DT  A C2    1 
ATOM   280 O O2    . DT  A 1 14 ? 18.41348  7.13693   -6.34003  1.000 127.33390 ? 14  DT  A O2    1 
ATOM   281 N N3    . DT  A 1 14 ? 16.83091  7.40098   -7.93982  1.000 125.16012 ? 14  DT  A N3    1 
ATOM   282 C C4    . DT  A 1 14 ? 15.53256  7.54101   -8.39904  1.000 117.94538 ? 14  DT  A C4    1 
ATOM   283 O O4    . DT  A 1 14 ? 15.26798  7.66801   -9.59042  1.000 124.58443 ? 14  DT  A O4    1 
ATOM   284 C C5    . DT  A 1 14 ? 14.51180  7.52883   -7.37764  1.000 102.90424 ? 14  DT  A C5    1 
ATOM   285 C C7    . DT  A 1 14 ? 13.06326  7.67391   -7.75210  1.000 89.17052  ? 14  DT  A C7    1 
ATOM   286 C C6    . DT  A 1 14 ? 14.89916  7.38564   -6.10085  1.000 111.89522 ? 14  DT  A C6    1 
ATOM   287 P P     . DT  A 1 15 ? 13.99473  6.56944   0.01354   1.000 122.09043 ? 15  DT  A P     1 
ATOM   288 O OP1   . DT  A 1 15 ? 14.75982  5.92500   1.10472   1.000 106.27146 ? 15  DT  A OP1   1 
ATOM   289 O OP2   . DT  A 1 15 ? 12.94991  5.80931   -0.71006  1.000 115.07872 ? 15  DT  A OP2   1 
ATOM   290 O "O5'" . DT  A 1 15 ? 13.34363  7.90347   0.61353   1.000 116.22579 ? 15  DT  A "O5'" 1 
ATOM   291 C "C5'" . DT  A 1 15 ? 12.66037  7.86000   1.86055   1.000 102.30949 ? 15  DT  A "C5'" 1 
ATOM   292 C "C4'" . DT  A 1 15 ? 13.07002  9.02709   2.74378   1.000 98.80478  ? 15  DT  A "C4'" 1 
ATOM   293 O "O4'" . DT  A 1 15 ? 14.50720  9.05456   2.88321   1.000 121.61088 ? 15  DT  A "O4'" 1 
ATOM   294 C "C3'" . DT  A 1 15 ? 12.66556  10.40814  2.22046   1.000 102.81129 ? 15  DT  A "C3'" 1 
ATOM   295 O "O3'" . DT  A 1 15 ? 11.74274  11.00524  3.11725   1.000 106.37472 ? 15  DT  A "O3'" 1 
ATOM   296 C "C2'" . DT  A 1 15 ? 13.98298  11.20190  2.14378   1.000 107.35707 ? 15  DT  A "C2'" 1 
ATOM   297 C "C1'" . DT  A 1 15 ? 14.92120  10.38746  3.02221   1.000 113.02519 ? 15  DT  A "C1'" 1 
ATOM   298 P P     . DG  A 1 16 ? 10.17258  10.68949  2.98036   1.000 101.19066 ? 16  DG  A P     1 
ATOM   299 O OP1   . DG  A 1 16 ? 9.99017   9.77538   1.82808   1.000 93.07659  ? 16  DG  A OP1   1 
ATOM   300 O OP2   . DG  A 1 16 ? 9.44142   11.97546  3.05515   1.000 88.06972  ? 16  DG  A OP2   1 
ATOM   301 O "O5'" . DG  A 1 16 ? 9.82510   9.84988   4.29066   1.000 94.12685  ? 16  DG  A "O5'" 1 
ATOM   302 C "C5'" . DG  A 1 16 ? 8.47064   9.52130   4.56914   1.000 74.48982  ? 16  DG  A "C5'" 1 
ATOM   303 C "C4'" . DG  A 1 16 ? 8.39161   8.39442   5.57318   1.000 67.72057  ? 16  DG  A "C4'" 1 
ATOM   304 O "O4'" . DG  A 1 16 ? 7.00220   8.08541   5.85214   1.000 64.52461  ? 16  DG  A "O4'" 1 
ATOM   305 C "C3'" . DG  A 1 16 ? 9.01721   7.08408   5.11059   1.000 64.08206  ? 16  DG  A "C3'" 1 
ATOM   306 O "O3'" . DG  A 1 16 ? 9.62795   6.46241   6.20408   1.000 61.80118  ? 16  DG  A "O3'" 1 
ATOM   307 C "C2'" . DG  A 1 16 ? 7.80677   6.29058   4.62877   1.000 60.99069  ? 16  DG  A "C2'" 1 
ATOM   308 C "C1'" . DG  A 1 16 ? 6.79752   6.70592   5.67020   1.000 62.97690  ? 16  DG  A "C1'" 1 
ATOM   309 N N9    . DG  A 1 16 ? 5.40656   6.48240   5.29696   1.000 57.30696  ? 16  DG  A N9    1 
ATOM   310 C C8    . DG  A 1 16 ? 4.59465   7.31530   4.56310   1.000 55.47579  ? 16  DG  A C8    1 
ATOM   311 N N7    . DG  A 1 16 ? 3.38195   6.85203   4.40542   1.000 48.28182  ? 16  DG  A N7    1 
ATOM   312 C C5    . DG  A 1 16 ? 3.39775   5.63542   5.07667   1.000 47.76047  ? 16  DG  A C5    1 
ATOM   313 C C6    . DG  A 1 16 ? 2.37203   4.68279   5.25608   1.000 56.04361  ? 16  DG  A C6    1 
ATOM   314 O O6    . DG  A 1 16 ? 1.19814   4.72065   4.83430   1.000 47.01768  ? 16  DG  A O6    1 
ATOM   315 N N1    . DG  A 1 16 ? 2.81000   3.59754   6.01374   1.000 55.69464  ? 16  DG  A N1    1 
ATOM   316 C C2    . DG  A 1 16 ? 4.07754   3.45413   6.52993   1.000 54.57227  ? 16  DG  A C2    1 
ATOM   317 N N2    . DG  A 1 16 ? 4.31382   2.33380   7.23282   1.000 49.32760  ? 16  DG  A N2    1 
ATOM   318 N N3    . DG  A 1 16 ? 5.04446   4.33978   6.36764   1.000 50.44092  ? 16  DG  A N3    1 
ATOM   319 C C4    . DG  A 1 16 ? 4.63504   5.40264   5.63809   1.000 46.96417  ? 16  DG  A C4    1 
ATOM   320 P P     . DG  A 1 17 ? 10.40223  5.07550   6.00597   1.000 67.17169  ? 17  DG  A P     1 
ATOM   321 O OP1   . DG  A 1 17 ? 11.26501  4.90268   7.19587   1.000 70.25721  ? 17  DG  A OP1   1 
ATOM   322 O OP2   . DG  A 1 17 ? 10.96976  5.07094   4.63784   1.000 84.10462  ? 17  DG  A OP2   1 
ATOM   323 O "O5'" . DG  A 1 17 ? 9.24519   3.98497   6.05159   1.000 71.41165  ? 17  DG  A "O5'" 1 
ATOM   324 C "C5'" . DG  A 1 17 ? 8.79603   3.49604   7.29737   1.000 65.58751  ? 17  DG  A "C5'" 1 
ATOM   325 C "C4'" . DG  A 1 17 ? 8.72915   1.97770   7.29939   1.000 75.45298  ? 17  DG  A "C4'" 1 
ATOM   326 O "O4'" . DG  A 1 17 ? 7.41323   1.53528   6.88623   1.000 71.46358  ? 17  DG  A "O4'" 1 
ATOM   327 C "C3'" . DG  A 1 17 ? 9.68993   1.26512   6.36583   1.000 65.54341  ? 17  DG  A "C3'" 1 
ATOM   328 O "O3'" . DG  A 1 17 ? 9.92966   -0.02332  6.89300   1.000 71.10029  ? 17  DG  A "O3'" 1 
ATOM   329 C "C2'" . DG  A 1 17 ? 8.87765   1.19056   5.07322   1.000 62.55798  ? 17  DG  A "C2'" 1 
ATOM   330 C "C1'" . DG  A 1 17 ? 7.49339   0.88296   5.62663   1.000 68.49978  ? 17  DG  A "C1'" 1 
ATOM   331 N N9    . DG  A 1 17 ? 6.39302   1.38372   4.82170   1.000 55.67838  ? 17  DG  A N9    1 
ATOM   332 C C8    . DG  A 1 17 ? 6.34047   2.56447   4.13779   1.000 56.71028  ? 17  DG  A C8    1 
ATOM   333 N N7    . DG  A 1 17 ? 5.19664   2.76637   3.54452   1.000 54.71922  ? 17  DG  A N7    1 
ATOM   334 C C5    . DG  A 1 17 ? 4.43653   1.65887   3.88218   1.000 59.40358  ? 17  DG  A C5    1 
ATOM   335 C C6    . DG  A 1 17 ? 3.10771   1.32590   3.53290   1.000 58.95136  ? 17  DG  A C6    1 
ATOM   336 O O6    . DG  A 1 17 ? 2.31403   1.97088   2.83398   1.000 46.99588  ? 17  DG  A O6    1 
ATOM   337 N N1    . DG  A 1 17 ? 2.72200   0.10873   4.08251   1.000 54.37917  ? 17  DG  A N1    1 
ATOM   338 C C2    . DG  A 1 17 ? 3.52136   -0.68002  4.87594   1.000 63.11474  ? 17  DG  A C2    1 
ATOM   339 N N2    . DG  A 1 17 ? 2.97990   -1.82037  5.32012   1.000 53.66706  ? 17  DG  A N2    1 
ATOM   340 N N3    . DG  A 1 17 ? 4.76611   -0.37445  5.21049   1.000 60.19066  ? 17  DG  A N3    1 
ATOM   341 C C4    . DG  A 1 17 ? 5.15385   0.80449   4.67751   1.000 48.36386  ? 17  DG  A C4    1 
ATOM   342 P P     . DG  A 1 18 ? 11.15421  -0.91200  6.36927   1.000 77.75273  ? 18  DG  A P     1 
ATOM   343 O OP1   . DG  A 1 18 ? 11.88734  -1.40629  7.55761   1.000 71.48284  ? 18  DG  A OP1   1 
ATOM   344 O OP2   . DG  A 1 18 ? 11.85147  -0.14361  5.31675   1.000 73.04227  ? 18  DG  A OP2   1 
ATOM   345 O "O5'" . DG  A 1 18 ? 10.42970  -2.14202  5.66359   1.000 68.74122  ? 18  DG  A "O5'" 1 
ATOM   346 C "C5'" . DG  A 1 18 ? 9.41114   -2.81852  6.33864   1.000 63.97565  ? 18  DG  A "C5'" 1 
ATOM   347 C "C4'" . DG  A 1 18 ? 8.60527   -3.65066  5.37139   1.000 68.64914  ? 18  DG  A "C4'" 1 
ATOM   348 O "O4'" . DG  A 1 18 ? 7.54409   -2.86492  4.81732   1.000 68.75290  ? 18  DG  A "O4'" 1 
ATOM   349 C "C3'" . DG  A 1 18 ? 9.38515   -4.17872  4.17426   1.000 63.75453  ? 18  DG  A "C3'" 1 
ATOM   350 O "O3'" . DG  A 1 18 ? 9.63140   -5.56625  4.37114   1.000 67.68372  ? 18  DG  A "O3'" 1 
ATOM   351 C "C2'" . DG  A 1 18 ? 8.46495   -3.90232  2.96018   1.000 63.02952  ? 18  DG  A "C2'" 1 
ATOM   352 C "C1'" . DG  A 1 18 ? 7.16175   -3.45930  3.61338   1.000 58.52896  ? 18  DG  A "C1'" 1 
ATOM   353 N N9    . DG  A 1 18 ? 6.40265   -2.46867  2.85793   1.000 62.46259  ? 18  DG  A N9    1 
ATOM   354 C C8    . DG  A 1 18 ? 6.83246   -1.22953  2.46323   1.000 56.51413  ? 18  DG  A C8    1 
ATOM   355 N N7    . DG  A 1 18 ? 5.92508   -0.54064  1.83373   1.000 58.56295  ? 18  DG  A N7    1 
ATOM   356 C C5    . DG  A 1 18 ? 4.81354   -1.37137  1.82500   1.000 55.35320  ? 18  DG  A C5    1 
ATOM   357 C C6    . DG  A 1 18 ? 3.52729   -1.15917  1.28085   1.000 55.94689  ? 18  DG  A C6    1 
ATOM   358 O O6    . DG  A 1 18 ? 3.10590   -0.15954  0.68624   1.000 51.86617  ? 18  DG  A O6    1 
ATOM   359 N N1    . DG  A 1 18 ? 2.69092   -2.25374  1.48427   1.000 57.41243  ? 18  DG  A N1    1 
ATOM   360 C C2    . DG  A 1 18 ? 3.05681   -3.40716  2.13712   1.000 64.01799  ? 18  DG  A C2    1 
ATOM   361 N N2    . DG  A 1 18 ? 2.11417   -4.35589  2.23857   1.000 68.67619  ? 18  DG  A N2    1 
ATOM   362 N N3    . DG  A 1 18 ? 4.26161   -3.61751  2.65572   1.000 60.02816  ? 18  DG  A N3    1 
ATOM   363 C C4    . DG  A 1 18 ? 5.08635   -2.55870  2.45890   1.000 63.32665  ? 18  DG  A C4    1 
ATOM   364 P P     . DG  A 1 19 ? 10.06072  -6.51700  3.15467   1.000 80.11681  ? 19  DG  A P     1 
ATOM   365 O OP1   . DG  A 1 19 ? 10.70978  -7.70792  3.74712   1.000 82.93299  ? 19  DG  A OP1   1 
ATOM   366 O OP2   . DG  A 1 19 ? 10.79424  -5.71370  2.14771   1.000 80.63498  ? 19  DG  A OP2   1 
ATOM   367 O "O5'" . DG  A 1 19 ? 8.66314   -6.98277  2.54564   1.000 69.80773  ? 19  DG  A "O5'" 1 
ATOM   368 C "C5'" . DG  A 1 19 ? 7.72009   -7.62485  3.38088   1.000 80.71673  ? 19  DG  A "C5'" 1 
ATOM   369 C "C4'" . DG  A 1 19 ? 6.59876   -8.21375  2.55757   1.000 79.33487  ? 19  DG  A "C4'" 1 
ATOM   370 O "O4'" . DG  A 1 19 ? 5.73830   -7.14746  2.08015   1.000 78.54534  ? 19  DG  A "O4'" 1 
ATOM   371 C "C3'" . DG  A 1 19 ? 7.05606   -8.97237  1.31737   1.000 77.08164  ? 19  DG  A "C3'" 1 
ATOM   372 O "O3'" . DG  A 1 19 ? 6.25938   -10.12092 1.14144   1.000 74.34455  ? 19  DG  A "O3'" 1 
ATOM   373 C "C2'" . DG  A 1 19 ? 6.82954   -7.96384  0.19707   1.000 72.80677  ? 19  DG  A "C2'" 1 
ATOM   374 C "C1'" . DG  A 1 19 ? 5.57740   -7.26629  0.68774   1.000 72.43641  ? 19  DG  A "C1'" 1 
ATOM   375 N N9    . DG  A 1 19 ? 5.38980   -5.93322  0.12744   1.000 73.71001  ? 19  DG  A N9    1 
ATOM   376 C C8    . DG  A 1 19 ? 6.31995   -4.92506  0.06054   1.000 69.79100  ? 19  DG  A C8    1 
ATOM   377 N N7    . DG  A 1 19 ? 5.86465   -3.83582  -0.49582  1.000 70.83792  ? 19  DG  A N7    1 
ATOM   378 C C5    . DG  A 1 19 ? 4.54824   -4.14146  -0.81612  1.000 61.14297  ? 19  DG  A C5    1 
ATOM   379 C C6    . DG  A 1 19 ? 3.55615   -3.35034  -1.43693  1.000 60.38306  ? 19  DG  A C6    1 
ATOM   380 O O6    . DG  A 1 19 ? 3.64978   -2.18684  -1.83790  1.000 55.60328  ? 19  DG  A O6    1 
ATOM   381 N N1    . DG  A 1 19 ? 2.35516   -4.04037  -1.57656  1.000 64.14341  ? 19  DG  A N1    1 
ATOM   382 C C2    . DG  A 1 19 ? 2.14273   -5.33593  -1.16569  1.000 72.07938  ? 19  DG  A C2    1 
ATOM   383 N N2    . DG  A 1 19 ? 0.91714   -5.83610  -1.38221  1.000 69.89823  ? 19  DG  A N2    1 
ATOM   384 N N3    . DG  A 1 19 ? 3.06589   -6.08971  -0.58222  1.000 69.17634  ? 19  DG  A N3    1 
ATOM   385 C C4    . DG  A 1 19 ? 4.24009   -5.42844  -0.43885  1.000 66.72295  ? 19  DG  A C4    1 
ATOM   386 P P     . DT  A 1 20 ? 6.95085   -11.56247 1.04982   1.000 88.79430  ? 20  DT  A P     1 
ATOM   387 O OP1   . DT  A 1 20 ? 8.10838   -11.44716 0.13165   1.000 83.59592  ? 20  DT  A OP1   1 
ATOM   388 O OP2   . DT  A 1 20 ? 5.88173   -12.54641 0.77059   1.000 98.83315  ? 20  DT  A OP2   1 
ATOM   389 O "O5'" . DT  A 1 20 ? 7.51622   -11.80563 2.52601   1.000 91.02064  ? 20  DT  A "O5'" 1 
ATOM   390 C "C5'" . DT  A 1 20 ? 6.61937   -11.93462 3.62147   1.000 85.71423  ? 20  DT  A "C5'" 1 
ATOM   391 C "C4'" . DT  A 1 20 ? 7.34205   -12.46047 4.84780   1.000 93.90481  ? 20  DT  A "C4'" 1 
ATOM   392 O "O4'" . DT  A 1 20 ? 7.91479   -13.76450 4.55526   1.000 102.66268 ? 20  DT  A "O4'" 1 
ATOM   393 C "C3'" . DT  A 1 20 ? 8.49817   -11.58898 5.33561   1.000 94.81394  ? 20  DT  A "C3'" 1 
ATOM   394 O "O3'" . DT  A 1 20 ? 8.56391   -11.61784 6.75482   1.000 95.86940  ? 20  DT  A "O3'" 1 
ATOM   395 C "C2'" . DT  A 1 20 ? 9.71641   -12.26316 4.70992   1.000 103.94942 ? 20  DT  A "C2'" 1 
ATOM   396 C "C1'" . DT  A 1 20 ? 9.31257   -13.73202 4.75811   1.000 98.49171  ? 20  DT  A "C1'" 1 
ATOM   397 P P     . DT  A 1 21 ? 7.65431   -10.62821 7.63453   1.000 96.81434  ? 21  DT  A P     1 
ATOM   398 O OP1   . DT  A 1 21 ? 7.44282   -11.26516 8.95081   1.000 97.62819  ? 21  DT  A OP1   1 
ATOM   399 O OP2   . DT  A 1 21 ? 6.49739   -10.20725 6.81314   1.000 95.82793  ? 21  DT  A OP2   1 
ATOM   400 O "O5'" . DT  A 1 21 ? 8.56596   -9.33626  7.84176   1.000 97.24146  ? 21  DT  A "O5'" 1 
ATOM   401 C "C5'" . DT  A 1 21 ? 8.43814   -8.24407  6.95100   1.000 83.33357  ? 21  DT  A "C5'" 1 
ATOM   402 C "C4'" . DT  A 1 21 ? 8.07357   -6.97371  7.69549   1.000 82.80811  ? 21  DT  A "C4'" 1 
ATOM   403 O "O4'" . DT  A 1 21 ? 7.19655   -6.17832  6.86465   1.000 79.14559  ? 21  DT  A "O4'" 1 
ATOM   404 C "C3'" . DT  A 1 21 ? 7.28539   -7.17193  8.97755   1.000 81.20324  ? 21  DT  A "C3'" 1 
ATOM   405 O "O3'" . DT  A 1 21 ? 7.37017   -5.98748  9.75795   1.000 82.89087  ? 21  DT  A "O3'" 1 
ATOM   406 C "C2'" . DT  A 1 21 ? 5.88292   -7.35245  8.42677   1.000 75.70905  ? 21  DT  A "C2'" 1 
ATOM   407 C "C1'" . DT  A 1 21 ? 5.87088   -6.26310  7.36181   1.000 80.63284  ? 21  DT  A "C1'" 1 
ATOM   408 N N1    . DT  A 1 21 ? 4.96937   -6.54500  6.22497   1.000 78.20920  ? 21  DT  A N1    1 
ATOM   409 C C2    . DT  A 1 21 ? 4.38618   -5.49103  5.56450   1.000 78.20476  ? 21  DT  A C2    1 
ATOM   410 O O2    . DT  A 1 21 ? 4.56991   -4.32722  5.87651   1.000 74.52779  ? 21  DT  A O2    1 
ATOM   411 N N3    . DT  A 1 21 ? 3.57396   -5.84636  4.52165   1.000 68.79820  ? 21  DT  A N3    1 
ATOM   412 C C4    . DT  A 1 21 ? 3.29268   -7.12679  4.08472   1.000 82.27842  ? 21  DT  A C4    1 
ATOM   413 O O4    . DT  A 1 21 ? 2.54583   -7.34495  3.13607   1.000 82.98131  ? 21  DT  A O4    1 
ATOM   414 C C5    . DT  A 1 21 ? 3.94121   -8.18952  4.82342   1.000 74.64332  ? 21  DT  A C5    1 
ATOM   415 C C7    . DT  A 1 21 ? 3.71595   -9.62095  4.44117   1.000 82.44126  ? 21  DT  A C7    1 
ATOM   416 C C6    . DT  A 1 21 ? 4.74140   -7.84965  5.84426   1.000 71.16560  ? 21  DT  A C6    1 
ATOM   417 P P     . DG  A 1 22 ? 6.77015   -5.94241  11.24682  1.000 84.19352  ? 22  DG  A P     1 
ATOM   418 O OP1   . DG  A 1 22 ? 7.40525   -4.79150  11.92819  1.000 74.85217  ? 22  DG  A OP1   1 
ATOM   419 O OP2   . DG  A 1 22 ? 6.88813   -7.30557  11.81355  1.000 83.84019  ? 22  DG  A OP2   1 
ATOM   420 O "O5'" . DG  A 1 22 ? 5.21733   -5.60478  11.03919  1.000 67.76321  ? 22  DG  A "O5'" 1 
ATOM   421 C "C5'" . DG  A 1 22 ? 4.80935   -4.29894  10.63241  1.000 64.91830  ? 22  DG  A "C5'" 1 
ATOM   422 C "C4'" . DG  A 1 22 ? 3.29792   -4.23265  10.51063  1.000 63.33644  ? 22  DG  A "C4'" 1 
ATOM   423 O "O4'" . DG  A 1 22 ? 2.88085   -2.87670  10.20126  1.000 60.84933  ? 22  DG  A "O4'" 1 
ATOM   424 C "C3'" . DG  A 1 22 ? 2.69867   -5.11759  9.40972   1.000 64.23362  ? 22  DG  A "C3'" 1 
ATOM   425 O "O3'" . DG  A 1 22 ? 1.57566   -5.83454  9.91808   1.000 63.99500  ? 22  DG  A "O3'" 1 
ATOM   426 C "C2'" . DG  A 1 22 ? 2.27301   -4.11381  8.34891   1.000 59.55418  ? 22  DG  A "C2'" 1 
ATOM   427 C "C1'" . DG  A 1 22 ? 1.87880   -2.94261  9.21810   1.000 47.92863  ? 22  DG  A "C1'" 1 
ATOM   428 N N9    . DG  A 1 22 ? 1.81643   -1.67196  8.50558   1.000 54.06131  ? 22  DG  A N9    1 
ATOM   429 C C8    . DG  A 1 22 ? 2.82453   -0.75281  8.35620   1.000 48.11962  ? 22  DG  A C8    1 
ATOM   430 N N7    . DG  A 1 22 ? 2.47095   0.29517   7.66164   1.000 54.06678  ? 22  DG  A N7    1 
ATOM   431 C C5    . DG  A 1 22 ? 1.14114   0.05278   7.32963   1.000 54.71177  ? 22  DG  A C5    1 
ATOM   432 C C6    . DG  A 1 22 ? 0.22548   0.83664   6.58266   1.000 60.10306  ? 22  DG  A C6    1 
ATOM   433 O O6    . DG  A 1 22 ? 0.41718   1.93844   6.04811   1.000 40.82548  ? 22  DG  A O6    1 
ATOM   434 N N1    . DG  A 1 22 ? -1.02697  0.22122   6.48778   1.000 50.52628  ? 22  DG  A N1    1 
ATOM   435 C C2    . DG  A 1 22 ? -1.34675  -0.99603  7.04746   1.000 57.18890  ? 22  DG  A C2    1 
ATOM   436 N N2    . DG  A 1 22 ? -2.60221  -1.43863  6.84911   1.000 47.67095  ? 22  DG  A N2    1 
ATOM   437 N N3    . DG  A 1 22 ? -0.49515  -1.73622  7.74344   1.000 56.12020  ? 22  DG  A N3    1 
ATOM   438 C C4    . DG  A 1 22 ? 0.72518   -1.15243  7.84330   1.000 55.70036  ? 22  DG  A C4    1 
ATOM   439 P P     . DG  A 1 23 ? 1.08090   -7.17204  9.18165   1.000 74.92695  ? 23  DG  A P     1 
ATOM   440 O OP1   . DG  A 1 23 ? 1.06172   -8.24947  10.19045  1.000 93.14424  ? 23  DG  A OP1   1 
ATOM   441 O OP2   . DG  A 1 23 ? 1.87086   -7.32822  7.94015   1.000 84.47790  ? 23  DG  A OP2   1 
ATOM   442 O "O5'" . DG  A 1 23 ? -0.42242  -6.85118  8.74366   1.000 91.91852  ? 23  DG  A "O5'" 1 
ATOM   443 C "C5'" . DG  A 1 23 ? -0.67002  -6.02120  7.61985   1.000 75.08634  ? 23  DG  A "C5'" 1 
ATOM   444 C "C4'" . DG  A 1 23 ? -1.93315  -6.45074  6.89197   1.000 87.43540  ? 23  DG  A "C4'" 1 
ATOM   445 O "O4'" . DG  A 1 23 ? -2.47280  -5.31522  6.18256   1.000 78.04631  ? 23  DG  A "O4'" 1 
ATOM   446 C "C3'" . DG  A 1 23 ? -1.72394  -7.50153  5.81600   1.000 73.34803  ? 23  DG  A "C3'" 1 
ATOM   447 O "O3'" . DG  A 1 23 ? -2.96095  -8.16435  5.51525   1.000 74.08188  ? 23  DG  A "O3'" 1 
ATOM   448 C "C2'" . DG  A 1 23 ? -1.24817  -6.65254  4.64325   1.000 74.24209  ? 23  DG  A "C2'" 1 
ATOM   449 C "C1'" . DG  A 1 23 ? -2.04819  -5.35809  4.83001   1.000 72.39866  ? 23  DG  A "C1'" 1 
ATOM   450 N N9    . DG  A 1 23 ? -1.27038  -4.15435  4.55266   1.000 62.13502  ? 23  DG  A N9    1 
ATOM   451 C C8    . DG  A 1 23 ? 0.04449   -3.92611  4.87464   1.000 67.43608  ? 23  DG  A C8    1 
ATOM   452 N N7    . DG  A 1 23 ? 0.47693   -2.75392  4.49801   1.000 58.56480  ? 23  DG  A N7    1 
ATOM   453 C C5    . DG  A 1 23 ? -0.62108  -2.16827  3.88555   1.000 56.79652  ? 23  DG  A C5    1 
ATOM   454 C C6    . DG  A 1 23 ? -0.75378  -0.89834  3.28103   1.000 52.53036  ? 23  DG  A C6    1 
ATOM   455 O O6    . DG  A 1 23 ? 0.10382   -0.00570  3.16928   1.000 55.87660  ? 23  DG  A O6    1 
ATOM   456 N N1    . DG  A 1 23 ? -2.03681  -0.70010  2.77866   1.000 54.49886  ? 23  DG  A N1    1 
ATOM   457 C C2    . DG  A 1 23 ? -3.06170  -1.61234  2.85470   1.000 63.27110  ? 23  DG  A C2    1 
ATOM   458 N N2    . DG  A 1 23 ? -4.23123  -1.23934  2.31609   1.000 52.34976  ? 23  DG  A N2    1 
ATOM   459 N N3    . DG  A 1 23 ? -2.94942  -2.80857  3.41747   1.000 50.44515  ? 23  DG  A N3    1 
ATOM   460 C C4    . DG  A 1 23 ? -1.70528  -3.01649  3.90885   1.000 51.66977  ? 23  DG  A C4    1 
ATOM   461 P P     . DG  A 1 24 ? -3.01562  -9.30660  4.38088   1.000 93.67172  ? 24  DG  A P     1 
ATOM   462 O OP1   . DG  A 1 24 ? -4.10303  -10.23664 4.75226   1.000 95.19471  ? 24  DG  A OP1   1 
ATOM   463 O OP2   . DG  A 1 24 ? -1.64558  -9.81554  4.14823   1.000 95.60615  ? 24  DG  A OP2   1 
ATOM   464 O "O5'" . DG  A 1 24 ? -3.46449  -8.52974  3.05919   1.000 85.41215  ? 24  DG  A "O5'" 1 
ATOM   465 C "C5'" . DG  A 1 24 ? -4.79518  -8.06389  2.94494   1.000 75.52704  ? 24  DG  A "C5'" 1 
ATOM   466 C "C4'" . DG  A 1 24 ? -5.03304  -7.42693  1.59072   1.000 75.36853  ? 24  DG  A "C4'" 1 
ATOM   467 O "O4'" . DG  A 1 24 ? -4.34619  -6.15028  1.51577   1.000 76.15850  ? 24  DG  A "O4'" 1 
ATOM   468 C "C3'" . DG  A 1 24 ? -4.55165  -8.24026  0.38707   1.000 78.91772  ? 24  DG  A "C3'" 1 
ATOM   469 O "O3'" . DG  A 1 24 ? -5.55144  -8.21482  -0.60932  1.000 72.53603  ? 24  DG  A "O3'" 1 
ATOM   470 C "C2'" . DG  A 1 24 ? -3.30074  -7.48411  -0.06395  1.000 72.50474  ? 24  DG  A "C2'" 1 
ATOM   471 C "C1'" . DG  A 1 24 ? -3.69399  -6.05851  0.27368   1.000 70.61750  ? 24  DG  A "C1'" 1 
ATOM   472 N N9    . DG  A 1 24 ? -2.56608  -5.14438  0.41323   1.000 68.32584  ? 24  DG  A N9    1 
ATOM   473 C C8    . DG  A 1 24 ? -1.37818  -5.38381  1.05931   1.000 62.82146  ? 24  DG  A C8    1 
ATOM   474 N N7    . DG  A 1 24 ? -0.56182  -4.36935  1.03402   1.000 66.99926  ? 24  DG  A N7    1 
ATOM   475 C C5    . DG  A 1 24 ? -1.25476  -3.39566  0.32999   1.000 61.16809  ? 24  DG  A C5    1 
ATOM   476 C C6    . DG  A 1 24 ? -0.87439  -2.08429  -0.01484  1.000 52.23133  ? 24  DG  A C6    1 
ATOM   477 O O6    . DG  A 1 24 ? 0.19003   -1.50306  0.23923   1.000 61.90007  ? 24  DG  A O6    1 
ATOM   478 N N1    . DG  A 1 24 ? -1.87205  -1.42973  -0.72951  1.000 51.19473  ? 24  DG  A N1    1 
ATOM   479 C C2    . DG  A 1 24 ? -3.08539  -1.97850  -1.06726  1.000 60.74794  ? 24  DG  A C2    1 
ATOM   480 N N2    . DG  A 1 24 ? -3.92508  -1.19226  -1.76220  1.000 55.51644  ? 24  DG  A N2    1 
ATOM   481 N N3    . DG  A 1 24 ? -3.45308  -3.20882  -0.74819  1.000 63.82917  ? 24  DG  A N3    1 
ATOM   482 C C4    . DG  A 1 24 ? -2.49061  -3.85624  -0.05337  1.000 59.55837  ? 24  DG  A C4    1 
ATOM   483 P P     . DG  A 1 25 ? -5.55121  -9.28660  -1.80187  1.000 84.46136  ? 25  DG  A P     1 
ATOM   484 O OP1   . DG  A 1 25 ? -6.80725  -10.06438 -1.71634  1.000 86.70582  ? 25  DG  A OP1   1 
ATOM   485 O OP2   . DG  A 1 25 ? -4.25001  -9.99014  -1.78074  1.000 88.94312  ? 25  DG  A OP2   1 
ATOM   486 O "O5'" . DG  A 1 25 ? -5.61844  -8.37549  -3.11095  1.000 78.36163  ? 25  DG  A "O5'" 1 
ATOM   487 C "C5'" . DG  A 1 25 ? -6.57475  -7.33284  -3.18638  1.000 72.91504  ? 25  DG  A "C5'" 1 
ATOM   488 C "C4'" . DG  A 1 25 ? -6.30344  -6.43870  -4.37949  1.000 80.28769  ? 25  DG  A "C4'" 1 
ATOM   489 O "O4'" . DG  A 1 25 ? -5.35841  -5.40175  -4.00904  1.000 75.76601  ? 25  DG  A "O4'" 1 
ATOM   490 C "C3'" . DG  A 1 25 ? -5.70025  -7.14675  -5.59204  1.000 79.19866  ? 25  DG  A "C3'" 1 
ATOM   491 O "O3'" . DG  A 1 25 ? -6.30472  -6.66281  -6.77687  1.000 86.97461  ? 25  DG  A "O3'" 1 
ATOM   492 C "C2'" . DG  A 1 25 ? -4.22747  -6.75648  -5.52094  1.000 74.71493  ? 25  DG  A "C2'" 1 
ATOM   493 C "C1'" . DG  A 1 25 ? -4.33298  -5.34796  -4.97231  1.000 74.94637  ? 25  DG  A "C1'" 1 
ATOM   494 N N9    . DG  A 1 25 ? -3.11118  -4.88069  -4.32894  1.000 77.93761  ? 25  DG  A N9    1 
ATOM   495 C C8    . DG  A 1 25 ? -2.27622  -5.60373  -3.51356  1.000 71.88484  ? 25  DG  A C8    1 
ATOM   496 N N7    . DG  A 1 25 ? -1.25470  -4.91925  -3.08056  1.000 65.57955  ? 25  DG  A N7    1 
ATOM   497 C C5    . DG  A 1 25 ? -1.42480  -3.66276  -3.64336  1.000 66.25585  ? 25  DG  A C5    1 
ATOM   498 C C6    . DG  A 1 25 ? -0.62672  -2.50123  -3.53297  1.000 69.67087  ? 25  DG  A C6    1 
ATOM   499 O O6    . DG  A 1 25 ? 0.42234   -2.35225  -2.89390  1.000 62.59065  ? 25  DG  A O6    1 
ATOM   500 N N1    . DG  A 1 25 ? -1.15517  -1.44052  -4.26460  1.000 65.97221  ? 25  DG  A N1    1 
ATOM   501 C C2    . DG  A 1 25 ? -2.30982  -1.49877  -5.00867  1.000 67.80170  ? 25  DG  A C2    1 
ATOM   502 N N2    . DG  A 1 25 ? -2.66372  -0.37363  -5.64831  1.000 62.26313  ? 25  DG  A N2    1 
ATOM   503 N N3    . DG  A 1 25 ? -3.06562  -2.58256  -5.12047  1.000 74.65258  ? 25  DG  A N3    1 
ATOM   504 C C4    . DG  A 1 25 ? -2.56248  -3.62288  -4.41492  1.000 68.71034  ? 25  DG  A C4    1 
ATOM   505 P P     . DT  A 1 26 ? -6.01464  -7.38338  -8.18208  1.000 99.99633  ? 26  DT  A P     1 
ATOM   506 O OP1   . DT  A 1 26 ? -7.24210  -7.27984  -9.00119  1.000 94.30697  ? 26  DT  A OP1   1 
ATOM   507 O OP2   . DT  A 1 26 ? -5.43759  -8.71470  -7.88885  1.000 91.67124  ? 26  DT  A OP2   1 
ATOM   508 O "O5'" . DT  A 1 26 ? -4.86616  -6.48674  -8.84006  1.000 82.58093  ? 26  DT  A "O5'" 1 
ATOM   509 C "C5'" . DT  A 1 26 ? -4.90078  -5.07974  -8.69319  1.000 74.58105  ? 26  DT  A "C5'" 1 
ATOM   510 C "C4'" . DT  A 1 26 ? -3.64495  -4.45223  -9.26248  1.000 75.04315  ? 26  DT  A "C4'" 1 
ATOM   511 O "O4'" . DT  A 1 26 ? -2.86370  -3.87334  -8.19957  1.000 75.95075  ? 26  DT  A "O4'" 1 
ATOM   512 C "C3'" . DT  A 1 26 ? -2.68816  -5.41889  -9.92746  1.000 83.13199  ? 26  DT  A "C3'" 1 
ATOM   513 O "O3'" . DT  A 1 26 ? -3.10739  -5.68699  -11.25683 1.000 89.01476  ? 26  DT  A "O3'" 1 
ATOM   514 C "C2'" . DT  A 1 26 ? -1.37879  -4.63030  -9.90060  1.000 73.03856  ? 26  DT  A "C2'" 1 
ATOM   515 C "C1'" . DT  A 1 26 ? -1.51158  -3.79608  -8.61721  1.000 74.69200  ? 26  DT  A "C1'" 1 
ATOM   516 N N1    . DT  A 1 26 ? -0.63852  -4.26791  -7.51020  1.000 75.13504  ? 26  DT  A N1    1 
ATOM   517 C C2    . DT  A 1 26 ? 0.17051   -3.36252  -6.86213  1.000 74.46665  ? 26  DT  A C2    1 
ATOM   518 O O2    . DT  A 1 26 ? 0.20690   -2.17864  -7.14277  1.000 76.22383  ? 26  DT  A O2    1 
ATOM   519 N N3    . DT  A 1 26 ? 0.93828   -3.89418  -5.86429  1.000 62.23034  ? 26  DT  A N3    1 
ATOM   520 C C4    . DT  A 1 26 ? 0.97975   -5.21429  -5.45862  1.000 72.88040  ? 26  DT  A C4    1 
ATOM   521 O O4    . DT  A 1 26 ? 1.70546   -5.59664  -4.54873  1.000 83.31949  ? 26  DT  A O4    1 
ATOM   522 C C5    . DT  A 1 26 ? 0.10900   -6.11152  -6.18030  1.000 76.93051  ? 26  DT  A C5    1 
ATOM   523 C C7    . DT  A 1 26 ? 0.06801   -7.56641  -5.82795  1.000 85.31111  ? 26  DT  A C7    1 
ATOM   524 C C6    . DT  A 1 26 ? -0.64631  -5.60217  -7.16282  1.000 69.28823  ? 26  DT  A C6    1 
HETATM 525 K K     . K   B 2 .  ? -0.98994  4.12165   6.29572   0.50  47.34356  ? 101 K   A K     1 
HETATM 526 K K     . K   C 2 .  ? -0.29459  2.65130   3.49735   1.000 54.50213  ? 102 K   A K     1 
HETATM 527 K K     . K   D 2 .  ? 0.78982   1.11682   0.73399   1.000 56.33652  ? 103 K   A K     1 
HETATM 528 K K     . K   E 2 .  ? 1.80013   -0.30538  -1.92195  1.000 77.44433  ? 104 K   A K     1 
HETATM 529 O O     . HOH F 3 .  ? -2.78549  -8.59725  -3.20306  1.000 79.02678  ? 201 HOH A O     1 
HETATM 530 O O     . HOH F 3 .  ? 11.00332  4.62404   0.48581   1.000 79.43857  ? 202 HOH A O     1 
HETATM 531 O O     . HOH F 3 .  ? 2.47066   -1.82281  -4.64757  1.000 58.73893  ? 203 HOH A O     1 
HETATM 532 O O     . HOH F 3 .  ? -4.23151  13.76739  -6.82645  1.000 104.36424 ? 204 HOH A O     1 
HETATM 533 O O     . HOH F 3 .  ? -10.21183 -14.48355 0.11247   1.000 83.74905  ? 205 HOH A O     1 
HETATM 534 O O     . HOH F 3 .  ? 9.34600   2.87929   0.14752   1.000 70.42681  ? 206 HOH A O     1 
HETATM 535 O O     . HOH F 3 .  ? -1.49194  -11.29842 1.50755   1.000 77.05424  ? 207 HOH A O     1 
HETATM 536 O O     . HOH F 3 .  ? 0.40857   2.46188   -11.85208 1.000 78.21589  ? 208 HOH A O     1 
HETATM 537 O O     . HOH F 3 .  ? 1.02954   -14.13121 -0.02276  1.000 92.85976  ? 209 HOH A O     1 
# 
loop_
_atom_site_anisotrop.id 
_atom_site_anisotrop.type_symbol 
_atom_site_anisotrop.pdbx_label_atom_id 
_atom_site_anisotrop.pdbx_label_alt_id 
_atom_site_anisotrop.pdbx_label_comp_id 
_atom_site_anisotrop.pdbx_label_asym_id 
_atom_site_anisotrop.pdbx_label_seq_id 
_atom_site_anisotrop.pdbx_PDB_ins_code 
_atom_site_anisotrop.U[1][1] 
_atom_site_anisotrop.U[2][2] 
_atom_site_anisotrop.U[3][3] 
_atom_site_anisotrop.U[1][2] 
_atom_site_anisotrop.U[1][3] 
_atom_site_anisotrop.U[2][3] 
_atom_site_anisotrop.pdbx_auth_seq_id 
_atom_site_anisotrop.pdbx_auth_comp_id 
_atom_site_anisotrop.pdbx_auth_asym_id 
_atom_site_anisotrop.pdbx_auth_atom_id 
1   O "O5'" . DG  A 1  ? 1.19598 1.43506 1.70597 -0.45498 -0.24336 -0.24672 1   DG  A "O5'" 
2   C "C5'" . DG  A 1  ? 1.19936 1.50580 1.73896 -0.41957 -0.21003 -0.21750 1   DG  A "C5'" 
3   C "C4'" . DG  A 1  ? 1.03497 1.30732 1.57010 -0.42565 -0.15098 -0.18795 1   DG  A "C4'" 
4   O "O4'" . DG  A 1  ? 0.91753 1.10371 1.43319 -0.46974 -0.14758 -0.19266 1   DG  A "O4'" 
5   C "C3'" . DG  A 1  ? 1.12509 1.34201 1.57298 -0.37563 -0.12299 -0.17166 1   DG  A "C3'" 
6   O "O3'" . DG  A 1  ? 1.14153 1.42970 1.61306 -0.33691 -0.10731 -0.15542 1   DG  A "O3'" 
7   C "C2'" . DG  A 1  ? 0.99341 1.14374 1.42443 -0.40092 -0.08394 -0.15148 1   DG  A "C2'" 
8   C "C1'" . DG  A 1  ? 0.90796 1.00621 1.34579 -0.44717 -0.11418 -0.17464 1   DG  A "C1'" 
9   N N9    . DG  A 1  ? 1.04752 1.05843 1.39909 -0.42438 -0.14048 -0.20102 1   DG  A N9    
10  C C8    . DG  A 1  ? 1.06037 1.07475 1.38819 -0.41740 -0.18627 -0.23664 1   DG  A C8    
11  N N7    . DG  A 1  ? 1.14303 1.07243 1.38460 -0.39385 -0.19390 -0.25723 1   DG  A N7    
12  C C5    . DG  A 1  ? 1.11268 0.98037 1.32810 -0.38261 -0.15408 -0.23248 1   DG  A C5    
13  C C6    . DG  A 1  ? 1.12146 0.89546 1.26247 -0.35385 -0.14302 -0.23989 1   DG  A C6    
14  O O6    . DG  A 1  ? 1.26924 0.99622 1.34884 -0.33201 -0.16095 -0.27341 1   DG  A O6    
15  N N1    . DG  A 1  ? 1.03921 0.77804 1.18108 -0.35016 -0.10682 -0.20457 1   DG  A N1    
16  C C2    . DG  A 1  ? 1.05709 0.84224 1.25237 -0.37367 -0.08115 -0.16794 1   DG  A C2    
17  N N2    . DG  A 1  ? 1.08024 0.81763 1.25484 -0.36713 -0.05128 -0.13612 1   DG  A N2    
18  N N3    . DG  A 1  ? 1.07816 0.95388 1.34254 -0.40034 -0.08448 -0.16360 1   DG  A N3    
19  C C4    . DG  A 1  ? 1.07768 0.99138 1.35380 -0.40225 -0.12301 -0.19652 1   DG  A C4    
20  P P     . DT  A 2  ? 1.10010 1.44297 1.62748 -0.34012 -0.05670 -0.12970 2   DT  A P     
21  O OP1   . DT  A 2  ? 0.96071 1.34901 1.57208 -0.39506 -0.04721 -0.12944 2   DT  A OP1   
22  O OP2   . DT  A 2  ? 0.99727 1.40335 1.54410 -0.29397 -0.05738 -0.12601 2   DT  A OP2   
23  O "O5'" . DT  A 2  ? 0.88284 1.13720 1.32882 -0.32992 -0.01922 -0.10867 2   DT  A "O5'" 
24  C "C5'" . DT  A 2  ? 0.94172 1.19040 1.40383 -0.36038 0.02247  -0.08670 2   DT  A "C5'" 
25  C "C4'" . DT  A 2  ? 0.79593 0.95840 1.17238 -0.34196 0.04504  -0.06696 2   DT  A "C4'" 
26  O "O4'" . DT  A 2  ? 0.98739 1.05884 1.30902 -0.34395 0.01975  -0.07784 2   DT  A "O4'" 
27  C "C3'" . DT  A 2  ? 0.93651 1.10639 1.27242 -0.28901 0.05199  -0.06224 2   DT  A "C3'" 
28  O "O3'" . DT  A 2  ? 0.92350 1.07754 1.23077 -0.28581 0.08968  -0.03834 2   DT  A "O3'" 
29  C "C2'" . DT  A 2  ? 0.86757 0.96640 1.13562 -0.26371 0.02539  -0.07268 2   DT  A "C2'" 
30  C "C1'" . DT  A 2  ? 0.78972 0.81712 1.04249 -0.29842 0.01891  -0.07571 2   DT  A "C1'" 
31  N N1    . DT  A 2  ? 0.94756 0.92726 1.16339 -0.28779 -0.01505 -0.10266 2   DT  A N1    
32  C C2    . DT  A 2  ? 1.02550 0.91713 1.18246 -0.27537 -0.01417 -0.10345 2   DT  A C2    
33  O O2    . DT  A 2  ? 1.11478 0.96341 1.24988 -0.27307 0.00811  -0.07953 2   DT  A O2    
34  N N3    . DT  A 2  ? 0.99051 0.84736 1.11374 -0.26374 -0.04151 -0.13452 2   DT  A N3    
35  C C4    . DT  A 2  ? 0.97673 0.87397 1.10918 -0.26603 -0.07239 -0.16186 2   DT  A C4    
36  O O4    . DT  A 2  ? 1.08457 0.94402 1.17226 -0.25560 -0.09411 -0.19101 2   DT  A O4    
37  C C5    . DT  A 2  ? 0.96943 0.95803 1.16684 -0.27964 -0.07803 -0.15516 2   DT  A C5    
38  C C7    . DT  A 2  ? 0.97355 1.01341 1.18797 -0.28179 -0.11818 -0.17979 2   DT  A C7    
39  C C6    . DT  A 2  ? 0.93324 0.95987 1.17322 -0.28818 -0.04757 -0.12758 2   DT  A C6    
40  P P     . DT  A 3  ? 1.01944 1.18508 1.29331 -0.23891 0.10129  -0.03278 3   DT  A P     
41  O OP1   . DT  A 3  ? 1.27687 1.46911 1.55565 -0.24895 0.14206  -0.01726 3   DT  A OP1   
42  O OP2   . DT  A 3  ? 0.99395 1.20884 1.29799 -0.20991 0.07501  -0.05088 3   DT  A OP2   
43  O "O5'" . DT  A 3  ? 0.80240 0.87954 0.99683 -0.21910 0.09170  -0.02404 3   DT  A "O5'" 
44  C "C5'" . DT  A 3  ? 0.96287 0.97698 1.11711 -0.23652 0.10702  -0.00336 3   DT  A "C5'" 
45  C "C4'" . DT  A 3  ? 1.01820 0.95997 1.11820 -0.21307 0.08948  -0.00264 3   DT  A "C4'" 
46  O "O4'" . DT  A 3  ? 1.00650 0.92674 1.11416 -0.21815 0.06357  -0.02503 3   DT  A "O4'" 
47  C "C3'" . DT  A 3  ? 0.89148 0.84404 0.96597 -0.17123 0.08399  -0.00497 3   DT  A "C3'" 
48  O "O3'" . DT  A 3  ? 0.95829 0.89446 1.00031 -0.16225 0.10115  0.01629  3   DT  A "O3'" 
49  C "C2'" . DT  A 3  ? 1.00754 0.91207 1.05374 -0.15457 0.06311  -0.01707 3   DT  A "C2'" 
50  C "C1'" . DT  A 3  ? 0.88687 0.76741 0.95184 -0.18495 0.05112  -0.03187 3   DT  A "C1'" 
51  N N1    . DT  A 3  ? 0.90033 0.79556 0.96974 -0.17824 0.02639  -0.06089 3   DT  A N1    
52  C C2    . DT  A 3  ? 0.98288 0.82236 1.01925 -0.16877 0.01280  -0.07907 3   DT  A C2    
53  O O2    . DT  A 3  ? 1.08286 0.86136 1.09546 -0.16225 0.01888  -0.07221 3   DT  A O2    
54  N N3    . DT  A 3  ? 1.01053 0.86790 1.04084 -0.16476 -0.00955 -0.10688 3   DT  A N3    
55  C C4    . DT  A 3  ? 0.93773 0.86111 0.99460 -0.16894 -0.02457 -0.11391 3   DT  A C4    
56  O O4    . DT  A 3  ? 1.08403 1.01653 1.12439 -0.16553 -0.04903 -0.13710 3   DT  A O4    
57  C C5    . DT  A 3  ? 0.91277 0.89315 1.01565 -0.17535 -0.01063 -0.09329 3   DT  A C5    
58  C C7    . DT  A 3  ? 0.88126 0.93623 1.02624 -0.17411 -0.02772 -0.09909 3   DT  A C7    
59  C C6    . DT  A 3  ? 0.91621 0.88026 1.02106 -0.17993 0.01640  -0.07019 3   DT  A C6    
60  P P     . DG  A 4  ? 1.08884 1.03621 1.10826 -0.12643 0.09836  0.01820  4   DG  A P     
61  O OP1   . DG  A 4  ? 1.02516 0.93097 1.01750 -0.10644 0.08303  0.01849  4   DG  A OP1   
62  O OP2   . DG  A 4  ? 1.09178 1.04691 1.09380 -0.12974 0.11865  0.03249  4   DG  A OP2   
63  O "O5'" . DG  A 4  ? 0.87834 0.88261 0.93417 -0.11362 0.08865  -0.00016 4   DG  A "O5'" 
64  C "C5'" . DG  A 4  ? 0.87473 0.93347 0.96886 -0.11865 0.10155  -0.00534 4   DG  A "C5'" 
65  C "C4'" . DG  A 4  ? 0.70446 0.79751 0.81672 -0.09093 0.08713  -0.01499 4   DG  A "C4'" 
66  O "O4'" . DG  A 4  ? 0.71514 0.78396 0.79115 -0.06922 0.08901  -0.00584 4   DG  A "O4'" 
67  C "C3'" . DG  A 4  ? 0.68375 0.77529 0.79598 -0.08244 0.05843  -0.02351 4   DG  A "C3'" 
68  O "O3'" . DG  A 4  ? 0.82695 0.96604 0.97717 -0.06840 0.04398  -0.03144 4   DG  A "O3'" 
69  C "C2'" . DG  A 4  ? 0.63421 0.68500 0.69752 -0.06298 0.05426  -0.01319 4   DG  A "C2'" 
70  C "C1'" . DG  A 4  ? 0.67875 0.73631 0.74103 -0.05114 0.06737  -0.00528 4   DG  A "C1'" 
71  N N9    . DG  A 4  ? 0.73409 0.75554 0.75746 -0.04112 0.06903  0.00744  4   DG  A N9    
72  C C8    . DG  A 4  ? 0.70244 0.68913 0.69835 -0.04890 0.07702  0.01753  4   DG  A C8    
73  N N7    . DG  A 4  ? 0.71746 0.68611 0.69162 -0.03642 0.07253  0.02750  4   DG  A N7    
74  C C5    . DG  A 4  ? 0.74099 0.72859 0.72550 -0.02270 0.06331  0.02497  4   DG  A C5    
75  C C6    . DG  A 4  ? 0.70437 0.68422 0.67862 -0.01113 0.05523  0.03431  4   DG  A C6    
76  O O6    . DG  A 4  ? 0.56107 0.52384 0.52041 -0.01016 0.05421  0.04460  4   DG  A O6    
77  N N1    . DG  A 4  ? 0.69291 0.68754 0.68069 -0.00145 0.04486  0.03285  4   DG  A N1    
78  C C2    . DG  A 4  ? 0.64106 0.66041 0.65302 0.00096  0.03978  0.02257  4   DG  A C2    
79  N N2    . DG  A 4  ? 0.67015 0.69583 0.69214 0.01387  0.02438  0.02640  4   DG  A N2    
80  N N3    . DG  A 4  ? 0.66749 0.70410 0.69661 -0.00992 0.04666  0.01133  4   DG  A N3    
81  C C4    . DG  A 4  ? 0.70848 0.72556 0.72084 -0.02325 0.05976  0.01361  4   DG  A C4    
82  P P     . DG  A 5  ? 0.83352 0.98221 0.98190 -0.06019 0.00969  -0.03876 5   DG  A P     
83  O OP1   . DG  A 5  ? 1.01832 1.21478 1.22297 -0.07764 -0.00263 -0.05296 5   DG  A OP1   
84  O OP2   . DG  A 5  ? 0.85328 0.95409 0.94533 -0.05995 0.00436  -0.03725 5   DG  A OP2   
85  O "O5'" . DG  A 5  ? 0.83932 1.00179 0.99103 -0.03001 -0.00233 -0.03036 5   DG  A "O5'" 
86  C "C5'" . DG  A 5  ? 0.77257 0.89893 0.88486 -0.01492 0.00652  -0.01621 5   DG  A "C5'" 
87  C "C4'" . DG  A 5  ? 0.82715 0.95200 0.92820 0.00601  -0.01782 -0.00565 5   DG  A "C4'" 
88  O "O4'" . DG  A 5  ? 0.84158 0.92774 0.89966 0.01243  -0.01056 0.01014  5   DG  A "O4'" 
89  C "C3'" . DG  A 5  ? 0.72296 0.85273 0.80247 0.00294  -0.04376 -0.00675 5   DG  A "C3'" 
90  O "O3'" . DG  A 5  ? 0.90823 1.04123 0.98247 0.02159  -0.06921 0.00756  5   DG  A "O3'" 
91  C "C2'" . DG  A 5  ? 0.83481 0.92634 0.85919 -0.00390 -0.02963 -0.00246 5   DG  A "C2'" 
92  C "C1'" . DG  A 5  ? 0.76642 0.83701 0.78196 0.00708  -0.01595 0.01467  5   DG  A "C1'" 
93  N N9    . DG  A 5  ? 0.76834 0.81304 0.76190 0.00052  0.00567  0.01699  5   DG  A N9    
94  C C8    . DG  A 5  ? 0.77587 0.81102 0.77221 -0.01210 0.01968  0.00657  5   DG  A C8    
95  N N7    . DG  A 5  ? 0.74512 0.75596 0.72244 -0.01126 0.03257  0.01411  5   DG  A N7    
96  C C5    . DG  A 5  ? 0.74081 0.75069 0.70612 -0.00069 0.02901  0.02898  5   DG  A C5    
97  C C6    . DG  A 5  ? 0.80346 0.80044 0.75692 0.00256  0.03679  0.04205  5   DG  A C6    
98  O O6    . DG  A 5  ? 0.57992 0.56420 0.53130 0.00121  0.04622  0.04269  5   DG  A O6    
99  N N1    . DG  A 5  ? 0.66877 0.66885 0.61709 0.00707  0.02957  0.05754  5   DG  A N1    
100 C C2    . DG  A 5  ? 0.83843 0.84535 0.78754 0.01149  0.01423  0.06202  5   DG  A C2    
101 N N2    . DG  A 5  ? 0.67099 0.66970 0.61148 0.01299  0.00735  0.08228  5   DG  A N2    
102 N N3    . DG  A 5  ? 0.79537 0.81639 0.75712 0.01334  0.00371  0.04952  5   DG  A N3    
103 C C4    . DG  A 5  ? 0.69291 0.71822 0.66452 0.00556  0.01306  0.03232  5   DG  A C4    
104 P P     . DG  A 6  ? 0.90752 1.06292 0.97484 0.02295  -0.10768 0.00655  6   DG  A P     
105 O OP1   . DG  A 6  ? 0.96728 1.15268 1.08871 0.04288  -0.13225 0.01123  6   DG  A OP1   
106 O OP2   . DG  A 6  ? 0.82278 0.98870 0.88652 0.00080  -0.10801 -0.01557 6   DG  A OP2   
107 O "O5'" . DG  A 6  ? 0.98720 1.10776 0.97978 0.02726  -0.11455 0.02835  6   DG  A "O5'" 
108 C "C5'" . DG  A 6  ? 1.03796 1.12918 0.98824 0.01917  -0.08546 0.03107  6   DG  A "C5'" 
109 C "C4'" . DG  A 6  ? 0.85363 0.92159 0.75928 0.02575  -0.08610 0.05965  6   DG  A "C4'" 
110 O "O4'" . DG  A 6  ? 0.92467 0.97264 0.82685 0.02223  -0.05543 0.06571  6   DG  A "O4'" 
111 C "C3'" . DG  A 6  ? 0.99902 1.06425 0.83677 0.02023  -0.09408 0.06463  6   DG  A "C3'" 
112 O "O3'" . DG  A 6  ? 1.07410 1.12714 0.88097 0.02614  -0.11069 0.09751  6   DG  A "O3'" 
113 C "C2'" . DG  A 6  ? 0.95420 1.00756 0.76707 0.01278  -0.05790 0.05653  6   DG  A "C2'" 
114 C "C1'" . DG  A 6  ? 0.90427 0.94616 0.75760 0.01542  -0.03964 0.06811  6   DG  A "C1'" 
115 N N9    . DG  A 6  ? 0.75177 0.78838 0.61929 0.01100  -0.01325 0.05194  6   DG  A N9    
116 C C8    . DG  A 6  ? 0.80754 0.84502 0.69437 0.00599  -0.00932 0.02692  6   DG  A C8    
117 N N7    . DG  A 6  ? 0.81028 0.83446 0.70340 0.00452  0.01186  0.02208  6   DG  A N7    
118 C C5    . DG  A 6  ? 0.79927 0.82174 0.68260 0.00882  0.02259  0.04259  6   DG  A C5    
119 C C6    . DG  A 6  ? 0.87572 0.89268 0.76777 0.01044  0.04134  0.04796  6   DG  A C6    
120 O O6    . DG  A 6  ? 0.72630 0.73252 0.63149 0.01154  0.05084  0.03696  6   DG  A O6    
121 N N1    . DG  A 6  ? 0.76478 0.78931 0.65209 0.00963  0.04569  0.07109  6   DG  A N1    
122 C C2    . DG  A 6  ? 0.81768 0.84463 0.68693 0.00688  0.03393  0.08998  6   DG  A C2    
123 N N2    . DG  A 6  ? 0.80257 0.83260 0.67129 0.00062  0.04090  0.11458  6   DG  A N2    
124 N N3    . DG  A 6  ? 0.82136 0.84753 0.67715 0.00892  0.01384  0.08734  6   DG  A N3    
125 C C4    . DG  A 6  ? 0.71834 0.74668 0.58538 0.01029  0.00906  0.06167  6   DG  A C4    
126 P P     . DG  A 7  ? 1.04337 1.09621 0.76917 0.02115  -0.12729 0.11025  7   DG  A P     
127 O OP1   . DG  A 7  ? 1.16479 1.20861 0.88560 0.03097  -0.16527 0.14230  7   DG  A OP1   
128 O OP2   . DG  A 7  ? 0.92726 0.99698 0.63410 0.01441  -0.13276 0.07472  7   DG  A OP2   
129 O "O5'" . DG  A 7  ? 1.09402 1.13420 0.77499 0.01199  -0.08905 0.12659  7   DG  A "O5'" 
130 C "C5'" . DG  A 7  ? 1.12312 1.14526 0.82643 0.01096  -0.07722 0.15610  7   DG  A "C5'" 
131 C "C4'" . DG  A 7  ? 1.17466 1.20090 0.84786 -0.00096 -0.03883 0.16598  7   DG  A "C4'" 
132 O "O4'" . DG  A 7  ? 1.03461 1.06936 0.75238 0.00038  -0.01171 0.14014  7   DG  A "O4'" 
133 C "C3'" . DG  A 7  ? 1.04813 1.09053 0.64470 -0.00700 -0.02613 0.16088  7   DG  A "C3'" 
134 O "O3'" . DG  A 7  ? 1.19270 1.23587 0.75104 -0.01980 -0.00666 0.19685  7   DG  A "O3'" 
135 C "C2'" . DG  A 7  ? 1.12524 1.18295 0.73934 -0.00318 0.00379  0.12033  7   DG  A "C2'" 
136 C "C1'" . DG  A 7  ? 1.02852 1.08132 0.71288 -0.00260 0.01792  0.12633  7   DG  A "C1'" 
137 N N9    . DG  A 7  ? 0.90538 0.96059 0.62820 0.00404  0.03170  0.09260  7   DG  A N9    
138 C C8    . DG  A 7  ? 0.90803 0.95695 0.64479 0.00819  0.01739  0.06254  7   DG  A C8    
139 N N7    . DG  A 7  ? 0.85517 0.89921 0.62298 0.01141  0.03384  0.04209  7   DG  A N7    
140 C C5    . DG  A 7  ? 0.77402 0.82677 0.55303 0.01254  0.05823  0.05761  7   DG  A C5    
141 C C6    . DG  A 7  ? 0.88627 0.93992 0.69964 0.01838  0.07806  0.04904  7   DG  A C6    
142 O O6    . DG  A 7  ? 0.74353 0.78167 0.57761 0.02367  0.07858  0.02792  7   DG  A O6    
143 N N1    . DG  A 7  ? 0.72702 0.80156 0.55251 0.01616  0.09610  0.07086  7   DG  A N1    
144 C C2    . DG  A 7  ? 0.90262 0.99015 0.70626 0.00533  0.09781  0.09965  7   DG  A C2    
145 N N2    . DG  A 7  ? 0.73765 0.84912 0.56566 -0.00101 0.11711  0.11900  7   DG  A N2    
146 N N3    . DG  A 7  ? 0.82415 0.90172 0.58758 -0.00030 0.07925  0.11135  7   DG  A N3    
147 C C4    . DG  A 7  ? 0.92668 0.98916 0.68132 0.00580  0.05881  0.08799  7   DG  A C4    
148 P P     . DT  A 8  ? 1.24745 1.27432 0.73516 -0.02806 -0.03261 0.23942  8   DT  A P     
149 O OP1   . DT  A 8  ? 1.47220 1.51541 0.87800 -0.02824 -0.03359 0.22097  8   DT  A OP1   
150 O OP2   . DT  A 8  ? 1.50082 1.51780 0.98798 -0.04565 -0.01357 0.28407  8   DT  A OP2   
151 O "O5'" . DT  A 8  ? 1.35590 1.35755 0.88388 -0.01372 -0.08409 0.24451  8   DT  A "O5'" 
152 C "C5'" . DT  A 8  ? 1.29364 1.26147 0.81181 -0.01495 -0.11391 0.29071  8   DT  A "C5'" 
153 C "C4'" . DT  A 8  ? 1.38667 1.32946 0.98920 -0.00595 -0.12190 0.29316  8   DT  A "C4'" 
154 O "O4'" . DT  A 8  ? 1.50132 1.43972 1.12310 -0.02285 -0.08549 0.30470  8   DT  A "O4'" 
155 C "C3'" . DT  A 8  ? 1.55373 1.45274 1.16423 0.00403  -0.16561 0.32946  8   DT  A "C3'" 
156 O "O3'" . DT  A 8  ? 1.49288 1.38702 1.18339 0.02693  -0.18365 0.30384  8   DT  A "O3'" 
157 C "C2'" . DT  A 8  ? 1.58599 1.44991 1.18585 -0.01754 -0.14851 0.37126  8   DT  A "C2'" 
158 C "C1'" . DT  A 8  ? 1.52217 1.41443 1.16305 -0.02746 -0.10354 0.34150  8   DT  A "C1'" 
159 P P     . DT  A 9  ? 1.44890 1.37642 1.16845 0.04898  -0.21390 0.27147  9   DT  A P     
160 O OP1   . DT  A 9  ? 1.43168 1.37935 1.07523 0.04048  -0.22697 0.27665  9   DT  A OP1   
161 O OP2   . DT  A 9  ? 1.39952 1.30428 1.17851 0.07486  -0.25015 0.27847  9   DT  A OP2   
162 O "O5'" . DT  A 9  ? 1.36751 1.33094 1.13552 0.04726  -0.17921 0.22205  9   DT  A "O5'" 
163 C "C5'" . DT  A 9  ? 1.34042 1.32959 1.17582 0.06405  -0.19180 0.18968  9   DT  A "C5'" 
164 C "C4'" . DT  A 9  ? 1.33708 1.31783 1.23183 0.06850  -0.16642 0.17239  9   DT  A "C4'" 
165 O "O4'" . DT  A 9  ? 1.24130 1.23018 1.11994 0.05015  -0.12690 0.15760  9   DT  A "O4'" 
166 C "C3'" . DT  A 9  ? 1.41043 1.34164 1.31419 0.07397  -0.17167 0.19899  9   DT  A "C3'" 
167 O "O3'" . DT  A 9  ? 1.27816 1.20333 1.25007 0.09814  -0.18195 0.18069  9   DT  A "O3'" 
168 C "C2'" . DT  A 9  ? 1.31031 1.22961 1.19415 0.05167  -0.13456 0.20205  9   DT  A "C2'" 
169 C "C1'" . DT  A 9  ? 1.24372 1.20427 1.13554 0.04562  -0.10865 0.16706  9   DT  A "C1'" 
170 N N1    . DT  A 9  ? 1.22447 1.19090 1.08325 0.02627  -0.07767 0.17025  9   DT  A N1    
171 C C2    . DT  A 9  ? 1.25003 1.23669 1.12496 0.02246  -0.05319 0.14199  9   DT  A C2    
172 O O2    . DT  A 9  ? 1.12067 1.11939 1.03006 0.02948  -0.05350 0.11675  9   DT  A O2    
173 N N3    . DT  A 9  ? 1.13728 1.13103 0.98918 0.01002  -0.02760 0.14614  9   DT  A N3    
174 C C4    . DT  A 9  ? 1.15495 1.14635 0.97250 -0.00168 -0.01895 0.17423  9   DT  A C4    
175 O O4    . DT  A 9  ? 0.99075 0.99983 0.80032 -0.01015 0.00761  0.17338  9   DT  A O4    
176 C C5    . DT  A 9  ? 1.28640 1.25447 1.08151 -0.00286 -0.04301 0.20646  9   DT  A C5    
177 C C7    . DT  A 9  ? 1.32831 1.29145 1.08152 -0.02112 -0.03299 0.24414  9   DT  A C7    
178 C C6    . DT  A 9  ? 1.28954 1.24228 1.10539 0.01265  -0.07350 0.20331  9   DT  A C6    
179 P P     . DG  A 10 ? 1.19852 1.14985 1.22197 0.10123  -0.15151 0.13872  10  DG  A P     
180 O OP1   . DG  A 10 ? 1.15283 1.15360 1.17665 0.08972  -0.13646 0.11529  10  DG  A OP1   
181 O OP2   . DG  A 10 ? 1.21764 1.16106 1.29961 0.13037  -0.16691 0.12613  10  DG  A OP2   
182 O "O5'" . DG  A 10 ? 0.98816 0.90703 0.98976 0.08248  -0.12298 0.14310  10  DG  A "O5'" 
183 C "C5'" . DG  A 10 ? 0.87440 0.81327 0.88571 0.07230  -0.09175 0.11689  10  DG  A "C5'" 
184 C "C4'" . DG  A 10 ? 0.86521 0.76959 0.86411 0.05907  -0.07768 0.12401  10  DG  A "C4'" 
185 O "O4'" . DG  A 10 ? 0.72836 0.64894 0.73643 0.05265  -0.05255 0.09863  10  DG  A "O4'" 
186 C "C3'" . DG  A 10 ? 0.83435 0.73177 0.79351 0.03701  -0.07123 0.15250  10  DG  A "C3'" 
187 O "O3'" . DG  A 10 ? 0.85757 0.71444 0.81820 0.02739  -0.07477 0.16811  10  DG  A "O3'" 
188 C "C2'" . DG  A 10 ? 0.84352 0.77295 0.79787 0.02614  -0.04428 0.13452  10  DG  A "C2'" 
189 C "C1'" . DG  A 10 ? 0.75826 0.67974 0.74099 0.03273  -0.03780 0.10985  10  DG  A "C1'" 
190 N N9    . DG  A 10 ? 0.69047 0.63663 0.67519 0.02770  -0.01744 0.08954  10  DG  A N9    
191 C C8    . DG  A 10 ? 0.63297 0.60567 0.63107 0.03256  -0.01131 0.06974  10  DG  A C8    
192 N N7    . DG  A 10 ? 0.64209 0.62231 0.63519 0.02328  0.00624  0.05951  10  DG  A N7    
193 C C5    . DG  A 10 ? 0.73006 0.69248 0.70883 0.01532  0.00981  0.07167  10  DG  A C5    
194 C C6    . DG  A 10 ? 0.75013 0.71084 0.72107 0.00682  0.02123  0.07057  10  DG  A C6    
195 O O6    . DG  A 10 ? 0.56700 0.53305 0.53547 0.00394  0.03159  0.06052  10  DG  A O6    
196 N N1    . DG  A 10 ? 0.57872 0.52907 0.54773 0.00010  0.01686  0.08555  10  DG  A N1    
197 C C2    . DG  A 10 ? 0.73689 0.67486 0.70837 -0.00273 0.00556  0.10122  10  DG  A C2    
198 N N2    . DG  A 10 ? 0.69029 0.62408 0.66732 -0.01502 0.00285  0.11517  10  DG  A N2    
199 N N3    . DG  A 10 ? 0.70088 0.63043 0.67269 0.00480  -0.00508 0.10532  10  DG  A N3    
200 C C4    . DG  A 10 ? 0.64419 0.58884 0.62055 0.01572  -0.00337 0.08926  10  DG  A C4    
201 P P     . DG  A 11 ? 0.98871 0.83108 0.91936 0.00364  -0.07448 0.20816  11  DG  A P     
202 O OP1   . DG  A 11 ? 0.99435 0.78335 0.92540 0.00780  -0.10258 0.23279  11  DG  A OP1   
203 O OP2   . DG  A 11 ? 1.01747 0.90153 0.91520 -0.00275 -0.06027 0.21488  11  DG  A OP2   
204 O "O5'" . DG  A 11 ? 0.95377 0.79632 0.89867 -0.01605 -0.05717 0.20362  11  DG  A "O5'" 
205 C "C5'" . DG  A 11 ? 0.77329 0.65529 0.72410 -0.01717 -0.03516 0.18108  11  DG  A "C5'" 
206 C "C4'" . DG  A 11 ? 0.81505 0.71367 0.77174 -0.03970 -0.02077 0.19560  11  DG  A "C4'" 
207 O "O4'" . DG  A 11 ? 0.78381 0.71498 0.75051 -0.03596 -0.00425 0.17372  11  DG  A "O4'" 
208 C "C3'" . DG  A 11 ? 0.90418 0.82778 0.83971 -0.05354 -0.00753 0.22423  11  DG  A "C3'" 
209 O "O3'" . DG  A 11 ? 1.00794 0.94266 0.96473 -0.07726 0.00134  0.24202  11  DG  A "O3'" 
210 C "C2'" . DG  A 11 ? 0.83191 0.79787 0.75533 -0.04117 0.01219  0.20304  11  DG  A "C2'" 
211 C "C1'" . DG  A 11 ? 0.88771 0.85789 0.84098 -0.03601 0.01535  0.17783  11  DG  A "C1'" 
212 N N9    . DG  A 11 ? 0.75096 0.73218 0.69867 -0.01983 0.02086  0.15077  11  DG  A N9    
213 C C8    . DG  A 11 ? 0.64574 0.62216 0.57961 -0.00786 0.01280  0.13880  11  DG  A C8    
214 N N7    . DG  A 11 ? 0.77867 0.76598 0.71570 -0.00072 0.02023  0.11587  11  DG  A N7    
215 C C5    . DG  A 11 ? 0.70424 0.69889 0.65389 -0.00483 0.03237  0.11396  11  DG  A C5    
216 C C6    . DG  A 11 ? 0.82663 0.82525 0.78244 -0.00033 0.04117  0.09755  11  DG  A C6    
217 O O6    . DG  A 11 ? 0.65314 0.64825 0.60389 0.00409  0.04270  0.08089  11  DG  A O6    
218 N N1    . DG  A 11 ? 0.65231 0.65865 0.62531 -0.00319 0.04575  0.10441  11  DG  A N1    
219 C C2    . DG  A 11 ? 0.72248 0.73855 0.71083 -0.01310 0.04355  0.12292  11  DG  A C2    
220 N N2    . DG  A 11 ? 0.64072 0.67243 0.65496 -0.01477 0.04467  0.12669  11  DG  A N2    
221 N N3    . DG  A 11 ? 0.61896 0.62874 0.60118 -0.02216 0.03778  0.13878  11  DG  A N3    
222 C C4    . DG  A 11 ? 0.62500 0.62100 0.58492 -0.01569 0.03199  0.13397  11  DG  A C4    
223 P P     . DG  A 12 ? 0.91631 0.87941 0.85836 -0.10003 0.02047  0.27798  12  DG  A P     
224 O OP1   . DG  A 12 ? 0.95596 0.90422 0.93051 -0.12925 0.01369  0.30135  12  DG  A OP1   
225 O OP2   . DG  A 12 ? 0.88758 0.83886 0.77869 -0.09340 0.01622  0.29366  12  DG  A OP2   
226 O "O5'" . DG  A 12 ? 0.91021 0.93774 0.86445 -0.09431 0.05191  0.26083  12  DG  A "O5'" 
227 C "C5'" . DG  A 12 ? 0.84731 0.89977 0.85096 -0.10005 0.05653  0.25144  12  DG  A "C5'" 
228 C "C4'" . DG  A 12 ? 0.90946 1.01358 0.92284 -0.08330 0.08193  0.23067  12  DG  A "C4'" 
229 O "O4'" . DG  A 12 ? 0.74115 0.82513 0.73572 -0.05848 0.07403  0.20063  12  DG  A "O4'" 
230 C "C3'" . DG  A 12 ? 0.85595 1.00012 0.84014 -0.08344 0.11314  0.23931  12  DG  A "C3'" 
231 O "O3'" . DG  A 12 ? 0.91756 1.11691 0.94474 -0.09950 0.13708  0.25458  12  DG  A "O3'" 
232 C "C2'" . DG  A 12 ? 0.90606 1.05775 0.87084 -0.05397 0.12217  0.20342  12  DG  A "C2'" 
233 C "C1'" . DG  A 12 ? 0.71814 0.83748 0.70719 -0.04308 0.09754  0.18394  12  DG  A "C1'" 
234 N N9    . DG  A 12 ? 0.77470 0.86802 0.73428 -0.02474 0.08921  0.15872  12  DG  A N9    
235 C C8    . DG  A 12 ? 0.70003 0.76750 0.62122 -0.02256 0.07613  0.15780  12  DG  A C8    
236 N N7    . DG  A 12 ? 0.69429 0.74941 0.60679 -0.00900 0.07035  0.13243  12  DG  A N7    
237 C C5    . DG  A 12 ? 0.72312 0.78764 0.66341 -0.00162 0.08000  0.11800  12  DG  A C5    
238 C C6    . DG  A 12 ? 0.76684 0.81797 0.71037 0.00983  0.07882  0.09413  12  DG  A C6    
239 O O6    . DG  A 12 ? 0.66666 0.70029 0.59349 0.01274  0.07098  0.07862  12  DG  A O6    
240 N N1    . DG  A 12 ? 0.74669 0.80688 0.72047 0.01648  0.08558  0.09130  12  DG  A N1    
241 C C2    . DG  A 12 ? 0.70930 0.79827 0.71491 0.01283  0.09194  0.10680  12  DG  A C2    
242 N N2    . DG  A 12 ? 0.67377 0.77158 0.71268 0.02368  0.09226  0.10199  12  DG  A N2    
243 N N3    . DG  A 12 ? 0.66392 0.77185 0.67235 -0.00189 0.09555  0.12785  12  DG  A N3    
244 C C4    . DG  A 12 ? 0.79165 0.88117 0.76251 -0.00863 0.08962  0.13339  12  DG  A C4    
245 P P     . DG  A 13 ? 0.81660 1.07944 0.82974 -0.09656 0.18170  0.25543  13  DG  A P     
246 O OP1   . DG  A 13 ? 0.73443 1.04718 0.79894 -0.12591 0.19996  0.28482  13  DG  A OP1   
247 O OP2   . DG  A 13 ? 0.64816 0.88846 0.57982 -0.09102 0.18644  0.25603  13  DG  A OP2   
248 O "O5'" . DG  A 13 ? 0.85534 1.14625 0.90011 -0.06339 0.19245  0.21578  13  DG  A "O5'" 
249 C "C5'" . DG  A 13 ? 0.80261 1.10507 0.91582 -0.05888 0.17743  0.20872  13  DG  A "C5'" 
250 C "C4'" . DG  A 13 ? 0.81014 1.13459 0.94468 -0.02464 0.18946  0.17571  13  DG  A "C4'" 
251 O "O4'" . DG  A 13 ? 0.83201 1.09674 0.92270 -0.00648 0.16922  0.15251  13  DG  A "O4'" 
252 C "C3'" . DG  A 13 ? 0.80749 1.18326 0.93056 -0.00978 0.23329  0.16226  13  DG  A "C3'" 
253 O "O3'" . DG  A 13 ? 0.65821 1.08318 0.85007 0.01415  0.24709  0.14482  13  DG  A "O3'" 
254 C "C2'" . DG  A 13 ? 0.85844 1.18371 0.90693 0.00838  0.22917  0.13594  13  DG  A "C2'" 
255 C "C1'" . DG  A 13 ? 0.78302 1.05480 0.84483 0.01706  0.19157  0.12557  13  DG  A "C1'" 
256 N N9    . DG  A 13 ? 0.87050 1.08617 0.87276 0.02084  0.17406  0.11136  13  DG  A N9    
257 C C8    . DG  A 13 ? 0.91638 1.10980 0.86365 0.00663  0.16654  0.12253  13  DG  A C8    
258 N N7    . DG  A 13 ? 0.79270 0.94548 0.70736 0.01431  0.14838  0.10406  13  DG  A N7    
259 C C5    . DG  A 13 ? 0.80312 0.94503 0.74766 0.03158  0.14607  0.08120  13  DG  A C5    
260 C C6    . DG  A 13 ? 0.76227 0.86432 0.69476 0.04071  0.13106  0.05805  13  DG  A C6    
261 O O6    . DG  A 13 ? 0.64038 0.71689 0.53982 0.03560  0.11681  0.04997  13  DG  A O6    
262 N N1    . DG  A 13 ? 0.72039 0.81519 0.68858 0.05591  0.13192  0.04609  13  DG  A N1    
263 C C2    . DG  A 13 ? 0.81586 0.94374 0.83156 0.06529  0.14258  0.05353  13  DG  A C2    
264 N N2    . DG  A 13 ? 0.68817 0.79910 0.73382 0.08287  0.13567  0.04306  13  DG  A N2    
265 N N3    . DG  A 13 ? 0.67705 0.85244 0.71354 0.05665  0.15719  0.07236  13  DG  A N3    
266 C C4    . DG  A 13 ? 0.76811 0.94524 0.76434 0.03801  0.15957  0.08613  13  DG  A C4    
267 P P     . DT  A 14 ? 1.01692 1.53753 1.26009 0.01498  0.29458  0.14857  14  DT  A P     
268 O OP1   . DT  A 14 ? 0.62552 1.15499 0.79314 0.00782  0.33032  0.14829  14  DT  A OP1   
269 O OP2   . DT  A 14 ? 1.07379 1.62721 1.38417 0.05357  0.29991  0.12053  14  DT  A OP2   
270 O "O5'" . DT  A 14 ? 0.76777 1.32494 1.07165 -0.02514 0.28418  0.18914  14  DT  A "O5'" 
271 C "C5'" . DT  A 14 ? 0.91288 1.45867 1.27776 -0.02871 0.24314  0.19492  14  DT  A "C5'" 
272 C "C4'" . DT  A 14 ? 0.94477 1.53343 1.36789 -0.07091 0.23855  0.23007  14  DT  A "C4'" 
273 O "O4'" . DT  A 14 ? 0.83332 1.49918 1.27361 -0.08503 0.28968  0.24381  14  DT  A "O4'" 
274 C "C3'" . DT  A 14 ? 0.99026 1.50758 1.36463 -0.10712 0.20757  0.25483  14  DT  A "C3'" 
275 O "O3'" . DT  A 14 ? 0.86662 1.35623 1.27930 -0.11535 0.16114  0.25549  14  DT  A "O3'" 
276 C "C2'" . DT  A 14 ? 1.00845 1.56970 1.39691 -0.14954 0.23480  0.29153  14  DT  A "C2'" 
277 C "C1'" . DT  A 14 ? 0.98075 1.63464 1.40488 -0.13367 0.28733  0.28053  14  DT  A "C1'" 
278 N N1    . DT  A 14 ? 1.06230 1.70350 1.40044 -0.13927 0.32336  0.28142  14  DT  A N1    
279 C C2    . DT  A 14 ? 1.12423 1.82725 1.48221 -0.14814 0.36557  0.27845  14  DT  A C2    
280 O O2    . DT  A 14 ? 1.20539 1.97808 1.65464 -0.15070 0.37585  0.27403  14  DT  A O2    
281 N N3    . DT  A 14 ? 1.26903 1.95044 1.53605 -0.15436 0.39477  0.28063  14  DT  A N3    
282 C C4    . DT  A 14 ? 1.23674 1.84428 1.40036 -0.15125 0.38078  0.28529  14  DT  A C4    
283 O O4    . DT  A 14 ? 1.35246 1.94481 1.43637 -0.15733 0.40435  0.28816  14  DT  A O4    
284 C C5    . DT  A 14 ? 1.06759 1.61821 1.22409 -0.14063 0.33580  0.28673  14  DT  A C5    
285 C C7    . DT  A 14 ? 0.95161 1.42684 1.00963 -0.13545 0.31524  0.29023  14  DT  A C7    
286 C C6    . DT  A 14 ? 1.14721 1.71607 1.38823 -0.13594 0.31235  0.28483  14  DT  A C6    
287 P P     . DT  A 15 ? 1.28765 1.69732 1.65391 -0.09019 0.12312  0.23113  15  DT  A P     
288 O OP1   . DT  A 15 ? 1.05697 1.49416 1.48669 -0.07506 0.09942  0.22094  15  DT  A OP1   
289 O OP2   . DT  A 15 ? 1.23362 1.60951 1.52933 -0.06387 0.14193  0.21216  15  DT  A OP2   
290 O "O5'" . DT  A 15 ? 1.24780 1.58779 1.58046 -0.12146 0.08866  0.24578  15  DT  A "O5'" 
291 C "C5'" . DT  A 15 ? 1.10041 1.37919 1.40771 -0.11277 0.05104  0.22967  15  DT  A "C5'" 
292 C "C4'" . DT  A 15 ? 1.05473 1.31246 1.38695 -0.14551 0.01632  0.24115  15  DT  A "C4'" 
293 O "O4'" . DT  A 15 ? 1.29093 1.62219 1.70754 -0.16186 0.01440  0.25344  15  DT  A "O4'" 
294 C "C3'" . DT  A 15 ? 1.12889 1.34333 1.43413 -0.17625 0.01412  0.26122  15  DT  A "C3'" 
295 O "O3'" . DT  A 15 ? 1.21518 1.35019 1.47638 -0.17583 -0.01790 0.24710  15  DT  A "O3'" 
296 C "C2'" . DT  A 15 ? 1.14661 1.40913 1.52334 -0.21619 0.01076  0.28641  15  DT  A "C2'" 
297 C "C1'" . DT  A 15 ? 1.17865 1.49770 1.61810 -0.20479 -0.00390 0.27309  15  DT  A "C1'" 
298 P P     . DG  A 16 ? 1.19189 1.27146 1.38144 -0.14671 -0.01298 0.22904  16  DG  A P     
299 O OP1   . DG  A 16 ? 1.08078 1.19861 1.25709 -0.12784 0.02156  0.23122  16  DG  A OP1   
300 O OP2   . DG  A 16 ? 1.05854 1.06926 1.21845 -0.16011 -0.03189 0.23354  16  DG  A OP2   
301 O "O5'" . DG  A 16 ? 1.11240 1.17614 1.28784 -0.12442 -0.03055 0.20037  16  DG  A "O5'" 
302 C "C5'" . DG  A 16 ? 0.89600 0.91561 1.01867 -0.10222 -0.02993 0.18035  16  DG  A "C5'" 
303 C "C4'" . DG  A 16 ? 0.81224 0.83529 0.92555 -0.08387 -0.03597 0.16212  16  DG  A "C4'" 
304 O "O4'" . DG  A 16 ? 0.80045 0.78544 0.86575 -0.06690 -0.03122 0.14388  16  DG  A "O4'" 
305 C "C3'" . DG  A 16 ? 0.74035 0.81395 0.88052 -0.06766 -0.01793 0.16495  16  DG  A "C3'" 
306 O "O3'" . DG  A 16 ? 0.70391 0.78531 0.85894 -0.06245 -0.03768 0.16065  16  DG  A "O3'" 
307 C "C2'" . DG  A 16 ? 0.72127 0.77569 0.82041 -0.04692 0.00078  0.15176  16  DG  A "C2'" 
308 C "C1'" . DG  A 16 ? 0.77621 0.78034 0.83630 -0.04792 -0.01550 0.13804  16  DG  A "C1'" 
309 N N9    . DG  A 16 ? 0.72297 0.70517 0.74926 -0.03630 -0.00292 0.12614  16  DG  A N9    
310 C C8    . DG  A 16 ? 0.70889 0.67589 0.72305 -0.03756 0.00027  0.12736  16  DG  A C8    
311 N N7    . DG  A 16 ? 0.62788 0.58549 0.62112 -0.02524 0.00820  0.11420  16  DG  A N7    
312 C C5    . DG  A 16 ? 0.62158 0.58369 0.60942 -0.01878 0.01303  0.10494  16  DG  A C5    
313 C C6    . DG  A 16 ? 0.73411 0.68990 0.70539 -0.01077 0.02229  0.09155  16  DG  A C6    
314 O O6    . DG  A 16 ? 0.62292 0.57655 0.58699 -0.00677 0.02782  0.08230  16  DG  A O6    
315 N N1    . DG  A 16 ? 0.73197 0.68458 0.69960 -0.00898 0.02214  0.09145  16  DG  A N1    
316 C C2    . DG  A 16 ? 0.71073 0.67027 0.69248 -0.01031 0.01100  0.10188  16  DG  A C2    
317 N N2    . DG  A 16 ? 0.64994 0.59965 0.62464 -0.00523 0.00742  0.10378  16  DG  A N2    
318 N N3    . DG  A 16 ? 0.64543 0.62067 0.65043 -0.01755 0.00155  0.11188  16  DG  A N3    
319 C C4    . DG  A 16 ? 0.60187 0.57550 0.60705 -0.02342 0.00476  0.11312  16  DG  A C4    
320 P P     . DG  A 17 ? 0.74463 0.87084 0.93675 -0.04035 -0.02802 0.16206  17  DG  A P     
321 O OP1   . DG  A 17 ? 0.77218 0.90782 0.98945 -0.04250 -0.06093 0.16586  17  DG  A OP1   
322 O OP2   . DG  A 17 ? 0.92969 1.10678 1.15912 -0.03954 0.00173  0.17036  17  DG  A OP2   
323 O "O5'" . DG  A 17 ? 0.82730 0.91606 0.96995 -0.01842 -0.01624 0.14729  17  DG  A "O5'" 
324 C "C5'" . DG  A 17 ? 0.77801 0.82831 0.88570 -0.01420 -0.03563 0.14175  17  DG  A "C5'" 
325 C "C4'" . DG  A 17 ? 0.90549 0.94984 1.01154 0.00890  -0.02899 0.13878  17  DG  A "C4'" 
326 O "O4'" . DG  A 17 ? 0.87942 0.89199 0.94387 0.01279  -0.00947 0.12672  17  DG  A "O4'" 
327 C "C3'" . DG  A 17 ? 0.74653 0.83646 0.90736 0.02768  -0.01442 0.14015  17  DG  A "C3'" 
328 O "O3'" . DG  A 17 ? 0.82052 0.89433 0.98664 0.04920  -0.02513 0.14052  17  DG  A "O3'" 
329 C "C2'" . DG  A 17 ? 0.71654 0.80417 0.85621 0.03073  0.01721  0.12814  17  DG  A "C2'" 
330 C "C1'" . DG  A 17 ? 0.82893 0.86163 0.91211 0.02714  0.01360  0.11978  17  DG  A "C1'" 
331 N N9    . DG  A 17 ? 0.67952 0.70258 0.73343 0.01929  0.02942  0.11095  17  DG  A N9    
332 C C8    . DG  A 17 ? 0.68670 0.72602 0.74201 0.00718  0.03482  0.11594  17  DG  A C8    
333 N N7    . DG  A 17 ? 0.67646 0.70015 0.70248 0.00519  0.04278  0.10801  17  DG  A N7    
334 C C5    . DG  A 17 ? 0.74980 0.74952 0.75775 0.01311  0.04449  0.09531  17  DG  A C5    
335 C C6    . DG  A 17 ? 0.75787 0.74046 0.74155 0.01225  0.04999  0.08242  17  DG  A C6    
336 O O6    . DG  A 17 ? 0.60873 0.59541 0.58149 0.00833  0.05175  0.07927  17  DG  A O6    
337 N N1    . DG  A 17 ? 0.71056 0.66933 0.68627 0.01534  0.05018  0.07504  17  DG  A N1    
338 C C2    . DG  A 17 ? 0.82254 0.76869 0.80685 0.02184  0.04342  0.08191  17  DG  A C2    
339 N N2    . DG  A 17 ? 0.71826 0.63177 0.68907 0.02148  0.04300  0.07827  17  DG  A N2    
340 N N3    . DG  A 17 ? 0.77158 0.73589 0.77949 0.02704  0.03475  0.09369  17  DG  A N3    
341 C C4    . DG  A 17 ? 0.60757 0.60139 0.62864 0.02086  0.03696  0.09854  17  DG  A C4    
342 P P     . DG  A 18 ? 0.86702 0.98566 1.10157 0.07760  -0.02021 0.14028  18  DG  A P     
343 O OP1   . DG  A 18 ? 0.78233 0.89559 1.03810 0.08777  -0.05720 0.15446  18  DG  A OP1   
344 O OP2   . DG  A 18 ? 0.77055 0.95354 1.05118 0.07136  0.00274  0.13964  18  DG  A OP2   
345 O "O5'" . DG  A 18 ? 0.77316 0.85586 0.98282 0.09879  0.00192  0.12271  18  DG  A "O5'" 
346 C "C5'" . DG  A 18 ? 0.75279 0.76936 0.90863 0.09589  -0.00815 0.12253  18  DG  A "C5'" 
347 C "C4'" . DG  A 18 ? 0.82847 0.81755 0.96233 0.10531  0.01614  0.10177  18  DG  A "C4'" 
348 O "O4'" . DG  A 18 ? 0.84299 0.83060 0.93871 0.08349  0.03193  0.09370  18  DG  A "O4'" 
349 C "C3'" . DG  A 18 ? 0.74022 0.76527 0.91689 0.13200  0.03847  0.08383  18  DG  A "C3'" 
350 O "O3'" . DG  A 18 ? 0.79805 0.78492 0.98871 0.15971  0.03007  0.07705  18  DG  A "O3'" 
351 C "C2'" . DG  A 18 ? 0.74385 0.76864 0.88234 0.12112  0.06558  0.06434  18  DG  A "C2'" 
352 C "C1'" . DG  A 18 ? 0.71711 0.70154 0.80517 0.09370  0.05384  0.07201  18  DG  A "C1'" 
353 N N9    . DG  A 18 ? 0.77036 0.77109 0.83185 0.07524  0.06664  0.06762  18  DG  A N9    
354 C C8    . DG  A 18 ? 0.67723 0.72007 0.74997 0.06455  0.07242  0.07794  18  DG  A C8    
355 N N7    . DG  A 18 ? 0.71461 0.75476 0.75575 0.05072  0.07851  0.07507  18  DG  A N7    
356 C C5    . DG  A 18 ? 0.69630 0.69818 0.70869 0.05138  0.07674  0.05976  18  DG  A C5    
357 C C6    . DG  A 18 ? 0.71843 0.70799 0.69931 0.04053  0.07736  0.05027  18  DG  A C6    
358 O O6    . DG  A 18 ? 0.66584 0.67126 0.63357 0.03155  0.07789  0.05512  18  DG  A O6    
359 N N1    . DG  A 18 ? 0.75294 0.70724 0.72124 0.03991  0.07390  0.03587  18  DG  A N1    
360 C C2    . DG  A 18 ? 0.84340 0.76733 0.82166 0.04874  0.07015  0.03393  18  DG  A C2    
361 N N2    . DG  A 18 ? 0.91984 0.80567 0.88386 0.04111  0.06672  0.02246  18  DG  A N2    
362 N N3    . DG  A 18 ? 0.78218 0.71219 0.78644 0.06317  0.06701  0.04447  18  DG  A N3    
363 C C4    . DG  A 18 ? 0.80290 0.77736 0.82586 0.06376  0.07069  0.05568  18  DG  A C4    
364 P P     . DG  A 19 ? 0.94397 0.93889 1.16121 0.19315  0.05520  0.04631  19  DG  A P     
365 O OP1   . DG  A 19 ? 0.97882 0.94025 1.23202 0.22589  0.03464  0.04870  19  DG  A OP1   
366 O OP2   . DG  A 19 ? 0.91328 0.98809 1.16239 0.19567  0.08384  0.03798  19  DG  A OP2   
367 O "O5'" . DG  A 19 ? 0.85348 0.79143 1.00746 0.17914  0.06655  0.02521  19  DG  A "O5'" 
368 C "C5'" . DG  A 19 ? 1.02790 0.89351 1.14546 0.16497  0.04640  0.03433  19  DG  A "C5'" 
369 C "C4'" . DG  A 19 ? 1.03773 0.86161 1.11503 0.15547  0.05845  0.00768  19  DG  A "C4'" 
370 O "O4'" . DG  A 19 ? 1.02809 0.88258 1.07370 0.12744  0.06944  0.00614  19  DG  A "O4'" 
371 C "C3'" . DG  A 19 ? 1.00479 0.82966 1.09429 0.18516  0.07775  -0.02940 19  DG  A "C3'" 
372 O "O3'" . DG  A 19 ? 1.00388 0.75390 1.06698 0.18334  0.07099  -0.04949 19  DG  A "O3'" 
373 C "C2'" . DG  A 19 ? 0.93883 0.82117 1.00633 0.17250  0.10171  -0.04219 19  DG  A "C2'" 
374 C "C1'" . DG  A 19 ? 0.95095 0.81967 0.98164 0.13445  0.08933  -0.02449 19  DG  A "C1'" 
375 N N9    . DG  A 19 ? 0.95400 0.87639 0.97025 0.11782  0.10031  -0.01756 19  DG  A N9    
376 C C8    . DG  A 19 ? 0.87650 0.85711 0.91813 0.12012  0.10929  -0.00117 19  DG  A C8    
377 N N7    . DG  A 19 ? 0.88863 0.89675 0.90614 0.10113  0.11542  0.00543  19  DG  A N7    
378 C C5    . DG  A 19 ? 0.79111 0.76363 0.76841 0.08836  0.10871  -0.00879 19  DG  A C5    
379 C C6    . DG  A 19 ? 0.78988 0.77118 0.73322 0.06971  0.10617  -0.00826 19  DG  A C6    
380 O O6    . DG  A 19 ? 0.72086 0.73502 0.65680 0.06085  0.10976  0.00724  19  DG  A O6    
381 N N1    . DG  A 19 ? 0.85716 0.80243 0.77758 0.06048  0.09538  -0.02616 19  DG  A N1    
382 C C2    . DG  A 19 ? 0.97121 0.87030 0.89718 0.06455  0.08954  -0.04120 19  DG  A C2    
383 N N2    . DG  A 19 ? 0.95886 0.83044 0.86652 0.04812  0.07844  -0.05652 19  DG  A N2    
384 N N3    . DG  A 19 ? 0.93222 0.81225 0.88391 0.08272  0.09147  -0.03954 19  DG  A N3    
385 C C4    . DG  A 19 ? 0.87849 0.80043 0.85624 0.09574  0.10044  -0.02365 19  DG  A C4    
386 P P     . DT  A 20 ? 1.19609 0.89041 1.28726 0.22270  0.06527  -0.07016 20  DT  A P     
387 O OP1   . DT  A 20 ? 1.09801 0.85275 1.22550 0.26025  0.09036  -0.09543 20  DT  A OP1   
388 O OP2   . DT  A 20 ? 1.36276 0.97568 1.41677 0.20765  0.05750  -0.09178 20  DT  A OP2   
389 O "O5'" . DT  A 20 ? 1.22235 0.89239 1.34363 0.22990  0.03623  -0.02873 20  DT  A "O5'" 
390 C "C5'" . DT  A 20 ? 1.18427 0.80112 1.27136 0.19610  0.01455  0.00264  20  DT  A "C5'" 
391 C "C4'" . DT  A 20 ? 1.29240 0.87402 1.40154 0.21252  -0.01530 0.03732  20  DT  A "C4'" 
392 O "O4'" . DT  A 20 ? 1.41302 0.93566 1.55202 0.25202  -0.02446 0.01977  20  DT  A "O4'" 
393 C "C3'" . DT  A 20 ? 1.26529 0.92172 1.41549 0.22858  -0.02290 0.05810  20  DT  A "C3'" 
394 O "O3'" . DT  A 20 ? 1.29378 0.92057 1.42825 0.21671  -0.05494 0.10059  20  DT  A "O3'" 
395 C "C2'" . DT  A 20 ? 1.35410 1.02628 1.56923 0.28133  -0.01972 0.03548  20  DT  A "C2'" 
396 C "C1'" . DT  A 20 ? 1.32522 0.89099 1.52602 0.29462  -0.03397 0.02671  20  DT  A "C1'" 
397 P P     . DT  A 21 ? 1.32128 0.95843 1.39879 0.16869  -0.05672 0.12605  21  DT  A P     
398 O OP1   . DT  A 21 ? 1.36641 0.93596 1.40706 0.15687  -0.08596 0.16369  21  DT  A OP1   
399 O OP2   . DT  A 21 ? 1.31510 0.96275 1.36318 0.14149  -0.02753 0.10162  21  DT  A OP2   
400 O "O5'" . DT  A 21 ? 1.28765 1.01133 1.39576 0.17192  -0.06032 0.13420  21  DT  A "O5'" 
401 C "C5'" . DT  A 21 ? 1.08682 0.87617 1.20330 0.16110  -0.03285 0.11355  21  DT  A "C5'" 
402 C "C4'" . DT  A 21 ? 1.08158 0.89810 1.16665 0.12883  -0.03803 0.13043  21  DT  A "C4'" 
403 O "O4'" . DT  A 21 ? 1.03402 0.87427 1.09888 0.10862  -0.01076 0.11153  21  DT  A "O4'" 
404 C "C3'" . DT  A 21 ? 1.09900 0.86119 1.12517 0.10425  -0.05501 0.15434  21  DT  A "C3'" 
405 O "O3'" . DT  A 21 ? 1.11647 0.90981 1.12320 0.08502  -0.06483 0.16641  21  DT  A "O3'" 
406 C "C2'" . DT  A 21 ? 1.04952 0.78573 1.04135 0.08270  -0.02973 0.13772  21  DT  A "C2'" 
407 C "C1'" . DT  A 21 ? 1.08444 0.88263 1.09661 0.08135  -0.00809 0.11547  21  DT  A "C1'" 
408 N N1    . DT  A 21 ? 1.05856 0.85007 1.06296 0.07641  0.01418  0.08986  21  DT  A N1    
409 C C2    . DT  A 21 ? 1.04807 0.87863 1.04473 0.06244  0.02965  0.07811  21  DT  A C2    
410 O O2    . DT  A 21 ? 0.98991 0.85472 0.98708 0.05396  0.02769  0.08713  21  DT  A O2    
411 N N3    . DT  A 21 ? 0.93454 0.75774 0.92174 0.05863  0.04351  0.05525  21  DT  A N3    
412 C C4    . DT  A 21 ? 1.12108 0.89971 1.10542 0.06497  0.04417  0.03945  21  DT  A C4    
413 O O4    . DT  A 21 ? 1.13505 0.91002 1.10784 0.05836  0.05280  0.01643  21  DT  A O4    
414 C C5    . DT  A 21 ? 1.03654 0.76829 1.03128 0.07991  0.02944  0.05201  21  DT  A C5    
415 C C7    . DT  A 21 ? 1.15683 0.82513 1.15043 0.08817  0.02627  0.03574  21  DT  A C7    
416 C C6    . DT  A 21 ? 0.98590 0.72783 0.99024 0.08599  0.01469  0.07821  21  DT  A C6    
417 P P     . DG  A 22 ? 1.16968 0.92132 1.10797 0.05993  -0.08168 0.19084  22  DG  A P     
418 O OP1   . DG  A 22 ? 1.03985 0.82909 0.97510 0.05257  -0.10045 0.19720  22  DG  A OP1   
419 O OP2   . DG  A 22 ? 1.19094 0.88047 1.11415 0.06970  -0.10090 0.21304  22  DG  A OP2   
420 O "O5'" . DG  A 22 ? 0.97849 0.72050 0.87570 0.03168  -0.05036 0.17667  22  DG  A "O5'" 
421 C "C5'" . DG  A 22 ? 0.92684 0.71310 0.82666 0.02027  -0.03371 0.15855  22  DG  A "C5'" 
422 C "C4'" . DG  A 22 ? 0.92011 0.69583 0.79056 -0.00130 -0.00826 0.14727  22  DG  A "C4'" 
423 O "O4'" . DG  A 22 ? 0.87452 0.68910 0.74838 -0.00853 0.00354  0.13105  22  DG  A "O4'" 
424 C "C3'" . DG  A 22 ? 0.92890 0.69155 0.82014 0.00180  0.00756  0.13272  22  DG  A "C3'" 
425 O "O3'" . DG  A 22 ? 0.94817 0.67482 0.80853 -0.02073 0.01706  0.13934  22  DG  A "O3'" 
426 C "C2'" . DG  A 22 ? 0.84788 0.65561 0.75929 0.00143  0.02357  0.11006  22  DG  A "C2'" 
427 C "C1'" . DG  A 22 ? 0.70337 0.52753 0.59017 -0.01282 0.02439  0.11346  22  DG  A "C1'" 
428 N N9    . DG  A 22 ? 0.76224 0.62453 0.66731 -0.01015 0.02991  0.09983  22  DG  A N9    
429 C C8    . DG  A 22 ? 0.67312 0.55900 0.59620 -0.00259 0.01924  0.10256  22  DG  A C8    
430 N N7    . DG  A 22 ? 0.73748 0.64590 0.67091 -0.00445 0.02614  0.09282  22  DG  A N7    
431 C C5    . DG  A 22 ? 0.74972 0.65447 0.67461 -0.01028 0.04028  0.08130  22  DG  A C5    
432 C C6    . DG  A 22 ? 0.80929 0.73206 0.74229 -0.01151 0.04751  0.06961  22  DG  A C6    
433 O O6    . DG  A 22 ? 0.55691 0.49429 0.49998 -0.00799 0.04338  0.06944  22  DG  A O6    
434 N N1    . DG  A 22 ? 0.68889 0.61046 0.62043 -0.01886 0.05783  0.05992  22  DG  A N1    
435 C C2    . DG  A 22 ? 0.78407 0.68419 0.70466 -0.02845 0.06312  0.06303  22  DG  A C2    
436 N N2    . DG  A 22 ? 0.65856 0.56535 0.58736 -0.04037 0.07299  0.05341  22  DG  A N2    
437 N N3    . DG  A 22 ? 0.78434 0.65765 0.69032 -0.02754 0.05644  0.07694  22  DG  A N3    
438 C C4    . DG  A 22 ? 0.77555 0.65510 0.68570 -0.01614 0.04405  0.08463  22  DG  A C4    
439 P P     . DG  A 23 ? 1.09543 0.78232 0.96913 -0.02289 0.02209  0.13164  23  DG  A P     
440 O OP1   . DG  A 23 ? 1.35638 0.98239 1.20029 -0.03397 0.01105  0.15965  23  DG  A OP1   
441 O OP2   . DG  A 23 ? 1.19901 0.89950 1.11127 0.00503  0.01961  0.11115  23  DG  A OP2   
442 O "O5'" . DG  A 23 ? 1.30262 1.01283 1.17704 -0.04808 0.04404  0.11409  23  DG  A "O5'" 
443 C "C5'" . DG  A 23 ? 1.06549 0.82259 0.96485 -0.04022 0.05176  0.08903  23  DG  A "C5'" 
444 C "C4'" . DG  A 23 ? 1.21697 0.97652 1.12866 -0.05865 0.06134  0.07120  23  DG  A "C4'" 
445 O "O4'" . DG  A 23 ? 1.07534 0.88797 1.00210 -0.05641 0.06720  0.05449  23  DG  A "O4'" 
446 C "C3'" . DG  A 23 ? 1.04472 0.77317 0.96900 -0.04980 0.05452  0.05349  23  DG  A "C3'" 
447 O "O3'" . DG  A 23 ? 1.05582 0.77176 0.98720 -0.07672 0.05769  0.04236  23  DG  A "O3'" 
448 C "C2'" . DG  A 23 ? 1.03767 0.80961 0.97360 -0.02802 0.05529  0.03414  23  DG  A "C2'" 
449 C "C1'" . DG  A 23 ? 0.99719 0.81817 0.93546 -0.03933 0.06181  0.03593  23  DG  A "C1'" 
450 N N9    . DG  A 23 ? 0.85488 0.71052 0.79545 -0.02154 0.06095  0.03848  23  DG  A N9    
451 C C8    . DG  A 23 ? 0.92201 0.77693 0.86333 -0.00501 0.05662  0.05052  23  DG  A C8    
452 N N7    . DG  A 23 ? 0.79607 0.68544 0.74368 0.00236  0.05682  0.05186  23  DG  A N7    
453 C C5    . DG  A 23 ? 0.76722 0.67648 0.71431 -0.00617 0.05986  0.04116  23  DG  A C5    
454 C C6    . DG  A 23 ? 0.70221 0.64126 0.65244 -0.00319 0.05823  0.04124  23  DG  A C6    
455 O O6    . DG  A 23 ? 0.73901 0.69171 0.69234 0.00341  0.05625  0.05132  23  DG  A O6    
456 N N1    . DG  A 23 ? 0.72164 0.67375 0.67531 -0.01043 0.05633  0.03032  23  DG  A N1    
457 C C2    . DG  A 23 ? 0.83340 0.77804 0.79259 -0.02310 0.05748  0.01914  23  DG  A C2    
458 N N2    . DG  A 23 ? 0.68219 0.65170 0.65516 -0.02865 0.05171  0.00931  23  DG  A N2    
459 N N3    . DG  A 23 ? 0.68249 0.59644 0.63776 -0.03103 0.06140  0.01964  23  DG  A N3    
460 C C4    . DG  A 23 ? 0.70744 0.60182 0.65396 -0.02008 0.06178  0.03159  23  DG  A C4    
461 P P     . DG  A 24 ? 1.31491 0.99040 1.25378 -0.07454 0.04826  0.01626  24  DG  A P     
462 O OP1   . DG  A 24 ? 1.34411 0.98483 1.28802 -0.11134 0.04774  0.02035  24  DG  A OP1   
463 O OP2   . DG  A 24 ? 1.35219 0.99329 1.28712 -0.04123 0.04124  0.01373  24  DG  A OP2   
464 O "O5'" . DG  A 24 ? 1.18970 0.91855 1.13702 -0.06903 0.04800  -0.01225 24  DG  A "O5'" 
465 C "C5'" . DG  A 24 ? 1.04560 0.81493 1.00915 -0.09392 0.04918  -0.01759 24  DG  A "C5'" 
466 C "C4'" . DG  A 24 ? 1.03014 0.83949 0.99403 -0.08330 0.04089  -0.04172 24  DG  A "C4'" 
467 O "O4'" . DG  A 24 ? 1.02979 0.87765 0.98624 -0.06007 0.04609  -0.03151 24  DG  A "O4'" 
468 C "C3'" . DG  A 24 ? 1.09268 0.86888 1.03695 -0.07080 0.03146  -0.07025 24  DG  A "C3'" 
469 O "O3'" . DG  A 24 ? 1.00379 0.80228 0.94998 -0.08536 0.01699  -0.09368 24  DG  A "O3'" 
470 C "C2'" . DG  A 24 ? 1.01037 0.80771 0.93677 -0.03746 0.03947  -0.06769 24  DG  A "C2'" 
471 C "C1'" . DG  A 24 ? 0.96469 0.81686 0.90159 -0.04031 0.04201  -0.04852 24  DG  A "C1'" 
472 N N9    . DG  A 24 ? 0.93097 0.80327 0.86183 -0.01862 0.05073  -0.03246 24  DG  A N9    
473 C C8    . DG  A 24 ? 0.86660 0.72058 0.79975 -0.00373 0.05773  -0.01974 24  DG  A C8    
474 N N7    . DG  A 24 ? 0.90875 0.79353 0.84338 0.00921  0.06256  -0.00683 24  DG  A N7    
475 C C5    . DG  A 24 ? 0.82620 0.74390 0.75401 0.00339  0.05907  -0.00917 24  DG  A C5    
476 C C6    . DG  A 24 ? 0.70316 0.65334 0.62804 0.00918  0.06007  0.00394  24  DG  A C6    
477 O O6    . DG  A 24 ? 0.81972 0.78114 0.75106 0.01748  0.06590  0.01889  24  DG  A O6    
478 N N1    . DG  A 24 ? 0.68626 0.65559 0.60331 0.00272  0.05006  0.00019  24  DG  A N1    
479 C C2    . DG  A 24 ? 0.80746 0.77476 0.72593 -0.00851 0.03928  -0.01644 24  DG  A C2    
480 N N2    . DG  A 24 ? 0.73368 0.72602 0.64968 -0.01064 0.02475  -0.01626 24  DG  A N2    
481 N N3    . DG  A 24 ? 0.85294 0.79415 0.77812 -0.01834 0.03954  -0.03048 24  DG  A N3    
482 C C4    . DG  A 24 ? 0.80776 0.72085 0.73434 -0.01147 0.05034  -0.02495 24  DG  A C4    
483 P P     . DG  A 25 ? 1.17675 0.93348 1.09891 -0.08591 0.00245  -0.13202 25  DG  A P     
484 O OP1   . DG  A 25 ? 1.20211 0.94309 1.14923 -0.12383 -0.01318 -0.14286 25  DG  A OP1   
485 O OP2   . DG  A 25 ? 1.25688 0.96272 1.15983 -0.05917 0.01283  -0.13804 25  DG  A OP2   
486 O "O5'" . DG  A 25 ? 1.09264 0.89803 0.98671 -0.07250 -0.00646 -0.14746 25  DG  A "O5'" 
487 C "C5'" . DG  A 25 ? 0.99754 0.86183 0.91106 -0.08341 -0.01728 -0.13558 25  DG  A "C5'" 
488 C "C4'" . DG  A 25 ? 1.09292 0.99041 0.96725 -0.06496 -0.02496 -0.14090 25  DG  A "C4'" 
489 O "O4'" . DG  A 25 ? 1.03045 0.94822 0.90009 -0.04314 -0.00574 -0.11338 25  DG  A "O4'" 
490 C "C3'" . DG  A 25 ? 1.10789 0.97485 0.92645 -0.05358 -0.02759 -0.17388 25  DG  A "C3'" 
491 O "O3'" . DG  A 25 ? 1.20791 1.10452 0.99221 -0.05713 -0.05102 -0.18612 25  DG  A "O3'" 
492 C "C2'" . DG  A 25 ? 1.05765 0.92473 0.85643 -0.02428 0.00092  -0.16054 25  DG  A "C2'" 
493 C "C1'" . DG  A 25 ? 1.03743 0.95081 0.85937 -0.02295 0.00354  -0.12306 25  DG  A "C1'" 
494 N N9    . DG  A 25 ? 1.07113 0.98826 0.90188 -0.00506 0.02757  -0.10017 25  DG  A N9    
495 C C8    . DG  A 25 ? 0.99838 0.88526 0.84766 0.00399  0.04274  -0.09834 25  DG  A C8    
496 N N7    . DG  A 25 ? 0.90903 0.81447 0.76823 0.01822  0.05781  -0.07598 25  DG  A N7    
497 C C5    . DG  A 25 ? 0.90944 0.85397 0.75401 0.01654  0.05462  -0.06152 25  DG  A C5    
498 C C6    . DG  A 25 ? 0.94176 0.91508 0.79032 0.02347  0.06455  -0.03514 25  DG  A C6    
499 O O6    . DG  A 25 ? 0.84351 0.82114 0.71351 0.03219  0.07772  -0.02115 25  DG  A O6    
500 N N1    . DG  A 25 ? 0.89418 0.89115 0.72131 0.01782  0.05362  -0.02373 25  DG  A N1    
501 C C2    . DG  A 25 ? 0.92358 0.92266 0.72992 0.00937  0.03271  -0.03648 25  DG  A C2    
502 N N2    . DG  A 25 ? 0.85300 0.87267 0.64004 0.00781  0.01936  -0.01843 25  DG  A N2    
503 N N3    . DG  A 25 ? 1.01653 0.99676 0.82317 0.00156  0.02189  -0.06362 25  DG  A N3    
504 C C4    . DG  A 25 ? 0.94483 0.89563 0.77022 0.00445  0.03526  -0.07478 25  DG  A C4    
505 P P     . DT  A 26 ? 1.40560 1.27507 1.11873 -0.05137 -0.05969 -0.22793 26  DT  A P     
506 O OP1   . DT  A 26 ? 1.33071 1.22186 1.03067 -0.07183 -0.09967 -0.24296 26  DT  A OP1   
507 O OP2   . DT  A 26 ? 1.32029 1.12780 1.03500 -0.04732 -0.04567 -0.25472 26  DT  A OP2   
508 O "O5'" . DT  A 26 ? 1.19397 1.08857 0.85516 -0.02418 -0.03618 -0.21358 26  DT  A "O5'" 
509 C "C5'" . DT  A 26 ? 1.07409 1.01453 0.74512 -0.02056 -0.03637 -0.17315 26  DT  A "C5'" 
510 C "C4'" . DT  A 26 ? 1.09021 1.04583 0.71525 -0.00027 -0.00825 -0.15991 26  DT  A "C4'" 
511 O "O4'" . DT  A 26 ? 1.08235 1.04844 0.75499 0.00872  0.01577  -0.12770 26  DT  A "O4'" 
512 C "C3'" . DT  A 26 ? 1.21604 1.14691 0.79569 0.01514  0.01620  -0.19562 26  DT  A "C3'" 
513 O "O3'" . DT  A 26 ? 1.31700 1.24397 0.82118 0.01057  -0.00083 -0.22582 26  DT  A "O3'" 
514 C "C2'" . DT  A 26 ? 1.07920 1.04049 0.65544 0.03243  0.05219  -0.16797 26  DT  A "C2'" 
515 C "C1'" . DT  A 26 ? 1.07258 1.04762 0.71774 0.02630  0.04831  -0.12645 26  DT  A "C1'" 
516 N N1    . DT  A 26 ? 1.06483 1.02659 0.76338 0.03786  0.07021  -0.12236 26  DT  A N1    
517 C C2    . DT  A 26 ? 1.03716 1.02491 0.76733 0.04268  0.08578  -0.08782 26  DT  A C2    
518 O O2    . DT  A 26 ? 1.05408 1.07002 0.77206 0.03679  0.08441  -0.05996 26  DT  A O2    
519 N N3    . DT  A 26 ? 0.87096 0.84606 0.64747 0.05357  0.09900  -0.08596 26  DT  A N3    
520 C C4    . DT  A 26 ? 1.01400 0.94821 0.80691 0.06163  0.09859  -0.11123 26  DT  A C4    
521 O O4    . DT  A 26 ? 1.13667 1.05952 0.96958 0.07291  0.10620  -0.10313 26  DT  A O4    
522 C C5    . DT  A 26 ? 1.08751 0.98897 0.84653 0.05472  0.08407  -0.14674 26  DT  A C5    
523 C C7    . DT  A 26 ? 1.20803 1.05200 0.98140 0.05991  0.07999  -0.17506 26  DT  A C7    
524 C C6    . DT  A 26 ? 0.99960 0.91907 0.71397 0.04257  0.07040  -0.15225 26  DT  A C6    
525 K K     . K   B .  ? 0.60230 0.60406 0.59248 -0.03243 0.03882  0.03417  101 K   A K     
526 K K     . K   C .  ? 0.71466 0.68327 0.67291 -0.00003 0.04497  0.06346  102 K   A K     
527 K K     . K   D .  ? 0.73461 0.72760 0.67832 0.01267  0.05978  0.05510  103 K   A K     
528 K K     . K   E .  ? 1.00675 1.02309 0.91269 0.03070  0.08495  0.02922  104 K   A K     
529 O O     . HOH F .  ? 1.12461 0.89537 0.98268 -0.01102 0.03011  -0.14634 201 HOH A O     
530 O O     . HOH F .  ? 0.84602 1.11071 1.06159 -0.02635 0.10468  0.17403  202 HOH A O     
531 O O     . HOH F .  ? 0.78738 0.81965 0.62478 0.05236  0.11614  -0.01838 203 HOH A O     
532 O O     . HOH F .  ? 1.44435 1.27206 1.24895 0.03931  -0.18048 0.30069  204 HOH A O     
533 O O     . HOH F .  ? 1.18306 0.75348 1.24554 -0.29986 -0.04529 -0.14048 205 HOH A O     
534 O O     . HOH F .  ? 0.77710 0.98185 0.91694 0.01259  0.11214  0.13474  206 HOH A O     
535 O O     . HOH F .  ? 1.13493 0.72584 1.06694 -0.01711 0.03203  -0.06268 207 HOH A O     
536 O O     . HOH F .  ? 1.13787 1.23630 0.59768 0.00022  0.07383  0.06090  208 HOH A O     
537 O O     . HOH F .  ? 1.38252 0.82648 1.31924 0.07609  0.02588  -0.13710 209 HOH A O     
# 
